data_8GNG
#
_entry.id   8GNG
#
_cell.length_a   74.590
_cell.length_b   134.840
_cell.length_c   42.150
_cell.angle_alpha   97.720
_cell.angle_beta   91.440
_cell.angle_gamma   89.380
#
_symmetry.space_group_name_H-M   'P 1'
#
loop_
_entity.id
_entity.type
_entity.pdbx_description
1 polymer 'Adenosine receptor A2a'
2 polymer 'antibody fab fragment light chain'
3 polymer 'antibody fab fragment heavy chain'
4 non-polymer 8-[(~{E})-2-(3,4-dimethoxyphenyl)ethenyl]-1,3-diethyl-7-methyl-purine-2,6-dione
5 non-polymer '(2R)-2,3-dihydroxypropyl (9Z)-octadec-9-enoate'
6 non-polymer 'CHLORIDE ION'
7 non-polymer 'POTASSIUM ION'
8 water water
#
loop_
_entity_poly.entity_id
_entity_poly.type
_entity_poly.pdbx_seq_one_letter_code
_entity_poly.pdbx_strand_id
1 'polypeptide(L)'
;DYDDDDKMPIMGSSVYITVELAIAVLAILGNVLVCWAVWLNSNLQNVTNYFVVSLAAADILVGVLAIPFAITISTGFCAA
CHGCLFIACFVLVLAQSSIFSLLAIAIDRYIAIRIPLRYNGLVTGTRAAGIIAICWVLSFAIGLTPMLGWNNCGQPKEGK
QHSQGCGEGQVACLFEDVVPMNYMVYFNFFACVLVPLLLMLGVYLRIFLAARRQLKQMESQPLPGERARSTLQKEVHAAK
SLAIIAGLFALCWLPLHIINCFTFFCPDCSHAPLWLMYLAIVLSHTNSVVNPFIYAYRIREFRQTFRKIIRSHVLRQQEP
FKAHHHHHHHHHH
;
A,X
2 'polypeptide(L)'
;DIVMTQSPASLSASVGDTVTITCRASEFIYSSLTWYQQKQGGSPQLLVYAATNLADAVPSRFSGSGSGTQFSLKINRLQP
EDFGTYYCQHFYGSTWAFGGGTKLEIKRADAAPTVSIFPPSSEQLTSGGASVVCFLNNFYPKDINVKWKIDGSERQNGVL
NSWTDQDSKDSTYSMSSTLTLTKDEYERHNSYTCEATHKTSTSPIVKSFNRNEC
;
L,Y
3 'polypeptide(L)'
;EVQLQQSGAELVKPGSSVKISCKTSGDSFTAYNMNWVKQSHGKSLEWIGNINPYYGSTRYNQKFKGKATLTVDKSSSTAY
IQLNSLTSEDSAVYYCAREGNYYDGGSVRYFDYWGQGTTLTVSSAKTTAPSVYPLAPVCGDTSGSSVTLGCLVKGYFPEP
VTLTWNSGSLSSGVHTFPAVLQSDLYTLSSSVTVTSSTWPSQSITCNVAHPASSTKVDKKIEPRGP
;
H,Z
#
# COMPACT_ATOMS: atom_id res chain seq x y z
N PRO A 9 11.88 4.51 -43.28
CA PRO A 9 10.87 4.59 -42.20
C PRO A 9 10.30 6.01 -41.99
N ILE A 10 10.44 6.89 -43.01
CA ILE A 10 10.09 8.35 -42.98
C ILE A 10 8.56 8.53 -42.98
N MET A 11 7.83 7.61 -43.63
CA MET A 11 6.34 7.60 -43.77
C MET A 11 5.67 6.97 -42.52
N GLY A 12 5.89 5.66 -42.27
CA GLY A 12 5.26 4.89 -41.18
C GLY A 12 5.42 5.54 -39.82
N SER A 13 6.64 5.96 -39.47
CA SER A 13 6.97 6.71 -38.24
C SER A 13 6.01 7.88 -38.06
N SER A 14 5.68 8.56 -39.16
CA SER A 14 5.10 9.92 -39.15
C SER A 14 3.64 9.87 -38.68
N VAL A 15 2.85 8.91 -39.17
CA VAL A 15 1.42 8.77 -38.80
C VAL A 15 1.31 8.72 -37.27
N TYR A 16 2.23 7.98 -36.64
CA TYR A 16 2.34 7.82 -35.17
C TYR A 16 2.55 9.22 -34.55
N ILE A 17 3.65 9.87 -34.94
CA ILE A 17 4.14 11.18 -34.39
C ILE A 17 3.01 12.22 -34.37
N THR A 18 2.05 12.15 -35.29
CA THR A 18 0.92 13.11 -35.40
C THR A 18 -0.24 12.63 -34.51
N VAL A 19 -0.77 11.43 -34.78
CA VAL A 19 -1.92 10.80 -34.04
C VAL A 19 -1.62 10.97 -32.56
N GLU A 20 -0.36 10.92 -32.16
CA GLU A 20 0.07 11.12 -30.75
C GLU A 20 -0.20 12.56 -30.32
N LEU A 21 0.37 13.53 -31.04
CA LEU A 21 0.29 14.99 -30.72
C LEU A 21 -1.15 15.48 -30.87
N ALA A 22 -1.91 14.96 -31.84
CA ALA A 22 -3.37 15.15 -31.96
C ALA A 22 -4.01 14.87 -30.61
N ILE A 23 -3.79 13.65 -30.10
CA ILE A 23 -4.32 13.14 -28.79
C ILE A 23 -3.78 14.02 -27.65
N ALA A 24 -2.47 14.26 -27.64
CA ALA A 24 -1.78 15.11 -26.63
C ALA A 24 -2.51 16.44 -26.42
N VAL A 25 -3.06 17.05 -27.48
CA VAL A 25 -3.64 18.43 -27.45
C VAL A 25 -5.11 18.34 -27.00
N LEU A 26 -5.86 17.37 -27.52
CA LEU A 26 -7.21 16.98 -27.01
C LEU A 26 -7.18 16.82 -25.49
N ALA A 27 -6.18 16.10 -24.98
CA ALA A 27 -6.06 15.78 -23.55
C ALA A 27 -5.84 17.08 -22.76
N ILE A 28 -5.16 18.06 -23.33
CA ILE A 28 -4.87 19.34 -22.61
C ILE A 28 -6.16 20.16 -22.56
N LEU A 29 -6.91 20.19 -23.67
CA LEU A 29 -8.10 21.06 -23.87
C LEU A 29 -9.30 20.44 -23.15
N GLY A 30 -9.64 19.17 -23.46
CA GLY A 30 -10.72 18.41 -22.80
C GLY A 30 -10.65 18.48 -21.27
N ASN A 31 -9.46 18.28 -20.69
CA ASN A 31 -9.29 18.14 -19.22
C ASN A 31 -9.03 19.49 -18.54
N VAL A 32 -8.54 20.50 -19.25
CA VAL A 32 -8.46 21.90 -18.71
C VAL A 32 -9.90 22.40 -18.52
N LEU A 33 -10.79 22.01 -19.43
CA LEU A 33 -12.22 22.43 -19.46
C LEU A 33 -12.97 21.77 -18.30
N VAL A 34 -12.61 20.54 -17.96
CA VAL A 34 -13.11 19.87 -16.73
C VAL A 34 -12.69 20.75 -15.55
N CYS A 35 -11.39 20.84 -15.31
CA CYS A 35 -10.76 21.56 -14.18
C CYS A 35 -11.27 23.00 -14.07
N TRP A 36 -11.55 23.66 -15.19
CA TRP A 36 -12.13 25.03 -15.19
C TRP A 36 -13.55 24.95 -14.63
N ALA A 37 -14.39 24.09 -15.21
CA ALA A 37 -15.82 23.89 -14.87
C ALA A 37 -16.01 23.78 -13.35
N VAL A 38 -15.13 23.03 -12.69
CA VAL A 38 -15.16 22.79 -11.21
C VAL A 38 -14.77 24.08 -10.49
N TRP A 39 -13.75 24.78 -10.97
CA TRP A 39 -13.27 26.02 -10.32
C TRP A 39 -14.41 27.05 -10.29
N LEU A 40 -15.24 27.01 -11.34
CA LEU A 40 -16.31 28.00 -11.64
C LEU A 40 -17.57 27.71 -10.81
N ASN A 41 -18.25 26.59 -11.10
CA ASN A 41 -19.62 26.22 -10.63
C ASN A 41 -19.59 25.58 -9.24
N SER A 42 -20.15 26.24 -8.21
CA SER A 42 -20.26 25.69 -6.83
C SER A 42 -20.83 24.28 -6.92
N ASN A 43 -21.99 24.13 -7.55
CA ASN A 43 -22.67 22.82 -7.66
C ASN A 43 -21.66 21.72 -8.01
N LEU A 44 -20.49 22.04 -8.55
CA LEU A 44 -19.50 21.01 -8.97
C LEU A 44 -18.47 20.80 -7.87
N GLN A 45 -18.26 21.79 -7.01
CA GLN A 45 -17.32 21.70 -5.86
C GLN A 45 -17.92 20.77 -4.80
N ASN A 46 -17.75 19.45 -4.99
CA ASN A 46 -18.12 18.38 -4.02
C ASN A 46 -17.02 17.31 -4.03
N VAL A 47 -16.93 16.52 -2.96
CA VAL A 47 -15.82 15.54 -2.73
C VAL A 47 -15.62 14.69 -4.00
N THR A 48 -16.68 14.02 -4.46
CA THR A 48 -16.65 13.11 -5.64
C THR A 48 -15.82 13.75 -6.75
N ASN A 49 -15.98 15.07 -6.97
CA ASN A 49 -15.44 15.84 -8.12
C ASN A 49 -13.98 16.27 -7.87
N TYR A 50 -13.58 16.55 -6.64
CA TYR A 50 -12.16 16.84 -6.32
C TYR A 50 -11.31 15.67 -6.82
N PHE A 51 -11.86 14.45 -6.80
CA PHE A 51 -11.18 13.24 -7.32
C PHE A 51 -11.23 13.23 -8.85
N VAL A 52 -12.33 13.71 -9.45
CA VAL A 52 -12.48 13.85 -10.93
C VAL A 52 -11.50 14.91 -11.48
N VAL A 53 -11.11 15.89 -10.66
CA VAL A 53 -10.03 16.87 -10.96
C VAL A 53 -8.68 16.17 -10.89
N SER A 54 -8.31 15.62 -9.73
CA SER A 54 -7.05 14.86 -9.52
C SER A 54 -6.81 13.93 -10.71
N LEU A 55 -7.89 13.51 -11.38
CA LEU A 55 -7.88 12.63 -12.58
C LEU A 55 -7.62 13.47 -13.82
N ALA A 56 -8.37 14.55 -13.99
CA ALA A 56 -8.16 15.57 -15.04
C ALA A 56 -6.74 16.14 -14.91
N ALA A 57 -6.38 16.62 -13.72
CA ALA A 57 -5.00 17.07 -13.38
C ALA A 57 -3.95 16.15 -14.02
N ALA A 58 -4.15 14.82 -13.92
CA ALA A 58 -3.21 13.79 -14.42
C ALA A 58 -3.30 13.69 -15.95
N ASP A 59 -4.47 13.40 -16.49
CA ASP A 59 -4.70 13.21 -17.95
C ASP A 59 -4.21 14.49 -18.71
N ILE A 60 -4.21 15.68 -18.08
CA ILE A 60 -3.56 16.92 -18.61
C ILE A 60 -2.08 16.62 -18.87
N LEU A 61 -1.38 16.23 -17.82
CA LEU A 61 0.09 16.10 -17.82
C LEU A 61 0.53 14.96 -18.72
N VAL A 62 -0.39 14.11 -19.14
CA VAL A 62 -0.13 13.05 -20.17
C VAL A 62 0.15 13.77 -21.49
N GLY A 63 -0.74 14.70 -21.85
CA GLY A 63 -0.59 15.55 -23.04
C GLY A 63 0.65 16.44 -23.01
N VAL A 64 0.89 17.16 -21.90
CA VAL A 64 2.00 18.14 -21.76
C VAL A 64 3.35 17.40 -21.74
N LEU A 65 3.44 16.23 -21.08
CA LEU A 65 4.73 15.58 -20.71
C LEU A 65 4.82 14.13 -21.22
N ALA A 66 3.87 13.27 -20.88
CA ALA A 66 4.03 11.80 -21.04
C ALA A 66 4.19 11.44 -22.52
N ILE A 67 3.45 12.13 -23.39
CA ILE A 67 3.41 11.80 -24.84
C ILE A 67 4.69 12.29 -25.50
N PRO A 68 5.13 13.56 -25.31
CA PRO A 68 6.47 13.97 -25.73
C PRO A 68 7.55 12.94 -25.34
N PHE A 69 7.49 12.49 -24.08
CA PHE A 69 8.39 11.47 -23.48
C PHE A 69 8.29 10.18 -24.30
N ALA A 70 7.06 9.75 -24.54
CA ALA A 70 6.75 8.51 -25.28
C ALA A 70 7.28 8.59 -26.72
N ILE A 71 7.49 9.81 -27.25
CA ILE A 71 7.91 10.07 -28.66
C ILE A 71 9.44 10.13 -28.77
N THR A 72 10.13 10.77 -27.82
CA THR A 72 11.61 10.81 -27.79
C THR A 72 12.13 9.40 -27.41
N ILE A 73 11.45 8.70 -26.51
CA ILE A 73 11.76 7.28 -26.15
C ILE A 73 11.57 6.42 -27.41
N SER A 74 10.54 6.70 -28.20
CA SER A 74 10.20 5.95 -29.43
C SER A 74 11.45 5.82 -30.29
N THR A 75 12.23 6.89 -30.44
CA THR A 75 13.40 6.99 -31.35
C THR A 75 14.56 6.12 -30.85
N GLY A 76 14.79 6.04 -29.55
CA GLY A 76 15.97 5.36 -28.99
C GLY A 76 17.11 6.34 -28.83
N PHE A 77 16.79 7.52 -28.29
CA PHE A 77 17.74 8.62 -28.05
C PHE A 77 18.71 8.21 -26.94
N CYS A 78 19.85 8.89 -26.87
CA CYS A 78 20.91 8.61 -25.87
C CYS A 78 20.78 9.59 -24.70
N ALA A 79 21.05 9.05 -23.50
CA ALA A 79 20.95 9.69 -22.17
C ALA A 79 21.66 8.80 -21.13
N ALA A 80 22.02 9.36 -19.98
CA ALA A 80 22.43 8.59 -18.78
C ALA A 80 21.20 7.81 -18.27
N CYS A 81 21.40 6.60 -17.76
CA CYS A 81 20.32 5.61 -17.46
C CYS A 81 19.27 6.23 -16.51
N HIS A 82 19.69 6.96 -15.46
CA HIS A 82 18.80 7.46 -14.38
C HIS A 82 18.00 8.66 -14.91
N GLY A 83 18.65 9.64 -15.52
CA GLY A 83 17.97 10.73 -16.25
C GLY A 83 17.16 10.24 -17.44
N CYS A 84 17.30 8.98 -17.87
CA CYS A 84 16.53 8.35 -18.98
C CYS A 84 15.22 7.74 -18.48
N LEU A 85 15.30 6.96 -17.39
CA LEU A 85 14.18 6.21 -16.78
C LEU A 85 13.01 7.16 -16.49
N PHE A 86 13.31 8.38 -16.03
CA PHE A 86 12.31 9.42 -15.68
C PHE A 86 11.35 9.65 -16.85
N ILE A 87 11.89 9.80 -18.05
CA ILE A 87 11.09 9.95 -19.30
C ILE A 87 10.22 8.69 -19.48
N ALA A 88 10.85 7.52 -19.42
CA ALA A 88 10.20 6.19 -19.53
C ALA A 88 9.11 6.07 -18.44
N CYS A 89 9.40 6.49 -17.20
CA CYS A 89 8.67 6.08 -15.96
C CYS A 89 7.70 7.16 -15.45
N PHE A 90 7.62 8.33 -16.10
CA PHE A 90 6.75 9.43 -15.61
C PHE A 90 5.31 9.14 -16.01
N VAL A 91 5.09 8.36 -17.06
CA VAL A 91 3.71 7.98 -17.50
C VAL A 91 3.12 7.11 -16.39
N LEU A 92 3.97 6.35 -15.67
CA LEU A 92 3.59 5.30 -14.67
C LEU A 92 3.02 5.94 -13.40
N VAL A 93 3.66 7.02 -12.96
CA VAL A 93 3.21 7.80 -11.75
C VAL A 93 1.84 8.40 -12.09
N LEU A 94 1.59 8.84 -13.33
CA LEU A 94 0.29 9.43 -13.75
C LEU A 94 -0.79 8.33 -13.84
N ALA A 95 -0.48 7.20 -14.48
CA ALA A 95 -1.33 5.99 -14.57
C ALA A 95 -1.82 5.62 -13.18
N GLN A 96 -0.91 5.72 -12.20
CA GLN A 96 -1.14 5.36 -10.78
C GLN A 96 -2.17 6.33 -10.17
N SER A 97 -1.88 7.63 -10.19
CA SER A 97 -2.75 8.70 -9.62
C SER A 97 -4.06 8.80 -10.40
N SER A 98 -4.18 8.09 -11.52
CA SER A 98 -5.47 7.86 -12.22
C SER A 98 -6.26 6.82 -11.43
N ILE A 99 -5.64 5.68 -11.14
CA ILE A 99 -6.32 4.49 -10.52
C ILE A 99 -6.72 4.82 -9.08
N PHE A 100 -5.87 5.54 -8.35
CA PHE A 100 -6.16 6.04 -6.99
C PHE A 100 -7.42 6.92 -7.02
N SER A 101 -7.53 7.81 -8.00
CA SER A 101 -8.70 8.69 -8.14
C SER A 101 -9.91 7.84 -8.54
N LEU A 102 -9.78 7.02 -9.59
CA LEU A 102 -10.85 6.14 -10.11
C LEU A 102 -11.45 5.30 -8.98
N LEU A 103 -10.62 4.86 -8.04
CA LEU A 103 -11.01 3.99 -6.90
C LEU A 103 -11.68 4.83 -5.81
N ALA A 104 -11.04 5.92 -5.42
CA ALA A 104 -11.57 6.94 -4.48
C ALA A 104 -12.99 7.35 -4.88
N ILE A 105 -13.27 7.51 -6.18
CA ILE A 105 -14.64 7.80 -6.69
C ILE A 105 -15.54 6.61 -6.37
N ALA A 106 -15.13 5.40 -6.77
CA ALA A 106 -15.94 4.16 -6.66
C ALA A 106 -16.34 3.92 -5.20
N ILE A 107 -15.47 4.27 -4.25
CA ILE A 107 -15.72 4.04 -2.80
C ILE A 107 -16.61 5.18 -2.29
N ASP A 108 -16.29 6.42 -2.60
CA ASP A 108 -17.20 7.58 -2.37
C ASP A 108 -18.62 7.17 -2.80
N ARG A 109 -18.79 6.53 -3.96
CA ARG A 109 -20.12 6.16 -4.51
C ARG A 109 -20.70 4.96 -3.77
N TYR A 110 -19.88 3.99 -3.37
CA TYR A 110 -20.29 2.89 -2.45
C TYR A 110 -20.94 3.47 -1.20
N ILE A 111 -20.21 4.30 -0.45
CA ILE A 111 -20.66 4.92 0.83
C ILE A 111 -22.00 5.62 0.59
N ALA A 112 -22.00 6.56 -0.35
CA ALA A 112 -23.12 7.47 -0.67
C ALA A 112 -24.40 6.68 -0.90
N ILE A 113 -24.33 5.50 -1.53
CA ILE A 113 -25.50 4.70 -2.02
C ILE A 113 -25.77 3.49 -1.11
N ARG A 114 -24.75 2.81 -0.62
CA ARG A 114 -24.94 1.63 0.28
C ARG A 114 -25.25 2.16 1.69
N ILE A 115 -24.48 3.13 2.18
CA ILE A 115 -24.62 3.70 3.56
C ILE A 115 -24.89 5.19 3.47
N PRO A 116 -26.02 5.61 2.83
CA PRO A 116 -26.33 7.03 2.69
C PRO A 116 -26.25 7.79 4.01
N LEU A 117 -26.82 7.22 5.07
CA LEU A 117 -27.10 7.96 6.35
C LEU A 117 -25.78 8.37 7.05
N ARG A 118 -24.65 7.73 6.71
CA ARG A 118 -23.38 7.99 7.42
C ARG A 118 -22.43 8.77 6.49
N TYR A 119 -22.75 8.87 5.19
CA TYR A 119 -21.96 9.67 4.21
C TYR A 119 -21.57 11.02 4.81
N ASN A 120 -22.52 11.79 5.31
CA ASN A 120 -22.26 13.10 5.96
C ASN A 120 -21.10 13.00 6.97
N GLY A 121 -21.23 12.18 8.00
CA GLY A 121 -20.19 12.01 9.03
C GLY A 121 -18.83 11.62 8.45
N LEU A 122 -18.85 10.83 7.37
CA LEU A 122 -17.71 9.97 6.94
C LEU A 122 -16.84 10.71 5.92
N VAL A 123 -17.46 11.19 4.84
CA VAL A 123 -16.82 11.86 3.67
C VAL A 123 -16.88 13.38 3.88
N THR A 124 -15.76 14.06 3.74
CA THR A 124 -15.68 15.54 3.92
C THR A 124 -14.62 16.13 3.00
N GLY A 125 -14.65 17.45 2.88
CA GLY A 125 -13.67 18.22 2.09
C GLY A 125 -12.27 17.89 2.57
N THR A 126 -11.95 18.25 3.81
CA THR A 126 -10.58 18.18 4.36
C THR A 126 -9.98 16.80 4.04
N ARG A 127 -10.68 15.72 4.37
CA ARG A 127 -10.17 14.33 4.23
C ARG A 127 -9.83 14.02 2.78
N ALA A 128 -10.73 14.33 1.85
CA ALA A 128 -10.55 14.14 0.39
C ALA A 128 -9.22 14.73 -0.07
N ALA A 129 -8.95 15.97 0.34
CA ALA A 129 -7.75 16.75 -0.02
C ALA A 129 -6.51 16.00 0.45
N GLY A 130 -6.52 15.53 1.70
CA GLY A 130 -5.40 14.76 2.28
C GLY A 130 -5.16 13.46 1.53
N ILE A 131 -6.22 12.70 1.28
CA ILE A 131 -6.18 11.41 0.52
C ILE A 131 -5.48 11.68 -0.79
N ILE A 132 -5.95 12.72 -1.50
CA ILE A 132 -5.42 13.12 -2.84
C ILE A 132 -3.92 13.37 -2.70
N ALA A 133 -3.51 14.25 -1.77
CA ALA A 133 -2.08 14.54 -1.49
C ALA A 133 -1.30 13.22 -1.25
N ILE A 134 -1.78 12.35 -0.35
CA ILE A 134 -1.10 11.06 -0.02
C ILE A 134 -0.87 10.27 -1.31
N CYS A 135 -1.94 10.03 -2.07
CA CYS A 135 -1.92 9.22 -3.32
C CYS A 135 -0.87 9.73 -4.31
N TRP A 136 -0.84 11.06 -4.54
CA TRP A 136 0.18 11.69 -5.42
C TRP A 136 1.59 11.32 -4.96
N VAL A 137 1.83 11.31 -3.66
CA VAL A 137 3.16 10.90 -3.11
C VAL A 137 3.39 9.43 -3.48
N LEU A 138 2.48 8.53 -3.12
CA LEU A 138 2.63 7.10 -3.47
C LEU A 138 2.81 6.97 -4.97
N SER A 139 1.92 7.60 -5.72
CA SER A 139 1.97 7.63 -7.20
C SER A 139 3.41 7.86 -7.67
N PHE A 140 4.14 8.80 -7.05
CA PHE A 140 5.55 9.11 -7.38
C PHE A 140 6.45 7.94 -6.97
N ALA A 141 6.29 7.46 -5.74
CA ALA A 141 7.01 6.28 -5.22
C ALA A 141 6.85 5.11 -6.19
N ILE A 142 5.59 4.74 -6.48
CA ILE A 142 5.22 3.57 -7.31
C ILE A 142 5.63 3.82 -8.77
N GLY A 143 5.46 5.05 -9.23
CA GLY A 143 5.72 5.43 -10.62
C GLY A 143 7.18 5.24 -10.98
N LEU A 144 8.08 5.76 -10.14
CA LEU A 144 9.54 5.76 -10.43
C LEU A 144 10.31 5.14 -9.26
N THR A 145 9.92 3.90 -8.91
CA THR A 145 10.75 2.97 -8.10
C THR A 145 11.95 2.54 -8.96
N PRO A 146 11.80 2.27 -10.28
CA PRO A 146 12.96 1.93 -11.11
C PRO A 146 14.09 2.96 -10.97
N MET A 147 13.74 4.22 -10.68
CA MET A 147 14.72 5.31 -10.38
C MET A 147 15.38 5.00 -9.04
N LEU A 148 14.62 4.45 -8.10
CA LEU A 148 15.06 4.08 -6.72
C LEU A 148 16.18 3.03 -6.75
N GLY A 149 16.21 2.14 -7.73
CA GLY A 149 17.34 1.20 -7.90
C GLY A 149 16.95 -0.11 -8.53
N TRP A 150 15.66 -0.33 -8.76
CA TRP A 150 15.16 -1.54 -9.46
C TRP A 150 15.12 -1.25 -10.97
N ASN A 151 16.29 -1.03 -11.56
CA ASN A 151 16.43 -0.67 -13.00
C ASN A 151 17.40 -1.65 -13.69
N ASN A 152 17.66 -1.44 -14.97
CA ASN A 152 18.38 -2.39 -15.88
C ASN A 152 19.54 -1.68 -16.60
N CYS A 153 20.54 -1.17 -15.86
CA CYS A 153 21.77 -0.51 -16.44
C CYS A 153 22.97 -1.48 -16.39
N CYS A 166 27.32 4.68 -29.30
CA CYS A 166 26.60 5.98 -29.18
C CYS A 166 27.49 7.02 -28.47
N GLY A 167 27.58 6.95 -27.14
CA GLY A 167 28.46 7.77 -26.27
C GLY A 167 28.85 6.96 -25.03
N GLU A 168 30.01 7.25 -24.41
CA GLU A 168 30.67 6.30 -23.45
C GLU A 168 30.01 6.35 -22.06
N GLY A 169 29.38 7.49 -21.69
CA GLY A 169 28.65 7.63 -20.42
C GLY A 169 27.14 7.51 -20.57
N GLN A 170 26.65 7.36 -21.81
CA GLN A 170 25.20 7.40 -22.17
C GLN A 170 24.68 5.97 -22.33
N VAL A 171 23.44 5.83 -22.79
CA VAL A 171 22.66 4.56 -22.91
C VAL A 171 21.54 4.80 -23.93
N ALA A 172 21.35 3.95 -24.95
CA ALA A 172 20.25 4.09 -25.93
C ALA A 172 18.93 3.71 -25.25
N CYS A 173 18.05 4.69 -24.98
CA CYS A 173 16.79 4.51 -24.22
C CYS A 173 15.73 3.83 -25.07
N LEU A 174 15.36 2.61 -24.68
CA LEU A 174 14.15 1.91 -25.16
C LEU A 174 13.45 1.34 -23.92
N PHE A 175 12.18 1.66 -23.73
CA PHE A 175 11.44 1.32 -22.49
C PHE A 175 11.80 -0.08 -22.00
N GLU A 176 11.64 -1.08 -22.86
CA GLU A 176 11.72 -2.52 -22.50
C GLU A 176 13.15 -2.89 -22.12
N ASP A 177 14.09 -1.94 -22.10
CA ASP A 177 15.54 -2.24 -21.86
C ASP A 177 16.02 -1.60 -20.55
N VAL A 178 15.40 -0.51 -20.10
CA VAL A 178 15.86 0.26 -18.90
C VAL A 178 14.90 0.02 -17.74
N VAL A 179 13.62 -0.17 -18.06
CA VAL A 179 12.60 -0.59 -17.08
C VAL A 179 12.54 -2.12 -17.13
N PRO A 180 12.70 -2.81 -15.96
CA PRO A 180 12.69 -4.26 -15.91
C PRO A 180 11.28 -4.82 -16.10
N MET A 181 11.17 -5.96 -16.78
CA MET A 181 9.85 -6.54 -17.11
C MET A 181 9.19 -7.10 -15.84
N ASN A 182 9.95 -7.65 -14.89
CA ASN A 182 9.38 -8.24 -13.65
C ASN A 182 8.74 -7.12 -12.79
N TYR A 183 9.32 -5.92 -12.73
CA TYR A 183 8.69 -4.71 -12.11
C TYR A 183 7.40 -4.32 -12.83
N MET A 184 7.41 -4.49 -14.14
CA MET A 184 6.28 -4.06 -15.01
C MET A 184 5.07 -4.97 -14.78
N VAL A 185 5.31 -6.27 -14.59
CA VAL A 185 4.22 -7.29 -14.53
C VAL A 185 3.78 -7.48 -13.07
N TYR A 186 4.70 -7.68 -12.12
CA TYR A 186 4.36 -7.98 -10.71
C TYR A 186 3.96 -6.71 -9.96
N PHE A 187 4.89 -5.79 -9.79
CA PHE A 187 4.69 -4.57 -8.96
C PHE A 187 3.81 -3.51 -9.66
N ASN A 188 3.85 -3.36 -10.99
CA ASN A 188 3.01 -2.32 -11.65
C ASN A 188 1.65 -2.90 -11.99
N PHE A 189 1.59 -4.05 -12.68
CA PHE A 189 0.33 -4.61 -13.25
C PHE A 189 -0.45 -5.37 -12.17
N PHE A 190 0.05 -6.53 -11.75
CA PHE A 190 -0.65 -7.42 -10.80
C PHE A 190 -0.98 -6.60 -9.55
N ALA A 191 0.03 -5.98 -8.96
CA ALA A 191 -0.06 -5.31 -7.66
C ALA A 191 -0.87 -4.02 -7.77
N CYS A 192 -0.39 -3.06 -8.55
CA CYS A 192 -0.84 -1.65 -8.50
C CYS A 192 -1.92 -1.35 -9.55
N VAL A 193 -2.14 -2.17 -10.57
CA VAL A 193 -3.22 -1.87 -11.57
C VAL A 193 -4.32 -2.93 -11.50
N LEU A 194 -4.01 -4.20 -11.65
CA LEU A 194 -5.04 -5.27 -11.83
C LEU A 194 -5.88 -5.39 -10.56
N VAL A 195 -5.25 -5.29 -9.39
CA VAL A 195 -5.93 -5.37 -8.07
C VAL A 195 -6.91 -4.23 -7.89
N PRO A 196 -6.48 -2.94 -7.84
CA PRO A 196 -7.42 -1.85 -7.65
C PRO A 196 -8.56 -1.92 -8.67
N LEU A 197 -8.23 -2.32 -9.89
CA LEU A 197 -9.18 -2.40 -11.01
C LEU A 197 -10.24 -3.45 -10.69
N LEU A 198 -9.81 -4.64 -10.30
CA LEU A 198 -10.73 -5.73 -9.86
C LEU A 198 -11.61 -5.22 -8.73
N LEU A 199 -11.01 -4.75 -7.64
CA LEU A 199 -11.82 -4.44 -6.43
C LEU A 199 -12.62 -3.16 -6.70
N MET A 200 -12.27 -2.40 -7.73
CA MET A 200 -13.19 -1.37 -8.28
C MET A 200 -14.45 -2.11 -8.74
N LEU A 201 -14.25 -3.17 -9.52
CA LEU A 201 -15.31 -4.02 -10.10
C LEU A 201 -16.19 -4.57 -8.97
N GLY A 202 -15.59 -5.29 -8.02
CA GLY A 202 -16.25 -5.70 -6.76
C GLY A 202 -17.14 -4.60 -6.21
N VAL A 203 -16.64 -3.37 -6.11
CA VAL A 203 -17.37 -2.25 -5.45
C VAL A 203 -18.59 -1.83 -6.28
N TYR A 204 -18.47 -1.65 -7.60
CA TYR A 204 -19.57 -1.14 -8.47
C TYR A 204 -20.65 -2.21 -8.57
N LEU A 205 -20.24 -3.48 -8.74
CA LEU A 205 -21.12 -4.66 -8.82
C LEU A 205 -22.05 -4.72 -7.60
N ARG A 206 -21.51 -4.48 -6.42
CA ARG A 206 -22.27 -4.52 -5.15
C ARG A 206 -23.28 -3.37 -5.17
N ILE A 207 -22.89 -2.17 -5.62
CA ILE A 207 -23.78 -0.97 -5.67
C ILE A 207 -24.97 -1.25 -6.60
N PHE A 208 -24.71 -1.68 -7.84
CA PHE A 208 -25.73 -1.85 -8.92
C PHE A 208 -26.65 -3.03 -8.61
N LEU A 209 -26.11 -4.20 -8.24
CA LEU A 209 -26.93 -5.41 -7.94
C LEU A 209 -27.72 -5.20 -6.65
N ALA A 210 -27.14 -4.54 -5.65
CA ALA A 210 -27.82 -4.17 -4.40
C ALA A 210 -29.04 -3.32 -4.78
N ALA A 211 -28.83 -2.31 -5.61
CA ALA A 211 -29.86 -1.33 -6.03
C ALA A 211 -30.95 -2.04 -6.84
N ARG A 212 -30.59 -2.94 -7.78
CA ARG A 212 -31.57 -3.69 -8.63
C ARG A 212 -32.60 -4.36 -7.71
N ARG A 213 -32.11 -5.19 -6.78
CA ARG A 213 -32.90 -5.83 -5.71
C ARG A 213 -33.71 -4.76 -4.99
N GLN A 214 -33.03 -3.75 -4.42
CA GLN A 214 -33.59 -2.71 -3.53
C GLN A 214 -34.67 -1.85 -4.21
N LEU A 215 -34.54 -1.60 -5.52
CA LEU A 215 -35.51 -0.77 -6.30
C LEU A 215 -36.85 -1.51 -6.42
N LYS A 216 -36.81 -2.81 -6.77
CA LYS A 216 -37.99 -3.68 -7.09
C LYS A 216 -39.01 -3.68 -5.94
N GLN A 217 -38.57 -3.64 -4.67
CA GLN A 217 -39.46 -3.58 -3.48
C GLN A 217 -38.93 -2.51 -2.51
N MET A 218 -39.84 -1.67 -1.98
CA MET A 218 -39.54 -0.44 -1.18
C MET A 218 -40.82 0.07 -0.48
N ALA A 228 -35.43 7.21 -0.63
CA ALA A 228 -36.30 7.78 -1.70
C ALA A 228 -36.05 7.06 -3.03
N ARG A 229 -37.06 6.33 -3.51
CA ARG A 229 -37.04 5.47 -4.74
C ARG A 229 -36.49 6.27 -5.92
N SER A 230 -37.04 7.48 -6.16
CA SER A 230 -36.66 8.41 -7.25
C SER A 230 -35.19 8.81 -7.10
N THR A 231 -34.76 9.07 -5.87
CA THR A 231 -33.42 9.61 -5.55
C THR A 231 -32.38 8.51 -5.81
N LEU A 232 -32.59 7.29 -5.31
CA LEU A 232 -31.66 6.16 -5.56
C LEU A 232 -31.35 6.06 -7.05
N GLN A 233 -32.37 5.92 -7.91
CA GLN A 233 -32.23 5.84 -9.39
C GLN A 233 -31.23 6.90 -9.87
N LYS A 234 -31.40 8.13 -9.38
CA LYS A 234 -30.67 9.31 -9.89
C LYS A 234 -29.19 9.25 -9.48
N GLU A 235 -28.88 8.88 -8.23
CA GLU A 235 -27.49 8.81 -7.71
C GLU A 235 -26.78 7.56 -8.24
N VAL A 236 -27.57 6.53 -8.63
CA VAL A 236 -27.11 5.30 -9.34
C VAL A 236 -26.70 5.71 -10.74
N HIS A 237 -27.65 6.25 -11.51
CA HIS A 237 -27.42 6.69 -12.91
C HIS A 237 -26.07 7.37 -13.01
N ALA A 238 -25.79 8.29 -12.10
CA ALA A 238 -24.52 9.03 -11.98
C ALA A 238 -23.34 8.06 -11.80
N ALA A 239 -23.45 7.09 -10.88
CA ALA A 239 -22.42 6.06 -10.66
C ALA A 239 -22.10 5.32 -11.97
N LYS A 240 -23.12 4.82 -12.71
CA LYS A 240 -22.98 4.11 -14.02
C LYS A 240 -22.08 4.96 -14.92
N SER A 241 -22.26 6.28 -14.87
CA SER A 241 -21.44 7.26 -15.63
C SER A 241 -19.97 7.14 -15.17
N LEU A 242 -19.66 7.36 -13.89
CA LEU A 242 -18.28 7.32 -13.33
C LEU A 242 -17.69 5.92 -13.45
N ALA A 243 -18.55 4.90 -13.46
CA ALA A 243 -18.20 3.48 -13.63
C ALA A 243 -17.71 3.25 -15.06
N ILE A 244 -18.45 3.76 -16.04
CA ILE A 244 -18.06 3.72 -17.48
C ILE A 244 -16.67 4.32 -17.68
N ILE A 245 -16.31 5.39 -16.96
CA ILE A 245 -14.93 5.97 -16.98
C ILE A 245 -13.94 4.84 -16.64
N ALA A 246 -14.13 4.23 -15.47
CA ALA A 246 -13.31 3.13 -14.94
C ALA A 246 -13.24 2.04 -16.00
N GLY A 247 -14.40 1.59 -16.49
CA GLY A 247 -14.55 0.65 -17.63
C GLY A 247 -13.51 0.91 -18.70
N LEU A 248 -13.49 2.13 -19.24
CA LEU A 248 -12.67 2.53 -20.42
C LEU A 248 -11.18 2.53 -20.06
N PHE A 249 -10.81 3.00 -18.85
CA PHE A 249 -9.41 2.99 -18.37
C PHE A 249 -8.85 1.59 -18.61
N ALA A 250 -9.60 0.60 -18.13
CA ALA A 250 -9.22 -0.83 -18.21
C ALA A 250 -9.11 -1.20 -19.69
N LEU A 251 -10.15 -0.95 -20.49
CA LEU A 251 -10.17 -1.26 -21.94
C LEU A 251 -8.92 -0.70 -22.62
N CYS A 252 -8.52 0.51 -22.22
CA CYS A 252 -7.43 1.33 -22.83
C CYS A 252 -6.05 0.75 -22.44
N TRP A 253 -5.88 0.34 -21.18
CA TRP A 253 -4.57 -0.11 -20.64
C TRP A 253 -4.39 -1.64 -20.75
N LEU A 254 -5.48 -2.40 -20.68
CA LEU A 254 -5.40 -3.87 -20.49
C LEU A 254 -4.62 -4.49 -21.65
N PRO A 255 -4.88 -4.12 -22.93
CA PRO A 255 -4.16 -4.74 -24.04
C PRO A 255 -2.64 -4.68 -23.84
N LEU A 256 -2.13 -3.49 -23.53
CA LEU A 256 -0.68 -3.20 -23.37
C LEU A 256 -0.11 -4.03 -22.21
N HIS A 257 -0.77 -4.04 -21.04
CA HIS A 257 -0.35 -4.82 -19.83
C HIS A 257 -0.30 -6.31 -20.17
N ILE A 258 -1.34 -6.83 -20.85
CA ILE A 258 -1.48 -8.26 -21.26
C ILE A 258 -0.35 -8.63 -22.22
N ILE A 259 0.15 -7.67 -22.99
CA ILE A 259 1.34 -7.89 -23.88
C ILE A 259 2.58 -8.01 -23.00
N ASN A 260 2.76 -7.10 -22.04
CA ASN A 260 3.91 -7.09 -21.11
C ASN A 260 3.99 -8.45 -20.41
N CYS A 261 2.83 -9.08 -20.14
CA CYS A 261 2.73 -10.45 -19.56
C CYS A 261 3.33 -11.50 -20.51
N PHE A 262 2.84 -11.59 -21.75
CA PHE A 262 3.32 -12.57 -22.75
C PHE A 262 4.81 -12.36 -23.02
N THR A 263 5.20 -11.11 -23.26
CA THR A 263 6.61 -10.71 -23.56
C THR A 263 7.54 -11.27 -22.47
N PHE A 264 7.05 -11.39 -21.23
CA PHE A 264 7.84 -11.74 -20.02
C PHE A 264 7.67 -13.23 -19.70
N PHE A 265 6.44 -13.62 -19.32
CA PHE A 265 6.04 -14.97 -18.82
C PHE A 265 6.27 -16.04 -19.90
N CYS A 266 6.02 -15.68 -21.16
CA CYS A 266 6.33 -16.53 -22.34
C CYS A 266 7.47 -15.91 -23.15
N PRO A 267 8.75 -16.25 -22.85
CA PRO A 267 9.87 -15.89 -23.72
C PRO A 267 10.03 -16.88 -24.90
N ASP A 268 9.24 -17.96 -24.90
CA ASP A 268 9.17 -18.98 -25.99
C ASP A 268 8.03 -18.62 -26.94
N CYS A 269 7.74 -17.32 -27.05
CA CYS A 269 6.67 -16.70 -27.86
C CYS A 269 7.29 -15.61 -28.73
N SER A 270 6.88 -15.48 -29.99
CA SER A 270 7.26 -14.31 -30.83
C SER A 270 6.78 -13.05 -30.11
N HIS A 271 7.71 -12.13 -29.80
CA HIS A 271 7.42 -10.84 -29.11
C HIS A 271 6.45 -10.06 -29.99
N ALA A 272 5.38 -9.50 -29.41
CA ALA A 272 4.32 -8.79 -30.16
C ALA A 272 4.96 -7.78 -31.13
N PRO A 273 4.49 -7.70 -32.40
CA PRO A 273 5.15 -6.86 -33.41
C PRO A 273 4.91 -5.36 -33.12
N LEU A 274 5.64 -4.49 -33.81
CA LEU A 274 5.78 -3.04 -33.48
C LEU A 274 4.51 -2.27 -33.86
N TRP A 275 3.77 -2.73 -34.87
CA TRP A 275 2.52 -2.04 -35.26
C TRP A 275 1.49 -2.25 -34.15
N LEU A 276 1.39 -3.48 -33.63
CA LEU A 276 0.46 -3.84 -32.51
C LEU A 276 0.99 -3.17 -31.22
N MET A 277 2.32 -3.08 -31.09
CA MET A 277 2.97 -2.37 -29.98
C MET A 277 2.53 -0.92 -30.00
N TYR A 278 2.72 -0.22 -31.11
CA TYR A 278 2.41 1.23 -31.27
C TYR A 278 0.92 1.46 -31.04
N LEU A 279 0.08 0.57 -31.56
CA LEU A 279 -1.39 0.63 -31.39
C LEU A 279 -1.71 0.84 -29.90
N ALA A 280 -1.30 -0.10 -29.06
CA ALA A 280 -1.67 -0.18 -27.62
C ALA A 280 -0.95 0.91 -26.83
N ILE A 281 0.23 1.35 -27.29
CA ILE A 281 0.92 2.52 -26.70
C ILE A 281 -0.07 3.70 -26.84
N VAL A 282 -0.59 3.92 -28.04
CA VAL A 282 -1.52 5.05 -28.34
C VAL A 282 -2.87 4.80 -27.64
N LEU A 283 -3.49 3.65 -27.91
CA LEU A 283 -4.75 3.22 -27.24
C LEU A 283 -4.76 3.70 -25.77
N SER A 284 -3.64 3.52 -25.06
CA SER A 284 -3.42 3.95 -23.66
C SER A 284 -3.54 5.48 -23.56
N HIS A 285 -2.75 6.18 -24.36
CA HIS A 285 -2.76 7.67 -24.42
C HIS A 285 -4.18 8.18 -24.70
N THR A 286 -4.97 7.43 -25.48
CA THR A 286 -6.38 7.71 -25.82
C THR A 286 -7.22 7.99 -24.57
N ASN A 287 -6.95 7.29 -23.47
CA ASN A 287 -7.79 7.29 -22.24
C ASN A 287 -7.87 8.70 -21.63
N SER A 288 -6.82 9.50 -21.82
CA SER A 288 -6.68 10.87 -21.26
C SER A 288 -7.60 11.86 -22.01
N VAL A 289 -8.26 11.40 -23.09
CA VAL A 289 -9.08 12.24 -24.01
C VAL A 289 -10.57 12.01 -23.74
N VAL A 290 -10.98 10.75 -23.51
CA VAL A 290 -12.42 10.35 -23.50
C VAL A 290 -13.11 10.92 -22.26
N ASN A 291 -12.44 10.93 -21.11
CA ASN A 291 -13.05 11.30 -19.81
C ASN A 291 -13.96 12.52 -20.01
N PRO A 292 -13.46 13.69 -20.51
CA PRO A 292 -14.30 14.89 -20.70
C PRO A 292 -15.53 14.72 -21.62
N PHE A 293 -15.42 13.91 -22.67
CA PHE A 293 -16.50 13.61 -23.64
C PHE A 293 -17.64 12.83 -22.97
N ILE A 294 -17.30 12.01 -21.98
CA ILE A 294 -18.28 11.17 -21.24
C ILE A 294 -19.05 12.06 -20.27
N TYR A 295 -18.33 12.86 -19.49
CA TYR A 295 -18.89 13.90 -18.60
C TYR A 295 -19.92 14.72 -19.40
N ALA A 296 -19.58 15.09 -20.64
CA ALA A 296 -20.44 15.91 -21.53
C ALA A 296 -21.65 15.10 -21.99
N TYR A 297 -21.44 13.89 -22.48
CA TYR A 297 -22.49 13.05 -23.12
C TYR A 297 -23.45 12.47 -22.07
N ARG A 298 -23.08 12.41 -20.78
CA ARG A 298 -23.87 11.69 -19.74
C ARG A 298 -24.36 12.59 -18.61
N ILE A 299 -23.55 13.56 -18.17
CA ILE A 299 -23.77 14.29 -16.89
C ILE A 299 -24.17 15.73 -17.16
N ARG A 300 -25.44 16.07 -16.94
CA ARG A 300 -26.03 17.39 -17.25
C ARG A 300 -25.20 18.52 -16.64
N GLU A 301 -24.90 18.49 -15.35
CA GLU A 301 -24.24 19.61 -14.61
C GLU A 301 -22.91 20.00 -15.29
N PHE A 302 -22.19 19.04 -15.89
CA PHE A 302 -20.92 19.29 -16.61
C PHE A 302 -21.26 19.87 -17.98
N ARG A 303 -22.06 19.15 -18.78
CA ARG A 303 -22.56 19.59 -20.11
C ARG A 303 -22.99 21.05 -20.04
N GLN A 304 -23.80 21.40 -19.06
CA GLN A 304 -24.27 22.80 -18.86
C GLN A 304 -23.07 23.72 -18.58
N THR A 305 -22.08 23.32 -17.78
CA THR A 305 -20.93 24.20 -17.43
C THR A 305 -19.94 24.27 -18.60
N PHE A 306 -19.81 23.19 -19.38
CA PHE A 306 -19.02 23.14 -20.64
C PHE A 306 -19.65 24.12 -21.64
N ARG A 307 -20.90 23.89 -22.01
CA ARG A 307 -21.73 24.84 -22.81
C ARG A 307 -21.43 26.28 -22.37
N LYS A 308 -21.69 26.64 -21.11
CA LYS A 308 -21.65 28.04 -20.63
C LYS A 308 -20.23 28.61 -20.78
N ILE A 309 -19.18 27.81 -20.58
CA ILE A 309 -17.77 28.28 -20.79
C ILE A 309 -17.57 28.55 -22.30
N ILE A 310 -17.91 27.61 -23.18
CA ILE A 310 -17.81 27.78 -24.66
C ILE A 310 -18.63 29.01 -25.09
N ARG A 311 -19.84 29.19 -24.56
CA ARG A 311 -20.75 30.31 -24.94
C ARG A 311 -20.18 31.66 -24.49
N SER A 312 -19.88 31.80 -23.18
CA SER A 312 -19.56 33.12 -22.56
C SER A 312 -18.09 33.53 -22.79
N HIS A 313 -17.13 32.59 -22.81
CA HIS A 313 -15.68 32.93 -22.82
C HIS A 313 -15.06 32.76 -24.23
N VAL A 314 -15.44 31.76 -25.05
CA VAL A 314 -14.82 31.60 -26.40
C VAL A 314 -15.68 32.30 -27.47
N LEU A 315 -16.96 31.91 -27.61
CA LEU A 315 -17.98 32.54 -28.51
C LEU A 315 -18.21 34.02 -28.12
N ARG A 316 -17.72 34.45 -26.95
CA ARG A 316 -17.66 35.86 -26.50
C ARG A 316 -16.38 36.08 -25.69
N ASP B 1 -26.24 39.08 -2.58
CA ASP B 1 -27.00 37.79 -2.54
C ASP B 1 -27.92 37.74 -3.76
N ILE B 2 -27.93 36.63 -4.52
CA ILE B 2 -28.79 36.40 -5.72
C ILE B 2 -30.25 36.72 -5.37
N VAL B 3 -30.92 37.53 -6.20
CA VAL B 3 -32.38 37.87 -6.11
C VAL B 3 -33.14 36.94 -7.09
N MET B 4 -34.19 36.24 -6.64
CA MET B 4 -35.16 35.53 -7.54
C MET B 4 -36.29 36.50 -7.91
N THR B 5 -36.81 36.44 -9.13
CA THR B 5 -37.97 37.25 -9.57
C THR B 5 -39.05 36.30 -10.08
N GLN B 6 -40.10 36.13 -9.30
CA GLN B 6 -41.24 35.29 -9.70
C GLN B 6 -42.34 36.16 -10.31
N SER B 7 -42.96 35.69 -11.37
CA SER B 7 -44.11 36.34 -12.07
C SER B 7 -45.01 35.26 -12.67
N PRO B 8 -46.34 35.44 -12.78
CA PRO B 8 -47.04 36.58 -12.19
C PRO B 8 -47.27 36.42 -10.69
N ALA B 9 -47.43 37.54 -9.99
CA ALA B 9 -47.70 37.57 -8.53
C ALA B 9 -49.01 36.88 -8.27
N SER B 10 -50.00 37.17 -9.12
CA SER B 10 -51.36 36.58 -9.13
C SER B 10 -51.70 36.14 -10.54
N LEU B 11 -52.63 35.21 -10.64
CA LEU B 11 -53.13 34.63 -11.90
C LEU B 11 -54.41 33.86 -11.58
N SER B 12 -55.50 34.07 -12.32
CA SER B 12 -56.75 33.31 -12.13
C SER B 12 -57.02 32.46 -13.37
N ALA B 13 -57.73 31.34 -13.17
CA ALA B 13 -57.87 30.23 -14.15
C ALA B 13 -59.01 29.31 -13.71
N SER B 14 -59.73 28.73 -14.67
CA SER B 14 -60.83 27.77 -14.44
C SER B 14 -60.23 26.37 -14.30
N VAL B 15 -60.90 25.48 -13.60
CA VAL B 15 -60.48 24.06 -13.49
C VAL B 15 -60.34 23.52 -14.93
N GLY B 16 -59.29 22.76 -15.19
CA GLY B 16 -59.09 22.00 -16.43
C GLY B 16 -58.43 22.81 -17.53
N ASP B 17 -57.83 23.96 -17.21
CA ASP B 17 -57.05 24.71 -18.23
C ASP B 17 -55.57 24.75 -17.79
N THR B 18 -54.66 24.97 -18.76
CA THR B 18 -53.18 24.94 -18.63
C THR B 18 -52.65 26.33 -18.24
N VAL B 19 -51.58 26.36 -17.46
CA VAL B 19 -51.07 27.59 -16.79
C VAL B 19 -49.55 27.44 -16.68
N THR B 20 -48.82 28.56 -16.69
CA THR B 20 -47.34 28.56 -16.48
C THR B 20 -46.93 29.74 -15.61
N ILE B 21 -45.88 29.53 -14.83
CA ILE B 21 -45.35 30.49 -13.81
C ILE B 21 -43.84 30.60 -14.06
N THR B 22 -43.27 31.80 -13.92
CA THR B 22 -41.88 32.11 -14.32
C THR B 22 -41.05 32.47 -13.08
N CYS B 23 -39.77 32.10 -13.07
CA CYS B 23 -38.78 32.42 -12.00
C CYS B 23 -37.46 32.83 -12.66
N ARG B 24 -37.04 34.07 -12.48
CA ARG B 24 -35.77 34.56 -13.08
C ARG B 24 -34.76 34.71 -11.93
N ALA B 25 -33.54 34.25 -12.16
CA ALA B 25 -32.43 34.38 -11.20
C ALA B 25 -31.59 35.60 -11.61
N SER B 26 -31.12 36.38 -10.64
CA SER B 26 -30.27 37.58 -10.92
C SER B 26 -28.86 37.13 -11.32
N GLU B 27 -28.51 35.84 -11.15
CA GLU B 27 -27.23 35.24 -11.63
C GLU B 27 -27.47 33.83 -12.17
N PHE B 28 -26.51 33.26 -12.90
CA PHE B 28 -26.60 31.90 -13.47
C PHE B 28 -26.58 30.90 -12.32
N ILE B 29 -27.66 30.14 -12.13
CA ILE B 29 -27.79 29.12 -11.05
C ILE B 29 -27.89 27.72 -11.68
N TYR B 30 -27.59 27.57 -12.97
CA TYR B 30 -27.62 26.27 -13.70
C TYR B 30 -28.98 25.61 -13.47
N SER B 31 -29.04 24.39 -12.93
CA SER B 31 -30.31 23.67 -12.67
C SER B 31 -30.64 23.60 -11.18
N SER B 32 -30.08 24.51 -10.35
CA SER B 32 -30.23 24.51 -8.86
C SER B 32 -31.45 25.31 -8.38
N LEU B 33 -32.66 24.89 -8.75
CA LEU B 33 -33.89 25.65 -8.41
C LEU B 33 -35.03 24.69 -8.11
N THR B 34 -35.73 24.94 -7.00
CA THR B 34 -36.82 24.10 -6.47
C THR B 34 -38.12 24.91 -6.55
N TRP B 35 -39.23 24.25 -6.88
CA TRP B 35 -40.62 24.76 -6.78
C TRP B 35 -41.35 24.13 -5.59
N TYR B 36 -42.19 24.90 -4.89
CA TYR B 36 -43.04 24.45 -3.74
C TYR B 36 -44.47 24.99 -3.88
N GLN B 37 -45.43 24.23 -3.35
CA GLN B 37 -46.87 24.59 -3.29
C GLN B 37 -47.26 24.80 -1.83
N GLN B 38 -47.99 25.87 -1.53
CA GLN B 38 -48.59 26.15 -0.19
C GLN B 38 -50.09 26.38 -0.36
N LYS B 39 -50.89 25.49 0.23
CA LYS B 39 -52.36 25.67 0.37
C LYS B 39 -52.59 26.50 1.64
N GLN B 40 -53.77 27.13 1.75
CA GLN B 40 -54.24 27.91 2.93
C GLN B 40 -53.86 27.18 4.21
N GLY B 41 -53.08 27.84 5.07
CA GLY B 41 -52.75 27.39 6.43
C GLY B 41 -51.94 26.10 6.48
N GLY B 42 -51.28 25.74 5.37
CA GLY B 42 -50.37 24.58 5.32
C GLY B 42 -48.93 25.03 5.18
N SER B 43 -47.99 24.12 5.39
CA SER B 43 -46.57 24.30 5.02
C SER B 43 -46.41 24.15 3.51
N PRO B 44 -45.36 24.80 2.95
CA PRO B 44 -44.82 24.41 1.65
C PRO B 44 -44.72 22.87 1.49
N GLN B 45 -45.21 22.36 0.36
CA GLN B 45 -44.96 20.99 -0.15
C GLN B 45 -43.93 21.08 -1.27
N LEU B 46 -42.80 20.36 -1.19
CA LEU B 46 -41.85 20.20 -2.33
C LEU B 46 -42.64 19.67 -3.53
N LEU B 47 -42.48 20.33 -4.67
CA LEU B 47 -43.25 20.01 -5.89
C LEU B 47 -42.30 19.47 -6.96
N VAL B 48 -41.26 20.24 -7.22
CA VAL B 48 -40.21 19.95 -8.24
C VAL B 48 -38.89 20.30 -7.59
N TYR B 49 -37.88 19.49 -7.82
CA TYR B 49 -36.50 19.75 -7.36
C TYR B 49 -35.62 19.68 -8.60
N ALA B 50 -34.39 20.19 -8.50
CA ALA B 50 -33.40 20.10 -9.60
C ALA B 50 -33.98 20.64 -10.92
N ALA B 51 -34.76 21.74 -10.85
CA ALA B 51 -35.38 22.47 -12.00
C ALA B 51 -36.47 21.64 -12.71
N THR B 52 -36.19 20.37 -13.03
CA THR B 52 -37.01 19.51 -13.93
C THR B 52 -37.52 18.23 -13.27
N ASN B 53 -37.28 18.00 -11.96
CA ASN B 53 -37.56 16.69 -11.30
C ASN B 53 -38.79 16.76 -10.41
N LEU B 54 -39.84 15.99 -10.79
CA LEU B 54 -41.09 15.79 -10.02
C LEU B 54 -40.73 15.12 -8.69
N ALA B 55 -41.12 15.73 -7.57
CA ALA B 55 -41.09 15.05 -6.26
C ALA B 55 -42.06 13.88 -6.36
N ASP B 56 -41.89 12.86 -5.52
CA ASP B 56 -42.79 11.68 -5.46
C ASP B 56 -44.14 12.17 -4.95
N ALA B 57 -45.23 11.57 -5.45
CA ALA B 57 -46.65 11.81 -5.04
C ALA B 57 -47.16 13.17 -5.54
N VAL B 58 -46.36 13.92 -6.30
CA VAL B 58 -46.80 15.11 -7.07
C VAL B 58 -47.39 14.51 -8.34
N PRO B 59 -48.61 14.92 -8.80
CA PRO B 59 -49.19 14.33 -10.00
C PRO B 59 -48.33 14.68 -11.24
N SER B 60 -48.41 13.86 -12.29
CA SER B 60 -47.55 13.99 -13.51
C SER B 60 -47.97 15.23 -14.31
N ARG B 61 -49.17 15.76 -14.07
CA ARG B 61 -49.69 16.97 -14.76
C ARG B 61 -48.81 18.18 -14.39
N PHE B 62 -48.08 18.13 -13.26
CA PHE B 62 -47.06 19.15 -12.90
C PHE B 62 -45.75 18.84 -13.63
N SER B 63 -44.98 19.87 -14.01
CA SER B 63 -43.61 19.72 -14.57
C SER B 63 -42.92 21.08 -14.65
N GLY B 64 -41.65 21.12 -14.23
CA GLY B 64 -40.75 22.30 -14.29
C GLY B 64 -39.73 22.11 -15.39
N SER B 65 -39.07 23.20 -15.77
CA SER B 65 -38.19 23.29 -16.96
C SER B 65 -37.36 24.57 -16.85
N GLY B 66 -36.26 24.61 -17.62
CA GLY B 66 -35.32 25.73 -17.66
C GLY B 66 -33.95 25.36 -17.14
N SER B 67 -33.03 26.31 -17.22
CA SER B 67 -31.60 26.22 -16.82
C SER B 67 -31.04 27.65 -16.80
N GLY B 68 -29.90 27.89 -16.12
CA GLY B 68 -29.31 29.23 -16.03
C GLY B 68 -30.23 30.19 -15.30
N THR B 69 -30.85 31.16 -15.97
CA THR B 69 -31.53 32.31 -15.33
C THR B 69 -33.07 32.21 -15.41
N GLN B 70 -33.62 31.47 -16.36
CA GLN B 70 -35.09 31.49 -16.62
C GLN B 70 -35.66 30.08 -16.44
N PHE B 71 -36.58 29.93 -15.50
CA PHE B 71 -37.23 28.64 -15.17
C PHE B 71 -38.72 28.86 -14.98
N SER B 72 -39.50 27.96 -15.55
CA SER B 72 -40.97 28.00 -15.49
C SER B 72 -41.46 26.66 -14.95
N LEU B 73 -42.54 26.68 -14.16
CA LEU B 73 -43.34 25.50 -13.77
C LEU B 73 -44.64 25.54 -14.57
N LYS B 74 -44.96 24.47 -15.30
CA LYS B 74 -46.24 24.33 -16.05
C LYS B 74 -47.13 23.32 -15.35
N ILE B 75 -48.37 23.70 -15.04
CA ILE B 75 -49.41 22.79 -14.47
C ILE B 75 -50.39 22.46 -15.59
N ASN B 76 -50.40 21.21 -16.05
CA ASN B 76 -51.03 20.88 -17.34
C ASN B 76 -52.56 21.08 -17.22
N ARG B 77 -53.24 20.30 -16.38
CA ARG B 77 -54.73 20.20 -16.41
C ARG B 77 -55.34 20.55 -15.07
N LEU B 78 -55.50 21.84 -14.73
CA LEU B 78 -55.83 22.29 -13.36
C LEU B 78 -56.92 21.43 -12.75
N GLN B 79 -56.74 21.03 -11.48
CA GLN B 79 -57.76 20.35 -10.64
C GLN B 79 -58.12 21.26 -9.47
N PRO B 80 -59.31 21.10 -8.88
CA PRO B 80 -59.69 21.83 -7.68
C PRO B 80 -58.53 22.00 -6.70
N GLU B 81 -57.81 20.91 -6.45
CA GLU B 81 -56.73 20.81 -5.41
C GLU B 81 -55.55 21.74 -5.75
N ASP B 82 -55.34 22.11 -7.02
CA ASP B 82 -54.10 22.78 -7.51
C ASP B 82 -54.09 24.28 -7.14
N PHE B 83 -55.24 24.87 -6.82
CA PHE B 83 -55.33 26.29 -6.43
C PHE B 83 -54.53 26.46 -5.13
N GLY B 84 -53.88 27.61 -4.94
CA GLY B 84 -52.89 27.82 -3.85
C GLY B 84 -51.78 28.76 -4.28
N THR B 85 -50.82 29.04 -3.40
CA THR B 85 -49.65 29.91 -3.70
C THR B 85 -48.48 28.99 -4.04
N TYR B 86 -47.69 29.35 -5.07
CA TYR B 86 -46.51 28.59 -5.57
C TYR B 86 -45.25 29.45 -5.44
N TYR B 87 -44.17 28.90 -4.90
CA TYR B 87 -42.85 29.59 -4.75
C TYR B 87 -41.75 28.83 -5.49
N CYS B 88 -40.80 29.56 -6.08
CA CYS B 88 -39.51 29.02 -6.53
C CYS B 88 -38.44 29.39 -5.48
N GLN B 89 -37.38 28.59 -5.41
CA GLN B 89 -36.22 28.83 -4.51
C GLN B 89 -34.94 28.28 -5.13
N HIS B 90 -33.87 29.07 -5.14
CA HIS B 90 -32.54 28.61 -5.63
C HIS B 90 -31.82 27.92 -4.47
N PHE B 91 -30.83 27.11 -4.85
CA PHE B 91 -29.92 26.33 -3.97
C PHE B 91 -28.51 26.41 -4.55
N TYR B 92 -28.12 27.54 -5.14
CA TYR B 92 -26.75 27.79 -5.66
C TYR B 92 -25.91 28.52 -4.62
N GLY B 93 -24.75 27.96 -4.29
CA GLY B 93 -23.75 28.59 -3.40
C GLY B 93 -24.09 28.40 -1.95
N SER B 94 -23.77 29.38 -1.11
CA SER B 94 -23.80 29.25 0.36
C SER B 94 -25.01 29.96 0.98
N THR B 95 -25.75 30.79 0.24
CA THR B 95 -26.82 31.64 0.82
C THR B 95 -27.99 31.76 -0.16
N TRP B 96 -29.17 31.24 0.18
CA TRP B 96 -30.32 31.06 -0.75
C TRP B 96 -31.48 32.04 -0.46
N ALA B 97 -32.37 32.15 -1.46
CA ALA B 97 -33.56 33.03 -1.45
C ALA B 97 -34.69 32.35 -2.21
N PHE B 98 -35.89 32.90 -2.08
CA PHE B 98 -37.15 32.46 -2.72
C PHE B 98 -37.61 33.52 -3.72
N GLY B 99 -38.69 33.21 -4.43
CA GLY B 99 -39.48 34.16 -5.21
C GLY B 99 -40.53 34.87 -4.36
N GLY B 100 -41.13 35.93 -4.91
CA GLY B 100 -42.26 36.63 -4.30
C GLY B 100 -43.43 35.68 -4.10
N GLY B 101 -43.57 34.67 -4.96
CA GLY B 101 -44.69 33.73 -4.95
C GLY B 101 -45.77 34.11 -5.95
N THR B 102 -46.66 33.16 -6.23
CA THR B 102 -47.71 33.23 -7.27
C THR B 102 -49.01 32.60 -6.76
N LYS B 103 -49.95 33.41 -6.29
CA LYS B 103 -51.31 32.99 -5.89
C LYS B 103 -52.10 32.57 -7.15
N LEU B 104 -52.24 31.28 -7.42
CA LEU B 104 -53.20 30.73 -8.41
C LEU B 104 -54.64 30.78 -7.86
N GLU B 105 -55.58 31.41 -8.56
CA GLU B 105 -56.96 31.72 -8.07
C GLU B 105 -57.98 31.24 -9.10
N ILE B 106 -59.24 31.14 -8.69
CA ILE B 106 -60.35 30.68 -9.57
C ILE B 106 -60.88 31.92 -10.29
N LYS B 107 -61.12 31.77 -11.59
CA LYS B 107 -61.62 32.79 -12.53
C LYS B 107 -63.13 32.58 -12.64
N ARG B 108 -63.90 33.64 -12.57
CA ARG B 108 -65.38 33.58 -12.69
C ARG B 108 -65.84 34.91 -13.25
N ALA B 109 -67.09 34.98 -13.73
CA ALA B 109 -67.66 36.16 -14.42
C ALA B 109 -67.56 37.39 -13.51
N ASP B 110 -67.22 38.55 -14.09
CA ASP B 110 -67.15 39.85 -13.38
C ASP B 110 -68.43 40.05 -12.56
N ALA B 111 -68.28 40.50 -11.32
CA ALA B 111 -69.39 40.88 -10.43
C ALA B 111 -69.08 42.25 -9.82
N ALA B 112 -70.08 43.12 -9.81
CA ALA B 112 -70.00 44.48 -9.23
C ALA B 112 -70.30 44.39 -7.74
N PRO B 113 -69.64 45.21 -6.91
CA PRO B 113 -69.80 45.17 -5.46
C PRO B 113 -71.14 45.68 -4.94
N THR B 114 -71.68 45.03 -3.91
CA THR B 114 -72.87 45.43 -3.10
C THR B 114 -72.38 46.31 -1.94
N VAL B 115 -72.33 47.62 -2.16
CA VAL B 115 -71.78 48.60 -1.17
C VAL B 115 -72.87 48.93 -0.15
N SER B 116 -72.52 48.95 1.13
CA SER B 116 -73.44 49.17 2.28
C SER B 116 -72.72 50.06 3.29
N ILE B 117 -73.30 51.21 3.68
CA ILE B 117 -72.66 52.16 4.65
C ILE B 117 -73.38 52.05 5.99
N PHE B 118 -72.65 52.24 7.11
CA PHE B 118 -73.20 52.19 8.49
C PHE B 118 -72.69 53.37 9.30
N PRO B 119 -73.61 54.15 9.92
CA PRO B 119 -73.23 55.20 10.86
C PRO B 119 -72.71 54.62 12.16
N PRO B 120 -72.14 55.45 13.06
CA PRO B 120 -71.57 54.95 14.32
C PRO B 120 -72.63 54.61 15.38
N SER B 121 -72.56 53.38 15.92
CA SER B 121 -73.39 52.86 17.03
C SER B 121 -73.53 53.90 18.16
N SER B 122 -74.72 54.08 18.75
CA SER B 122 -74.95 55.00 19.90
C SER B 122 -74.06 54.59 21.07
N GLU B 123 -73.92 53.26 21.27
CA GLU B 123 -72.92 52.59 22.14
C GLU B 123 -71.59 53.34 22.07
N GLN B 124 -71.03 53.42 20.85
CA GLN B 124 -69.68 53.96 20.57
C GLN B 124 -69.68 55.47 20.78
N LEU B 125 -70.70 56.17 20.26
CA LEU B 125 -70.87 57.63 20.46
C LEU B 125 -70.74 57.90 21.96
N THR B 126 -71.58 57.21 22.74
CA THR B 126 -71.60 57.21 24.22
C THR B 126 -70.19 57.17 24.82
N SER B 127 -69.28 56.34 24.27
CA SER B 127 -67.91 56.11 24.80
C SER B 127 -66.89 57.10 24.19
N GLY B 128 -67.35 58.11 23.43
CA GLY B 128 -66.51 59.18 22.86
C GLY B 128 -65.72 58.74 21.61
N GLY B 129 -66.14 57.65 20.97
CA GLY B 129 -65.64 57.22 19.66
C GLY B 129 -66.72 57.30 18.60
N ALA B 130 -66.35 57.51 17.34
CA ALA B 130 -67.26 57.49 16.18
C ALA B 130 -66.56 56.76 15.04
N SER B 131 -67.08 55.58 14.66
CA SER B 131 -66.56 54.79 13.52
C SER B 131 -67.68 54.56 12.51
N VAL B 132 -67.45 54.99 11.26
CA VAL B 132 -68.38 54.84 10.10
C VAL B 132 -67.84 53.68 9.25
N VAL B 133 -68.69 52.75 8.83
CA VAL B 133 -68.24 51.46 8.23
C VAL B 133 -68.91 51.20 6.89
N CYS B 134 -68.15 50.66 5.95
CA CYS B 134 -68.55 50.43 4.54
C CYS B 134 -68.16 49.01 4.11
N PHE B 135 -69.16 48.21 3.72
CA PHE B 135 -69.01 46.80 3.25
C PHE B 135 -69.23 46.70 1.74
N LEU B 136 -68.18 46.29 1.03
CA LEU B 136 -68.14 46.08 -0.43
C LEU B 136 -68.04 44.58 -0.65
N ASN B 137 -69.15 43.92 -0.97
CA ASN B 137 -69.30 42.45 -0.84
C ASN B 137 -69.59 41.83 -2.18
N ASN B 138 -68.97 40.69 -2.47
CA ASN B 138 -69.35 39.80 -3.59
C ASN B 138 -69.01 40.51 -4.90
N PHE B 139 -67.71 40.75 -5.15
CA PHE B 139 -67.22 41.40 -6.38
C PHE B 139 -66.05 40.59 -6.98
N TYR B 140 -65.97 40.61 -8.31
CA TYR B 140 -64.88 40.04 -9.15
C TYR B 140 -64.55 40.99 -10.30
N PRO B 141 -63.25 41.22 -10.61
CA PRO B 141 -62.13 40.63 -9.88
C PRO B 141 -61.72 41.44 -8.64
N LYS B 142 -60.65 41.01 -7.96
CA LYS B 142 -60.26 41.49 -6.60
C LYS B 142 -59.85 42.96 -6.59
N ASP B 143 -59.53 43.54 -7.74
CA ASP B 143 -59.01 44.93 -7.80
C ASP B 143 -60.16 45.92 -7.54
N ILE B 144 -60.07 46.67 -6.45
CA ILE B 144 -61.06 47.71 -6.06
C ILE B 144 -60.36 48.81 -5.24
N ASN B 145 -60.97 50.00 -5.22
CA ASN B 145 -60.42 51.23 -4.61
C ASN B 145 -61.58 52.02 -4.01
N VAL B 146 -61.34 52.65 -2.85
CA VAL B 146 -62.39 53.17 -1.93
C VAL B 146 -61.98 54.54 -1.43
N LYS B 147 -62.77 55.55 -1.74
CA LYS B 147 -62.50 56.92 -1.21
C LYS B 147 -63.50 57.15 -0.09
N TRP B 148 -63.08 57.77 1.00
CA TRP B 148 -64.00 58.32 2.05
C TRP B 148 -64.17 59.81 1.78
N LYS B 149 -65.36 60.35 2.08
CA LYS B 149 -65.73 61.78 1.84
C LYS B 149 -66.60 62.29 2.99
N ILE B 150 -66.19 63.42 3.58
CA ILE B 150 -66.93 64.12 4.66
C ILE B 150 -67.37 65.49 4.11
N ASP B 151 -68.66 65.65 3.86
CA ASP B 151 -69.26 66.90 3.31
C ASP B 151 -68.68 67.16 1.91
N GLY B 152 -68.26 66.11 1.19
CA GLY B 152 -67.68 66.21 -0.16
C GLY B 152 -66.16 66.26 -0.13
N SER B 153 -65.60 66.63 1.01
CA SER B 153 -64.13 66.75 1.21
C SER B 153 -63.55 65.38 1.57
N GLU B 154 -62.54 64.93 0.83
CA GLU B 154 -61.92 63.57 0.91
C GLU B 154 -61.16 63.47 2.23
N ARG B 155 -61.22 62.29 2.83
CA ARG B 155 -60.51 61.96 4.10
C ARG B 155 -59.69 60.70 3.84
N GLN B 156 -58.41 60.77 4.16
CA GLN B 156 -57.40 59.68 4.00
C GLN B 156 -56.98 59.17 5.39
N ASN B 157 -57.35 59.92 6.44
CA ASN B 157 -56.79 59.90 7.81
C ASN B 157 -57.68 59.01 8.68
N GLY B 158 -57.13 57.87 9.12
CA GLY B 158 -57.75 56.97 10.11
C GLY B 158 -58.76 56.04 9.47
N VAL B 159 -58.44 55.55 8.27
CA VAL B 159 -59.28 54.62 7.48
C VAL B 159 -58.54 53.30 7.38
N LEU B 160 -59.20 52.21 7.79
CA LEU B 160 -58.59 50.87 7.94
C LEU B 160 -59.40 49.86 7.12
N ASN B 161 -58.68 49.04 6.35
CA ASN B 161 -59.27 48.18 5.29
C ASN B 161 -58.98 46.71 5.59
N SER B 162 -59.89 45.84 5.20
CA SER B 162 -59.70 44.37 5.30
C SER B 162 -60.34 43.66 4.11
N TRP B 163 -59.78 42.51 3.77
CA TRP B 163 -60.03 41.76 2.53
C TRP B 163 -60.26 40.32 2.93
N THR B 164 -61.26 39.68 2.35
CA THR B 164 -61.44 38.20 2.43
C THR B 164 -60.71 37.60 1.23
N ASP B 165 -60.64 36.27 1.18
CA ASP B 165 -60.19 35.49 0.00
C ASP B 165 -61.43 34.98 -0.73
N GLN B 166 -61.21 34.21 -1.78
CA GLN B 166 -62.29 33.71 -2.65
C GLN B 166 -63.27 32.91 -1.78
N ASP B 167 -64.48 33.45 -1.66
CA ASP B 167 -65.68 32.75 -1.12
C ASP B 167 -65.72 31.36 -1.73
N SER B 168 -65.73 30.34 -0.87
CA SER B 168 -65.88 28.91 -1.22
C SER B 168 -67.16 28.67 -2.00
N LYS B 169 -68.20 29.48 -1.78
CA LYS B 169 -69.51 29.32 -2.47
C LYS B 169 -69.40 29.89 -3.90
N ASP B 170 -69.17 31.20 -4.06
CA ASP B 170 -69.34 31.90 -5.36
C ASP B 170 -68.00 32.49 -5.87
N SER B 171 -66.87 32.17 -5.24
CA SER B 171 -65.51 32.53 -5.73
C SER B 171 -65.34 34.05 -5.87
N THR B 172 -66.13 34.83 -5.14
CA THR B 172 -66.06 36.31 -5.12
C THR B 172 -65.18 36.76 -3.96
N TYR B 173 -64.85 38.05 -3.94
CA TYR B 173 -64.10 38.73 -2.85
C TYR B 173 -65.04 39.64 -2.09
N SER B 174 -64.54 40.18 -0.99
CA SER B 174 -65.28 41.15 -0.16
C SER B 174 -64.26 42.00 0.59
N MET B 175 -64.72 43.13 1.11
CA MET B 175 -63.82 44.17 1.64
C MET B 175 -64.58 45.02 2.65
N SER B 176 -63.88 45.47 3.68
CA SER B 176 -64.42 46.30 4.79
C SER B 176 -63.53 47.53 4.92
N SER B 177 -64.15 48.71 5.01
CA SER B 177 -63.48 50.00 5.27
C SER B 177 -64.13 50.71 6.47
N THR B 178 -63.31 51.04 7.48
CA THR B 178 -63.71 51.64 8.77
C THR B 178 -63.06 53.02 8.95
N LEU B 179 -63.79 54.09 8.68
CA LEU B 179 -63.35 55.48 8.98
C LEU B 179 -63.60 55.73 10.46
N THR B 180 -62.56 56.14 11.20
CA THR B 180 -62.64 56.39 12.66
C THR B 180 -62.19 57.82 13.00
N LEU B 181 -63.07 58.63 13.60
CA LEU B 181 -62.80 60.02 14.03
C LEU B 181 -63.20 60.18 15.49
N THR B 182 -62.61 61.14 16.20
CA THR B 182 -63.07 61.59 17.54
C THR B 182 -64.56 61.95 17.43
N LYS B 183 -65.37 61.56 18.42
CA LYS B 183 -66.82 61.86 18.48
C LYS B 183 -67.08 63.35 18.33
N ASP B 184 -66.39 64.20 19.12
CA ASP B 184 -66.35 65.68 18.98
C ASP B 184 -66.33 66.06 17.49
N GLU B 185 -65.43 65.45 16.71
CA GLU B 185 -65.12 65.82 15.30
C GLU B 185 -66.17 65.25 14.33
N TYR B 186 -66.78 64.14 14.70
CA TYR B 186 -67.88 63.49 13.95
C TYR B 186 -69.12 64.38 14.01
N GLU B 187 -69.22 65.13 15.11
CA GLU B 187 -70.38 66.01 15.44
C GLU B 187 -70.31 67.25 14.55
N ARG B 188 -69.10 67.71 14.16
CA ARG B 188 -68.92 68.98 13.39
C ARG B 188 -69.50 68.81 11.98
N HIS B 189 -69.05 67.83 11.21
CA HIS B 189 -69.53 67.55 9.83
C HIS B 189 -70.84 66.73 9.93
N ASN B 190 -71.65 66.72 8.87
CA ASN B 190 -73.00 66.10 8.90
C ASN B 190 -73.22 65.11 7.74
N SER B 191 -72.33 65.03 6.75
CA SER B 191 -72.48 64.09 5.59
C SER B 191 -71.26 63.17 5.47
N TYR B 192 -71.53 61.87 5.45
CA TYR B 192 -70.50 60.78 5.37
C TYR B 192 -70.79 59.92 4.14
N THR B 193 -69.79 59.73 3.27
CA THR B 193 -69.98 59.02 1.98
C THR B 193 -68.77 58.14 1.68
N CYS B 194 -69.08 56.97 1.14
CA CYS B 194 -68.18 55.85 0.79
C CYS B 194 -68.27 55.65 -0.72
N GLU B 195 -67.18 55.91 -1.44
CA GLU B 195 -67.16 56.05 -2.92
C GLU B 195 -66.19 54.99 -3.48
N ALA B 196 -66.74 53.90 -3.99
CA ALA B 196 -65.99 52.68 -4.40
C ALA B 196 -65.91 52.62 -5.92
N THR B 197 -64.69 52.55 -6.47
CA THR B 197 -64.47 52.43 -7.93
C THR B 197 -64.01 50.99 -8.20
N HIS B 198 -64.75 50.29 -9.04
CA HIS B 198 -64.44 48.93 -9.56
C HIS B 198 -64.52 48.93 -11.09
N LYS B 199 -63.96 47.87 -11.68
CA LYS B 199 -63.93 47.58 -13.13
C LYS B 199 -65.34 47.50 -13.73
N THR B 200 -66.24 46.80 -13.05
CA THR B 200 -67.62 46.49 -13.52
C THR B 200 -68.41 47.77 -13.81
N SER B 201 -68.10 48.89 -13.16
CA SER B 201 -68.85 50.17 -13.27
C SER B 201 -67.88 51.33 -13.50
N THR B 202 -68.11 52.10 -14.56
CA THR B 202 -67.18 53.15 -15.05
C THR B 202 -67.18 54.34 -14.09
N SER B 203 -68.35 54.79 -13.67
CA SER B 203 -68.48 55.80 -12.58
C SER B 203 -68.46 55.07 -11.24
N PRO B 204 -67.88 55.69 -10.18
CA PRO B 204 -67.68 54.99 -8.92
C PRO B 204 -69.06 54.79 -8.28
N ILE B 205 -69.31 53.61 -7.72
CA ILE B 205 -70.55 53.29 -6.95
C ILE B 205 -70.44 54.02 -5.61
N VAL B 206 -71.45 54.84 -5.32
CA VAL B 206 -71.51 55.78 -4.17
C VAL B 206 -72.57 55.29 -3.17
N LYS B 207 -72.28 55.45 -1.87
CA LYS B 207 -73.23 55.21 -0.75
C LYS B 207 -72.97 56.26 0.33
N SER B 208 -74.00 56.79 0.96
CA SER B 208 -73.90 57.96 1.85
C SER B 208 -75.03 57.98 2.88
N PHE B 209 -74.93 58.87 3.87
CA PHE B 209 -75.98 59.17 4.87
C PHE B 209 -75.75 60.58 5.42
N ASN B 210 -76.82 61.19 5.93
CA ASN B 210 -76.83 62.52 6.62
C ASN B 210 -77.28 62.29 8.07
N ARG B 211 -76.86 63.13 9.02
CA ARG B 211 -77.20 62.94 10.46
C ARG B 211 -78.65 63.42 10.75
N ASN B 212 -79.41 63.78 9.70
CA ASN B 212 -80.88 64.00 9.69
C ASN B 212 -81.22 65.09 10.71
N GLU C 1 -39.55 8.50 5.89
CA GLU C 1 -40.16 9.84 6.09
C GLU C 1 -39.80 10.38 7.49
N VAL C 2 -38.76 11.24 7.52
CA VAL C 2 -38.50 12.25 8.59
C VAL C 2 -39.86 12.86 9.02
N GLN C 3 -40.11 12.98 10.33
CA GLN C 3 -41.33 13.68 10.82
C GLN C 3 -40.91 14.86 11.68
N LEU C 4 -41.23 16.09 11.23
CA LEU C 4 -40.81 17.36 11.87
C LEU C 4 -41.98 17.88 12.68
N GLN C 5 -41.79 18.02 13.99
CA GLN C 5 -42.85 18.50 14.91
C GLN C 5 -42.29 19.70 15.65
N GLN C 6 -42.77 20.91 15.35
CA GLN C 6 -42.27 22.16 15.96
C GLN C 6 -43.01 22.44 17.27
N SER C 7 -42.54 23.44 18.02
CA SER C 7 -43.20 24.00 19.22
C SER C 7 -44.41 24.87 18.82
N GLY C 8 -45.20 25.27 19.81
CA GLY C 8 -46.45 26.00 19.62
C GLY C 8 -46.22 27.49 19.61
N ALA C 9 -47.27 28.24 19.24
CA ALA C 9 -47.29 29.71 19.09
C ALA C 9 -46.70 30.35 20.35
N GLU C 10 -45.89 31.40 20.18
CA GLU C 10 -45.27 32.22 21.24
C GLU C 10 -45.80 33.66 21.13
N LEU C 11 -45.84 34.36 22.26
CA LEU C 11 -46.29 35.77 22.39
C LEU C 11 -45.40 36.44 23.42
N VAL C 12 -44.50 37.31 22.97
CA VAL C 12 -43.37 37.79 23.83
C VAL C 12 -43.23 39.30 23.67
N LYS C 13 -42.68 39.93 24.72
CA LYS C 13 -42.47 41.40 24.77
C LYS C 13 -41.32 41.77 23.83
N PRO C 14 -41.33 42.98 23.24
CA PRO C 14 -40.13 43.49 22.56
C PRO C 14 -38.95 43.52 23.53
N GLY C 15 -37.78 43.14 23.01
CA GLY C 15 -36.52 43.08 23.78
C GLY C 15 -36.28 41.68 24.29
N SER C 16 -37.34 40.89 24.38
CA SER C 16 -37.30 39.49 24.88
C SER C 16 -36.65 38.60 23.83
N SER C 17 -36.33 37.37 24.23
CA SER C 17 -35.89 36.30 23.30
C SER C 17 -36.85 35.10 23.41
N VAL C 18 -36.63 34.09 22.57
CA VAL C 18 -37.60 33.02 22.23
C VAL C 18 -36.84 31.90 21.52
N LYS C 19 -37.06 30.65 21.93
CA LYS C 19 -36.35 29.46 21.41
C LYS C 19 -37.39 28.46 20.90
N ILE C 20 -37.57 28.37 19.59
CA ILE C 20 -38.54 27.44 18.96
C ILE C 20 -37.88 26.07 18.78
N SER C 21 -38.64 25.01 19.01
CA SER C 21 -38.21 23.59 18.92
C SER C 21 -38.50 23.07 17.51
N CYS C 22 -37.70 22.12 17.04
CA CYS C 22 -38.09 21.21 15.95
C CYS C 22 -37.61 19.79 16.27
N LYS C 23 -38.53 18.91 16.66
CA LYS C 23 -38.26 17.49 16.98
C LYS C 23 -38.42 16.66 15.71
N THR C 24 -37.31 16.14 15.21
CA THR C 24 -37.25 15.19 14.08
C THR C 24 -37.43 13.79 14.63
N SER C 25 -37.81 12.83 13.80
CA SER C 25 -38.16 11.47 14.25
C SER C 25 -38.41 10.54 13.08
N GLY C 26 -37.94 9.30 13.24
CA GLY C 26 -38.18 8.18 12.31
C GLY C 26 -37.25 8.27 11.12
N ASP C 27 -36.03 8.78 11.36
CA ASP C 27 -34.92 8.90 10.38
C ASP C 27 -33.69 9.51 11.07
N SER C 28 -32.55 9.42 10.38
CA SER C 28 -31.29 10.04 10.86
C SER C 28 -31.43 11.55 10.78
N PHE C 29 -31.39 12.15 11.97
CA PHE C 29 -31.35 13.61 12.21
C PHE C 29 -30.02 14.17 11.73
N THR C 30 -28.90 13.47 12.04
CA THR C 30 -27.50 13.91 11.78
C THR C 30 -27.03 13.65 10.33
N ALA C 31 -27.90 13.12 9.46
CA ALA C 31 -27.52 12.67 8.10
C ALA C 31 -27.58 13.84 7.13
N TYR C 32 -28.35 14.87 7.48
CA TYR C 32 -28.75 15.99 6.60
C TYR C 32 -29.01 17.26 7.41
N ASN C 33 -28.73 18.38 6.75
CA ASN C 33 -28.84 19.75 7.33
C ASN C 33 -30.29 20.03 7.67
N MET C 34 -30.54 20.71 8.79
CA MET C 34 -31.88 21.19 9.22
C MET C 34 -31.92 22.70 9.07
N ASN C 35 -32.77 23.20 8.18
CA ASN C 35 -32.82 24.63 7.80
C ASN C 35 -33.98 25.29 8.54
N TRP C 36 -33.94 26.62 8.65
CA TRP C 36 -35.08 27.45 9.09
C TRP C 36 -35.47 28.46 7.99
N VAL C 37 -36.76 28.76 7.90
CA VAL C 37 -37.40 29.62 6.87
C VAL C 37 -38.44 30.51 7.58
N LYS C 38 -38.43 31.81 7.31
CA LYS C 38 -39.41 32.79 7.88
C LYS C 38 -40.42 33.16 6.79
N GLN C 39 -41.70 32.90 7.04
CA GLN C 39 -42.82 33.37 6.20
C GLN C 39 -43.40 34.59 6.90
N SER C 40 -43.19 35.77 6.35
CA SER C 40 -43.62 37.05 6.93
C SER C 40 -44.63 37.71 5.98
N HIS C 41 -45.63 38.41 6.56
CA HIS C 41 -46.68 39.19 5.85
C HIS C 41 -47.62 38.26 5.04
N GLY C 42 -47.62 36.96 5.39
CA GLY C 42 -48.46 35.91 4.78
C GLY C 42 -47.96 35.38 3.45
N LYS C 43 -46.99 36.02 2.77
CA LYS C 43 -46.50 35.56 1.43
C LYS C 43 -44.96 35.48 1.40
N SER C 44 -44.27 36.49 1.91
CA SER C 44 -42.79 36.64 1.81
C SER C 44 -42.12 35.46 2.51
N LEU C 45 -41.14 34.84 1.84
CA LEU C 45 -40.40 33.66 2.37
C LEU C 45 -38.89 33.93 2.33
N GLU C 46 -38.25 34.04 3.48
CA GLU C 46 -36.79 34.27 3.59
C GLU C 46 -36.11 32.95 4.01
N TRP C 47 -34.84 32.76 3.64
CA TRP C 47 -34.01 31.68 4.21
C TRP C 47 -33.22 32.24 5.39
N ILE C 48 -33.36 31.64 6.59
CA ILE C 48 -32.77 32.16 7.86
C ILE C 48 -31.33 31.63 8.00
N GLY C 49 -31.13 30.36 7.70
CA GLY C 49 -29.85 29.65 7.90
C GLY C 49 -30.08 28.14 7.99
N ASN C 50 -29.00 27.39 8.15
CA ASN C 50 -29.08 25.95 8.42
C ASN C 50 -27.96 25.52 9.35
N ILE C 51 -28.11 24.31 9.90
CA ILE C 51 -27.11 23.65 10.79
C ILE C 51 -26.90 22.22 10.31
N ASN C 52 -25.65 21.79 10.26
CA ASN C 52 -25.24 20.38 10.05
C ASN C 52 -25.25 19.71 11.42
N PRO C 53 -26.29 18.92 11.75
CA PRO C 53 -26.51 18.45 13.13
C PRO C 53 -25.37 17.58 13.67
N TYR C 54 -24.61 16.90 12.81
CA TYR C 54 -23.44 16.07 13.17
C TYR C 54 -22.35 16.94 13.78
N TYR C 55 -21.86 17.89 12.99
CA TYR C 55 -20.73 18.80 13.34
C TYR C 55 -21.26 20.00 14.16
N GLY C 56 -22.56 20.33 14.06
CA GLY C 56 -23.18 21.49 14.72
C GLY C 56 -22.68 22.82 14.15
N SER C 57 -22.16 22.78 12.92
CA SER C 57 -21.70 23.96 12.13
C SER C 57 -22.92 24.64 11.51
N THR C 58 -22.91 25.96 11.47
CA THR C 58 -24.03 26.81 11.00
C THR C 58 -23.59 27.69 9.84
N ARG C 59 -24.45 27.81 8.82
CA ARG C 59 -24.43 28.88 7.79
C ARG C 59 -25.71 29.74 7.92
N TYR C 60 -25.57 31.02 8.21
CA TYR C 60 -26.67 32.00 8.31
C TYR C 60 -26.69 32.92 7.08
N ASN C 61 -27.89 33.21 6.56
CA ASN C 61 -28.19 34.40 5.73
C ASN C 61 -27.68 35.64 6.49
N GLN C 62 -27.05 36.57 5.76
CA GLN C 62 -26.52 37.86 6.31
C GLN C 62 -27.64 38.55 7.11
N LYS C 63 -28.83 38.64 6.50
CA LYS C 63 -30.02 39.35 7.04
C LYS C 63 -30.23 38.94 8.49
N PHE C 64 -30.20 37.62 8.77
CA PHE C 64 -30.57 37.03 10.08
C PHE C 64 -29.33 36.69 10.93
N LYS C 65 -28.11 36.90 10.41
CA LYS C 65 -26.92 36.92 11.28
C LYS C 65 -27.19 38.00 12.34
N GLY C 66 -26.98 37.68 13.61
CA GLY C 66 -27.17 38.64 14.72
C GLY C 66 -28.64 38.82 15.03
N LYS C 67 -29.47 37.85 14.65
CA LYS C 67 -30.84 37.73 15.19
C LYS C 67 -31.09 36.26 15.54
N ALA C 68 -31.03 35.38 14.54
CA ALA C 68 -31.32 33.94 14.68
C ALA C 68 -30.08 33.22 15.21
N THR C 69 -30.28 32.19 16.03
CA THR C 69 -29.19 31.31 16.53
C THR C 69 -29.57 29.84 16.48
N LEU C 70 -28.97 29.12 15.54
CA LEU C 70 -29.26 27.69 15.28
C LEU C 70 -28.44 26.80 16.21
N THR C 71 -29.09 26.11 17.15
CA THR C 71 -28.50 25.08 18.04
C THR C 71 -29.10 23.72 17.67
N VAL C 72 -28.54 22.65 18.24
CA VAL C 72 -28.98 21.24 17.98
C VAL C 72 -28.75 20.40 19.25
N ASP C 73 -29.75 19.63 19.70
CA ASP C 73 -29.59 18.57 20.73
C ASP C 73 -29.71 17.18 20.08
N LYS C 74 -28.60 16.44 20.04
CA LYS C 74 -28.47 15.27 19.13
C LYS C 74 -29.21 14.10 19.75
N SER C 75 -29.07 13.89 21.07
CA SER C 75 -29.70 12.78 21.84
C SER C 75 -31.19 12.68 21.51
N SER C 76 -31.91 13.81 21.53
CA SER C 76 -33.39 13.88 21.35
C SER C 76 -33.79 13.99 19.87
N SER C 77 -32.84 14.32 18.98
CA SER C 77 -33.07 14.60 17.54
C SER C 77 -33.91 15.89 17.41
N THR C 78 -33.50 16.95 18.08
CA THR C 78 -34.24 18.24 18.15
C THR C 78 -33.33 19.37 17.71
N ALA C 79 -33.75 20.11 16.67
CA ALA C 79 -33.12 21.37 16.21
C ALA C 79 -33.85 22.56 16.83
N TYR C 80 -33.07 23.53 17.33
CA TYR C 80 -33.59 24.80 17.89
C TYR C 80 -33.19 25.99 16.99
N ILE C 81 -33.91 27.10 17.19
CA ILE C 81 -33.59 28.48 16.72
C ILE C 81 -33.98 29.46 17.84
N GLN C 82 -33.05 30.31 18.26
CA GLN C 82 -33.32 31.37 19.28
C GLN C 82 -33.28 32.74 18.58
N LEU C 83 -34.27 33.60 18.85
CA LEU C 83 -34.38 34.93 18.23
C LEU C 83 -34.26 35.98 19.31
N ASN C 84 -33.30 36.92 19.19
CA ASN C 84 -32.92 37.86 20.27
C ASN C 84 -33.36 39.28 19.96
N SER C 85 -33.43 40.14 20.96
CA SER C 85 -33.83 41.57 20.87
C SER C 85 -35.11 41.67 20.04
N LEU C 86 -36.10 40.82 20.31
CA LEU C 86 -37.28 40.67 19.42
C LEU C 86 -37.95 42.03 19.27
N THR C 87 -38.27 42.41 18.03
CA THR C 87 -39.05 43.63 17.68
C THR C 87 -40.28 43.18 16.89
N SER C 88 -41.17 44.10 16.54
CA SER C 88 -42.46 43.76 15.90
C SER C 88 -42.23 43.22 14.49
N GLU C 89 -41.09 43.56 13.88
CA GLU C 89 -40.65 43.08 12.54
C GLU C 89 -40.41 41.57 12.56
N ASP C 90 -40.27 40.99 13.76
CA ASP C 90 -39.93 39.55 13.99
C ASP C 90 -41.19 38.70 13.94
N SER C 91 -42.34 39.29 14.22
CA SER C 91 -43.65 38.58 14.26
C SER C 91 -43.91 37.93 12.90
N ALA C 92 -43.90 36.60 12.83
CA ALA C 92 -44.03 35.83 11.57
C ALA C 92 -44.16 34.35 11.89
N VAL C 93 -44.41 33.52 10.88
CA VAL C 93 -44.37 32.03 10.98
C VAL C 93 -42.96 31.60 10.62
N TYR C 94 -42.35 30.74 11.45
CA TYR C 94 -41.01 30.15 11.25
C TYR C 94 -41.17 28.63 11.07
N TYR C 95 -40.54 28.09 10.03
CA TYR C 95 -40.61 26.66 9.64
C TYR C 95 -39.21 26.04 9.76
N CYS C 96 -39.10 24.86 10.35
CA CYS C 96 -37.92 23.99 10.18
C CYS C 96 -38.23 23.12 8.96
N ALA C 97 -37.22 22.85 8.15
CA ALA C 97 -37.35 22.05 6.91
C ALA C 97 -36.06 21.27 6.69
N ARG C 98 -36.17 19.99 6.35
CA ARG C 98 -34.99 19.10 6.14
C ARG C 98 -34.52 19.21 4.69
N GLU C 99 -33.21 19.40 4.52
CA GLU C 99 -32.50 19.60 3.24
C GLU C 99 -31.96 18.24 2.77
N GLY C 100 -32.72 17.57 1.88
CA GLY C 100 -32.24 16.43 1.07
C GLY C 100 -30.99 16.80 0.29
N ASN C 101 -30.21 15.80 -0.10
CA ASN C 101 -28.89 16.00 -0.75
C ASN C 101 -28.44 14.70 -1.41
N TYR C 102 -28.10 14.72 -2.71
CA TYR C 102 -27.44 13.58 -3.40
C TYR C 102 -26.51 14.10 -4.51
N TYR C 103 -25.72 13.22 -5.13
CA TYR C 103 -24.75 13.55 -6.21
C TYR C 103 -25.27 12.92 -7.50
N ASP C 104 -25.44 13.76 -8.54
CA ASP C 104 -25.61 13.36 -9.96
C ASP C 104 -24.49 13.99 -10.79
N GLY C 105 -23.38 14.35 -10.17
CA GLY C 105 -22.29 15.12 -10.80
C GLY C 105 -22.15 16.45 -10.09
N GLY C 106 -23.30 17.03 -9.76
CA GLY C 106 -23.37 18.17 -8.83
C GLY C 106 -24.04 17.78 -7.52
N SER C 107 -23.91 18.64 -6.53
CA SER C 107 -24.69 18.62 -5.26
C SER C 107 -26.12 19.14 -5.49
N VAL C 108 -27.09 18.22 -5.61
CA VAL C 108 -28.57 18.43 -5.62
C VAL C 108 -29.07 18.75 -4.21
N ARG C 109 -30.01 19.68 -4.06
CA ARG C 109 -30.40 20.30 -2.76
C ARG C 109 -31.85 20.80 -2.79
N TYR C 110 -32.69 20.31 -1.88
CA TYR C 110 -34.16 20.54 -1.84
C TYR C 110 -34.68 20.39 -0.42
N PHE C 111 -35.61 21.26 -0.02
CA PHE C 111 -36.36 21.13 1.26
C PHE C 111 -37.56 20.21 1.02
N ASP C 112 -37.43 18.96 1.45
CA ASP C 112 -38.40 17.89 1.09
C ASP C 112 -39.49 17.78 2.18
N TYR C 113 -39.14 17.94 3.47
CA TYR C 113 -40.09 17.79 4.59
C TYR C 113 -40.01 19.01 5.50
N TRP C 114 -41.16 19.53 5.93
CA TRP C 114 -41.32 20.83 6.63
C TRP C 114 -42.11 20.62 7.91
N GLY C 115 -41.82 21.40 8.94
CA GLY C 115 -42.61 21.36 10.19
C GLY C 115 -43.95 22.00 9.95
N GLN C 116 -44.87 21.92 10.92
CA GLN C 116 -46.21 22.55 10.82
C GLN C 116 -46.06 24.07 10.95
N GLY C 117 -44.87 24.55 11.33
CA GLY C 117 -44.55 25.98 11.47
C GLY C 117 -44.89 26.47 12.86
N THR C 118 -44.44 27.68 13.22
CA THR C 118 -44.65 28.24 14.59
C THR C 118 -44.85 29.76 14.52
N THR C 119 -45.93 30.25 15.12
CA THR C 119 -46.31 31.68 15.13
C THR C 119 -45.62 32.41 16.26
N LEU C 120 -44.73 33.34 15.95
CA LEU C 120 -44.15 34.33 16.90
C LEU C 120 -44.91 35.66 16.78
N THR C 121 -45.49 36.16 17.87
CA THR C 121 -46.26 37.43 17.91
C THR C 121 -45.61 38.33 18.95
N VAL C 122 -44.95 39.40 18.53
CA VAL C 122 -44.23 40.33 19.44
C VAL C 122 -45.06 41.60 19.57
N SER C 123 -45.49 41.96 20.79
CA SER C 123 -46.23 43.20 21.10
C SER C 123 -46.00 43.55 22.56
N SER C 124 -45.91 44.84 22.89
CA SER C 124 -45.83 45.31 24.29
C SER C 124 -47.22 45.71 24.79
N ALA C 125 -48.29 45.27 24.08
CA ALA C 125 -49.71 45.53 24.42
C ALA C 125 -50.15 44.58 25.55
N LYS C 126 -51.11 45.02 26.36
CA LYS C 126 -51.63 44.28 27.53
C LYS C 126 -52.95 43.62 27.13
N THR C 127 -53.20 42.40 27.63
CA THR C 127 -54.40 41.59 27.30
C THR C 127 -55.63 42.47 27.52
N THR C 128 -56.42 42.70 26.46
CA THR C 128 -57.51 43.70 26.39
C THR C 128 -58.72 43.13 25.66
N ALA C 129 -59.91 43.47 26.12
CA ALA C 129 -61.19 42.86 25.66
C ALA C 129 -61.84 43.79 24.66
N PRO C 130 -62.63 43.25 23.70
CA PRO C 130 -63.20 44.05 22.62
C PRO C 130 -64.43 44.87 23.03
N SER C 131 -64.58 46.09 22.50
CA SER C 131 -65.86 46.81 22.44
C SER C 131 -66.60 46.33 21.18
N VAL C 132 -67.79 45.76 21.34
CA VAL C 132 -68.58 45.17 20.23
C VAL C 132 -69.73 46.12 19.92
N TYR C 133 -69.71 46.77 18.76
CA TYR C 133 -70.70 47.79 18.32
C TYR C 133 -71.62 47.18 17.26
N PRO C 134 -72.96 47.31 17.41
CA PRO C 134 -73.89 46.86 16.38
C PRO C 134 -73.96 47.89 15.24
N LEU C 135 -74.09 47.41 14.01
CA LEU C 135 -74.26 48.26 12.82
C LEU C 135 -75.59 47.92 12.17
N ALA C 136 -76.58 48.81 12.31
CA ALA C 136 -77.89 48.77 11.65
C ALA C 136 -77.89 49.76 10.50
N PRO C 137 -78.67 49.53 9.41
CA PRO C 137 -78.64 50.38 8.24
C PRO C 137 -79.06 51.81 8.62
N VAL C 138 -78.83 52.75 7.71
CA VAL C 138 -79.29 54.17 7.86
C VAL C 138 -80.82 54.18 8.03
N CYS C 139 -81.35 55.07 8.86
CA CYS C 139 -82.82 55.26 9.06
C CYS C 139 -83.45 55.56 7.67
N GLY C 140 -84.50 54.83 7.27
CA GLY C 140 -85.12 54.91 5.93
C GLY C 140 -84.46 53.96 4.94
N SER C 143 -84.13 50.39 0.35
CA SER C 143 -85.35 49.71 -0.17
C SER C 143 -85.06 48.26 -0.58
N GLY C 144 -83.84 47.76 -0.36
CA GLY C 144 -83.29 46.54 -0.98
C GLY C 144 -84.13 45.30 -0.71
N SER C 145 -84.26 44.41 -1.72
CA SER C 145 -84.87 43.07 -1.63
C SER C 145 -84.23 42.28 -0.47
N SER C 146 -82.90 42.39 -0.35
CA SER C 146 -82.10 41.85 0.79
C SER C 146 -81.41 43.01 1.52
N VAL C 147 -81.40 42.98 2.87
CA VAL C 147 -80.81 44.03 3.75
C VAL C 147 -79.50 43.45 4.33
N THR C 148 -78.49 44.31 4.54
CA THR C 148 -77.16 43.95 5.11
C THR C 148 -76.93 44.66 6.44
N LEU C 149 -76.56 43.89 7.48
CA LEU C 149 -76.29 44.34 8.87
C LEU C 149 -74.87 43.96 9.24
N GLY C 150 -74.30 44.66 10.22
CA GLY C 150 -72.87 44.56 10.53
C GLY C 150 -72.58 44.36 12.01
N CYS C 151 -71.34 44.01 12.30
CA CYS C 151 -70.76 44.01 13.66
C CYS C 151 -69.32 44.48 13.58
N LEU C 152 -68.95 45.34 14.52
CA LEU C 152 -67.61 45.97 14.64
C LEU C 152 -67.03 45.56 16.00
N VAL C 153 -65.89 44.89 15.97
CA VAL C 153 -65.18 44.39 17.18
C VAL C 153 -63.92 45.23 17.32
N LYS C 154 -63.99 46.25 18.15
CA LYS C 154 -62.96 47.30 18.18
C LYS C 154 -62.12 47.15 19.45
N GLY C 155 -60.80 46.97 19.27
CA GLY C 155 -59.73 47.31 20.24
C GLY C 155 -59.41 46.20 21.24
N TYR C 156 -59.03 45.02 20.76
CA TYR C 156 -58.79 43.83 21.60
C TYR C 156 -57.36 43.33 21.42
N PHE C 157 -56.86 42.58 22.40
CA PHE C 157 -55.53 41.93 22.34
C PHE C 157 -55.47 40.74 23.29
N PRO C 158 -54.80 39.62 22.94
CA PRO C 158 -54.32 39.39 21.57
C PRO C 158 -55.42 38.74 20.74
N GLU C 159 -55.07 38.29 19.54
CA GLU C 159 -55.93 37.43 18.73
C GLU C 159 -55.91 36.02 19.28
N PRO C 160 -56.96 35.21 19.01
CA PRO C 160 -58.09 35.61 18.16
C PRO C 160 -59.40 35.95 18.89
N VAL C 161 -60.46 36.24 18.12
CA VAL C 161 -61.88 36.24 18.59
C VAL C 161 -62.66 35.18 17.79
N THR C 162 -63.93 34.96 18.12
CA THR C 162 -64.87 34.11 17.34
C THR C 162 -66.14 34.93 17.16
N LEU C 163 -66.49 35.32 15.95
CA LEU C 163 -67.73 36.09 15.74
C LEU C 163 -68.74 35.23 14.98
N THR C 164 -69.85 34.86 15.61
CA THR C 164 -70.95 34.09 14.95
C THR C 164 -72.27 34.87 15.03
N TRP C 165 -73.23 34.53 14.17
CA TRP C 165 -74.57 35.17 14.13
C TRP C 165 -75.63 34.18 14.61
N ASN C 166 -76.49 34.64 15.52
CA ASN C 166 -77.58 33.84 16.15
C ASN C 166 -76.99 32.48 16.56
N SER C 167 -75.85 32.52 17.27
CA SER C 167 -75.15 31.37 17.90
C SER C 167 -74.64 30.36 16.86
N GLY C 168 -74.47 30.77 15.60
CA GLY C 168 -73.94 29.93 14.51
C GLY C 168 -75.01 29.52 13.51
N SER C 169 -76.28 29.59 13.92
CA SER C 169 -77.47 29.10 13.17
C SER C 169 -77.61 29.88 11.86
N LEU C 170 -77.44 31.20 11.94
CA LEU C 170 -77.36 32.08 10.76
C LEU C 170 -75.93 32.07 10.22
N SER C 171 -75.75 31.52 9.00
CA SER C 171 -74.46 31.11 8.39
C SER C 171 -74.30 31.66 6.98
N SER C 172 -75.33 31.52 6.14
CA SER C 172 -75.36 32.04 4.75
C SER C 172 -75.43 33.59 4.79
N GLY C 173 -74.69 34.26 3.91
CA GLY C 173 -74.76 35.72 3.73
C GLY C 173 -73.74 36.47 4.58
N VAL C 174 -72.86 35.73 5.27
CA VAL C 174 -71.91 36.29 6.28
C VAL C 174 -70.53 36.41 5.64
N HIS C 175 -69.91 37.56 5.82
CA HIS C 175 -68.49 37.82 5.51
C HIS C 175 -67.87 38.34 6.81
N THR C 176 -66.85 37.64 7.33
CA THR C 176 -66.10 38.02 8.55
C THR C 176 -64.66 38.26 8.16
N PHE C 177 -64.17 39.46 8.44
CA PHE C 177 -62.95 40.02 7.83
C PHE C 177 -61.77 39.82 8.76
N PRO C 178 -60.57 39.57 8.18
CA PRO C 178 -59.33 39.55 8.93
C PRO C 178 -59.13 40.74 9.88
N ALA C 179 -58.56 40.43 11.05
CA ALA C 179 -58.10 41.41 12.05
C ALA C 179 -57.05 42.30 11.38
N VAL C 180 -57.16 43.59 11.58
CA VAL C 180 -56.10 44.56 11.19
C VAL C 180 -55.69 45.25 12.48
N LEU C 181 -54.40 45.52 12.66
CA LEU C 181 -53.91 46.27 13.83
C LEU C 181 -54.47 47.69 13.78
N GLN C 182 -55.18 48.11 14.82
CA GLN C 182 -55.54 49.53 15.08
C GLN C 182 -54.60 49.99 16.20
N SER C 183 -53.61 50.82 15.91
CA SER C 183 -52.47 51.09 16.85
C SER C 183 -51.84 49.74 17.23
N ASP C 184 -51.75 49.43 18.54
CA ASP C 184 -51.11 48.20 19.10
C ASP C 184 -52.18 47.12 19.36
N LEU C 185 -53.48 47.52 19.38
CA LEU C 185 -54.67 46.64 19.52
C LEU C 185 -55.15 46.21 18.13
N TYR C 186 -56.24 45.44 18.07
CA TYR C 186 -56.78 44.81 16.83
C TYR C 186 -58.22 45.27 16.59
N THR C 187 -58.65 45.35 15.33
CA THR C 187 -60.08 45.55 14.95
C THR C 187 -60.47 44.50 13.91
N LEU C 188 -61.75 44.18 13.87
CA LEU C 188 -62.31 43.14 13.00
C LEU C 188 -63.74 43.55 12.72
N SER C 189 -64.31 43.07 11.63
CA SER C 189 -65.70 43.43 11.24
C SER C 189 -66.36 42.20 10.61
N SER C 190 -67.69 42.14 10.68
CA SER C 190 -68.49 41.10 10.00
C SER C 190 -69.77 41.73 9.48
N SER C 191 -70.19 41.29 8.30
CA SER C 191 -71.45 41.69 7.63
C SER C 191 -72.30 40.46 7.48
N VAL C 192 -73.62 40.64 7.42
CA VAL C 192 -74.55 39.54 7.07
C VAL C 192 -75.75 40.13 6.32
N THR C 193 -76.09 39.51 5.19
CA THR C 193 -77.22 39.87 4.29
C THR C 193 -78.35 38.85 4.39
N VAL C 194 -79.60 39.32 4.45
CA VAL C 194 -80.83 38.46 4.48
C VAL C 194 -82.00 39.19 3.80
N THR C 195 -82.91 38.43 3.19
CA THR C 195 -84.16 38.92 2.53
C THR C 195 -84.80 39.98 3.46
N SER C 196 -85.35 41.05 2.86
CA SER C 196 -85.89 42.27 3.51
C SER C 196 -86.84 41.98 4.68
N SER C 197 -87.65 40.92 4.53
CA SER C 197 -88.76 40.56 5.46
C SER C 197 -88.22 39.82 6.68
N THR C 198 -86.97 39.34 6.64
CA THR C 198 -86.29 38.67 7.78
C THR C 198 -85.96 39.69 8.87
N TRP C 199 -85.94 41.00 8.57
CA TRP C 199 -85.52 42.03 9.54
C TRP C 199 -86.23 43.36 9.31
N PRO C 200 -86.69 44.08 10.37
CA PRO C 200 -86.44 43.72 11.78
C PRO C 200 -87.38 42.65 12.36
N SER C 201 -88.22 42.06 11.49
CA SER C 201 -89.24 41.01 11.76
C SER C 201 -88.71 39.96 12.76
N GLN C 202 -87.57 39.34 12.45
CA GLN C 202 -86.88 38.34 13.31
C GLN C 202 -85.66 38.98 13.97
N SER C 203 -85.42 38.67 15.23
CA SER C 203 -84.17 38.96 15.98
C SER C 203 -82.96 38.50 15.17
N ILE C 204 -81.84 39.23 15.27
CA ILE C 204 -80.49 38.84 14.73
C ILE C 204 -79.41 39.42 15.65
N THR C 205 -78.50 38.57 16.15
CA THR C 205 -77.51 38.90 17.21
C THR C 205 -76.10 38.56 16.73
N CYS C 206 -75.13 39.38 17.11
CA CYS C 206 -73.68 39.22 16.86
C CYS C 206 -73.01 38.64 18.12
N ASN C 207 -72.45 37.43 18.03
CA ASN C 207 -71.86 36.71 19.19
C ASN C 207 -70.33 36.69 19.07
N VAL C 208 -69.63 37.38 19.97
CA VAL C 208 -68.14 37.57 19.95
C VAL C 208 -67.53 36.95 21.21
N ALA C 209 -66.64 35.96 21.04
CA ALA C 209 -65.91 35.31 22.15
C ALA C 209 -64.46 35.75 22.08
N HIS C 210 -63.92 36.34 23.15
CA HIS C 210 -62.46 36.66 23.30
C HIS C 210 -61.87 35.76 24.39
N PRO C 211 -61.41 34.54 24.04
CA PRO C 211 -60.92 33.60 25.03
C PRO C 211 -59.73 34.11 25.84
N ALA C 212 -58.98 35.09 25.33
CA ALA C 212 -57.81 35.64 26.02
C ALA C 212 -58.21 36.47 27.24
N SER C 213 -59.43 37.03 27.28
CA SER C 213 -59.95 37.83 28.41
C SER C 213 -61.20 37.17 29.00
N SER C 214 -61.47 35.93 28.61
CA SER C 214 -62.60 35.11 29.13
C SER C 214 -63.90 35.89 29.03
N THR C 215 -64.05 36.77 28.04
CA THR C 215 -65.29 37.58 27.88
C THR C 215 -66.14 37.00 26.75
N LYS C 216 -67.39 37.43 26.72
CA LYS C 216 -68.40 37.05 25.71
C LYS C 216 -69.43 38.18 25.69
N VAL C 217 -69.76 38.69 24.50
CA VAL C 217 -70.72 39.80 24.29
C VAL C 217 -71.63 39.47 23.10
N ASP C 218 -72.94 39.62 23.33
CA ASP C 218 -73.99 39.47 22.29
C ASP C 218 -74.71 40.81 22.16
N LYS C 219 -74.58 41.45 20.99
CA LYS C 219 -75.32 42.69 20.62
C LYS C 219 -76.37 42.35 19.55
N LYS C 220 -77.65 42.59 19.87
CA LYS C 220 -78.76 42.48 18.90
C LYS C 220 -78.77 43.75 18.05
N ILE C 221 -78.76 43.58 16.73
CA ILE C 221 -78.93 44.69 15.75
C ILE C 221 -80.38 45.17 15.85
N GLU C 222 -80.61 46.38 16.35
CA GLU C 222 -81.96 46.99 16.54
C GLU C 222 -82.11 48.17 15.58
N PRO C 223 -83.32 48.40 14.99
CA PRO C 223 -83.53 49.54 14.09
C PRO C 223 -83.24 50.83 14.85
N ARG C 224 -82.30 51.63 14.33
CA ARG C 224 -81.73 52.88 14.92
C ARG C 224 -82.71 53.47 15.96
N GLY D 12 -20.98 -29.98 26.51
CA GLY D 12 -20.59 -30.49 25.17
C GLY D 12 -19.79 -29.45 24.40
N SER D 13 -20.32 -28.22 24.34
CA SER D 13 -19.62 -27.00 23.81
C SER D 13 -18.17 -26.99 24.25
N SER D 14 -17.90 -27.63 25.39
CA SER D 14 -16.59 -27.83 26.06
C SER D 14 -15.53 -28.40 25.10
N VAL D 15 -15.91 -29.28 24.17
CA VAL D 15 -14.93 -29.96 23.26
C VAL D 15 -14.13 -28.87 22.53
N TYR D 16 -14.81 -27.81 22.09
CA TYR D 16 -14.23 -26.60 21.44
C TYR D 16 -13.23 -25.96 22.40
N ILE D 17 -13.69 -25.57 23.59
CA ILE D 17 -12.93 -24.84 24.65
C ILE D 17 -11.57 -25.51 24.92
N THR D 18 -11.49 -26.83 24.77
CA THR D 18 -10.24 -27.63 25.02
C THR D 18 -9.43 -27.70 23.72
N VAL D 19 -10.02 -28.22 22.62
CA VAL D 19 -9.37 -28.35 21.28
C VAL D 19 -8.70 -27.00 20.97
N GLU D 20 -9.28 -25.90 21.42
CA GLU D 20 -8.69 -24.54 21.25
C GLU D 20 -7.41 -24.41 22.07
N LEU D 21 -7.49 -24.64 23.39
CA LEU D 21 -6.36 -24.53 24.36
C LEU D 21 -5.27 -25.58 24.05
N ALA D 22 -5.65 -26.78 23.62
CA ALA D 22 -4.74 -27.81 23.06
C ALA D 22 -3.86 -27.16 22.01
N ILE D 23 -4.50 -26.57 20.99
CA ILE D 23 -3.86 -25.87 19.85
C ILE D 23 -3.04 -24.68 20.37
N ALA D 24 -3.64 -23.85 21.23
CA ALA D 24 -3.00 -22.67 21.86
C ALA D 24 -1.62 -23.01 22.43
N VAL D 25 -1.46 -24.21 23.02
CA VAL D 25 -0.24 -24.62 23.78
C VAL D 25 0.79 -25.20 22.79
N LEU D 26 0.35 -26.05 21.85
CA LEU D 26 1.14 -26.51 20.68
C LEU D 26 1.82 -25.31 20.00
N ALA D 27 1.06 -24.25 19.74
CA ALA D 27 1.53 -23.06 19.00
C ALA D 27 2.64 -22.38 19.80
N ILE D 28 2.55 -22.41 21.14
CA ILE D 28 3.57 -21.71 21.99
C ILE D 28 4.84 -22.54 21.97
N LEU D 29 4.72 -23.87 22.06
CA LEU D 29 5.85 -24.84 22.19
C LEU D 29 6.57 -24.99 20.85
N GLY D 30 5.85 -25.39 19.81
CA GLY D 30 6.36 -25.51 18.42
C GLY D 30 7.14 -24.29 17.95
N ASN D 31 6.61 -23.08 18.16
CA ASN D 31 7.15 -21.81 17.56
C ASN D 31 8.15 -21.14 18.52
N VAL D 32 8.13 -21.43 19.82
CA VAL D 32 9.22 -20.96 20.73
C VAL D 32 10.51 -21.70 20.35
N LEU D 33 10.36 -22.96 19.94
CA LEU D 33 11.46 -23.87 19.52
C LEU D 33 12.09 -23.34 18.23
N VAL D 34 11.26 -22.82 17.33
CA VAL D 34 11.75 -22.14 16.10
C VAL D 34 12.61 -20.96 16.55
N CYS D 35 11.98 -19.97 17.20
CA CYS D 35 12.60 -18.71 17.68
C CYS D 35 13.89 -18.97 18.47
N TRP D 36 13.94 -20.04 19.27
CA TRP D 36 15.16 -20.41 20.01
C TRP D 36 16.25 -20.82 19.00
N ALA D 37 15.92 -21.78 18.12
CA ALA D 37 16.84 -22.43 17.14
C ALA D 37 17.62 -21.36 16.37
N VAL D 38 16.94 -20.28 15.97
CA VAL D 38 17.54 -19.16 15.19
C VAL D 38 18.48 -18.35 16.11
N TRP D 39 18.07 -18.07 17.34
CA TRP D 39 18.88 -17.28 18.31
C TRP D 39 20.20 -18.00 18.51
N LEU D 40 20.17 -19.33 18.46
CA LEU D 40 21.28 -20.25 18.83
C LEU D 40 22.28 -20.41 17.67
N ASN D 41 21.84 -21.08 16.59
CA ASN D 41 22.67 -21.58 15.45
C ASN D 41 22.92 -20.45 14.41
N SER D 42 24.17 -20.00 14.25
CA SER D 42 24.56 -18.99 13.25
C SER D 42 23.97 -19.39 11.90
N ASN D 43 24.27 -20.60 11.44
CA ASN D 43 23.78 -21.09 10.12
C ASN D 43 22.33 -20.72 9.88
N LEU D 44 21.56 -20.44 10.93
CA LEU D 44 20.11 -20.13 10.78
C LEU D 44 19.90 -18.63 10.69
N GLN D 45 20.80 -17.82 11.27
CA GLN D 45 20.74 -16.34 11.21
C GLN D 45 21.04 -15.88 9.77
N ASN D 46 20.04 -15.90 8.90
CA ASN D 46 20.10 -15.35 7.51
C ASN D 46 18.76 -14.65 7.23
N VAL D 47 18.73 -13.75 6.24
CA VAL D 47 17.57 -12.85 5.96
C VAL D 47 16.29 -13.69 5.88
N THR D 48 16.27 -14.69 5.00
CA THR D 48 15.10 -15.55 4.74
C THR D 48 14.46 -15.92 6.09
N ASN D 49 15.29 -16.22 7.11
CA ASN D 49 14.89 -16.81 8.43
C ASN D 49 14.46 -15.72 9.43
N TYR D 50 15.01 -14.52 9.39
CA TYR D 50 14.50 -13.38 10.20
C TYR D 50 13.00 -13.23 9.94
N PHE D 51 12.55 -13.52 8.72
CA PHE D 51 11.13 -13.50 8.33
C PHE D 51 10.41 -14.73 8.90
N VAL D 52 11.08 -15.89 8.95
CA VAL D 52 10.53 -17.14 9.56
C VAL D 52 10.37 -16.99 11.09
N VAL D 53 11.15 -16.11 11.72
CA VAL D 53 10.95 -15.68 13.14
C VAL D 53 9.72 -14.78 13.23
N SER D 54 9.73 -13.63 12.55
CA SER D 54 8.61 -12.67 12.49
C SER D 54 7.28 -13.44 12.34
N LEU D 55 7.35 -14.64 11.74
CA LEU D 55 6.20 -15.55 11.51
C LEU D 55 5.94 -16.38 12.77
N ALA D 56 6.99 -17.01 13.30
CA ALA D 56 6.97 -17.72 14.61
C ALA D 56 6.53 -16.76 15.71
N ALA D 57 7.20 -15.60 15.81
CA ALA D 57 6.85 -14.48 16.72
C ALA D 57 5.33 -14.31 16.77
N ALA D 58 4.69 -14.32 15.61
CA ALA D 58 3.23 -14.10 15.46
C ALA D 58 2.45 -15.34 15.94
N ASP D 59 2.70 -16.50 15.35
CA ASP D 59 1.97 -17.76 15.65
C ASP D 59 2.09 -18.09 17.17
N ILE D 60 3.17 -17.64 17.86
CA ILE D 60 3.28 -17.72 19.35
C ILE D 60 2.11 -16.95 19.96
N LEU D 61 2.01 -15.66 19.60
CA LEU D 61 1.08 -14.68 20.23
C LEU D 61 -0.37 -15.04 19.90
N VAL D 62 -0.59 -15.94 18.93
CA VAL D 62 -1.93 -16.52 18.63
C VAL D 62 -2.32 -17.36 19.83
N GLY D 63 -1.43 -18.27 20.24
CA GLY D 63 -1.60 -19.13 21.42
C GLY D 63 -1.73 -18.36 22.73
N VAL D 64 -0.84 -17.38 22.97
CA VAL D 64 -0.79 -16.59 24.23
C VAL D 64 -2.01 -15.67 24.35
N LEU D 65 -2.47 -15.05 23.26
CA LEU D 65 -3.46 -13.93 23.30
C LEU D 65 -4.68 -14.20 22.39
N ALA D 66 -4.48 -14.48 21.10
CA ALA D 66 -5.59 -14.51 20.12
C ALA D 66 -6.62 -15.57 20.49
N ILE D 67 -6.18 -16.72 21.02
CA ILE D 67 -7.05 -17.89 21.35
C ILE D 67 -7.88 -17.56 22.58
N PRO D 68 -7.28 -17.15 23.72
CA PRO D 68 -8.03 -16.60 24.84
C PRO D 68 -9.11 -15.61 24.39
N PHE D 69 -8.72 -14.68 23.50
CA PHE D 69 -9.61 -13.66 22.88
C PHE D 69 -10.75 -14.36 22.14
N ALA D 70 -10.40 -15.34 21.32
CA ALA D 70 -11.34 -16.12 20.50
C ALA D 70 -12.33 -16.90 21.39
N ILE D 71 -11.98 -17.12 22.66
CA ILE D 71 -12.79 -17.92 23.64
C ILE D 71 -13.73 -16.99 24.42
N THR D 72 -13.26 -15.83 24.88
CA THR D 72 -14.10 -14.85 25.62
C THR D 72 -15.10 -14.21 24.64
N ILE D 73 -14.67 -13.94 23.40
CA ILE D 73 -15.57 -13.44 22.31
C ILE D 73 -16.60 -14.51 22.03
N SER D 74 -16.21 -15.78 22.04
CA SER D 74 -17.10 -16.94 21.78
C SER D 74 -18.37 -16.79 22.62
N THR D 75 -18.24 -16.44 23.90
CA THR D 75 -19.34 -16.40 24.89
C THR D 75 -20.32 -15.26 24.61
N GLY D 76 -19.83 -14.10 24.20
CA GLY D 76 -20.68 -12.90 24.06
C GLY D 76 -20.70 -12.11 25.35
N PHE D 77 -19.53 -11.95 25.98
CA PHE D 77 -19.34 -11.18 27.24
C PHE D 77 -19.56 -9.69 26.97
N CYS D 78 -19.80 -8.93 28.05
CA CYS D 78 -20.06 -7.46 28.03
C CYS D 78 -18.72 -6.70 28.15
N ALA D 79 -18.57 -5.62 27.37
CA ALA D 79 -17.42 -4.72 27.35
C ALA D 79 -17.81 -3.45 26.60
N ALA D 80 -17.07 -2.35 26.82
CA ALA D 80 -17.15 -1.12 25.99
C ALA D 80 -16.65 -1.46 24.58
N CYS D 81 -17.22 -0.83 23.56
CA CYS D 81 -16.99 -1.17 22.14
C CYS D 81 -15.48 -1.13 21.82
N HIS D 82 -14.72 -0.13 22.29
CA HIS D 82 -13.28 0.06 21.92
C HIS D 82 -12.41 -1.06 22.51
N GLY D 83 -12.48 -1.26 23.83
CA GLY D 83 -11.82 -2.39 24.51
C GLY D 83 -12.32 -3.74 24.00
N CYS D 84 -13.50 -3.80 23.36
CA CYS D 84 -14.10 -5.05 22.81
C CYS D 84 -13.54 -5.44 21.45
N LEU D 85 -13.51 -4.46 20.52
CA LEU D 85 -13.00 -4.61 19.13
C LEU D 85 -11.59 -5.18 19.18
N PHE D 86 -10.76 -4.72 20.13
CA PHE D 86 -9.32 -5.09 20.24
C PHE D 86 -9.22 -6.61 20.39
N ILE D 87 -10.07 -7.19 21.24
CA ILE D 87 -10.14 -8.66 21.44
C ILE D 87 -10.51 -9.32 20.09
N ALA D 88 -11.59 -8.83 19.47
CA ALA D 88 -12.09 -9.27 18.16
C ALA D 88 -11.00 -9.12 17.10
N CYS D 89 -10.26 -8.00 17.12
CA CYS D 89 -9.42 -7.48 15.99
C CYS D 89 -7.93 -7.81 16.15
N PHE D 90 -7.47 -8.39 17.25
CA PHE D 90 -6.02 -8.60 17.45
C PHE D 90 -5.56 -9.84 16.68
N VAL D 91 -6.48 -10.75 16.37
CA VAL D 91 -6.16 -11.97 15.56
C VAL D 91 -5.81 -11.47 14.17
N LEU D 92 -6.44 -10.37 13.73
CA LEU D 92 -6.38 -9.83 12.33
C LEU D 92 -5.01 -9.21 12.05
N VAL D 93 -4.46 -8.49 13.02
CA VAL D 93 -3.11 -7.85 12.93
C VAL D 93 -2.08 -8.99 12.86
N LEU D 94 -2.27 -10.11 13.57
CA LEU D 94 -1.33 -11.27 13.53
C LEU D 94 -1.43 -12.00 12.18
N ALA D 95 -2.65 -12.28 11.70
CA ALA D 95 -2.93 -12.84 10.36
C ALA D 95 -2.19 -12.03 9.30
N GLN D 96 -2.19 -10.70 9.46
CA GLN D 96 -1.57 -9.73 8.53
C GLN D 96 -0.05 -9.92 8.51
N SER D 97 0.59 -9.78 9.68
CA SER D 97 2.07 -9.90 9.86
C SER D 97 2.53 -11.33 9.56
N SER D 98 1.59 -12.27 9.39
CA SER D 98 1.88 -13.62 8.85
C SER D 98 2.08 -13.49 7.34
N ILE D 99 1.13 -12.85 6.65
CA ILE D 99 1.09 -12.77 5.16
C ILE D 99 2.27 -11.93 4.68
N PHE D 100 2.59 -10.85 5.39
CA PHE D 100 3.75 -9.98 5.11
C PHE D 100 5.05 -10.81 5.17
N SER D 101 5.18 -11.66 6.19
CA SER D 101 6.36 -12.53 6.34
C SER D 101 6.36 -13.58 5.23
N LEU D 102 5.24 -14.29 5.05
CA LEU D 102 5.08 -15.36 4.03
C LEU D 102 5.47 -14.85 2.65
N LEU D 103 5.16 -13.57 2.37
CA LEU D 103 5.40 -12.90 1.06
C LEU D 103 6.86 -12.49 0.94
N ALA D 104 7.38 -11.82 1.98
CA ALA D 104 8.78 -11.42 2.13
C ALA D 104 9.71 -12.62 1.88
N ILE D 105 9.31 -13.81 2.33
CA ILE D 105 10.06 -15.07 2.08
C ILE D 105 10.03 -15.33 0.57
N ALA D 106 8.82 -15.39 -0.02
CA ALA D 106 8.57 -15.77 -1.43
C ALA D 106 9.38 -14.86 -2.37
N ILE D 107 9.54 -13.58 -2.02
CA ILE D 107 10.25 -12.59 -2.88
C ILE D 107 11.77 -12.77 -2.69
N ASP D 108 12.23 -12.84 -1.44
CA ASP D 108 13.62 -13.24 -1.11
C ASP D 108 14.00 -14.46 -1.98
N ARG D 109 13.11 -15.45 -2.10
CA ARG D 109 13.37 -16.73 -2.83
C ARG D 109 13.32 -16.49 -4.35
N TYR D 110 12.42 -15.63 -4.83
CA TYR D 110 12.41 -15.16 -6.24
C TYR D 110 13.79 -14.60 -6.60
N ILE D 111 14.25 -13.56 -5.89
CA ILE D 111 15.56 -12.87 -6.13
C ILE D 111 16.66 -13.92 -6.19
N ALA D 112 16.80 -14.67 -5.10
CA ALA D 112 17.88 -15.63 -4.83
C ALA D 112 18.04 -16.60 -5.99
N ILE D 113 16.93 -17.02 -6.61
CA ILE D 113 16.86 -18.15 -7.60
C ILE D 113 16.68 -17.61 -9.03
N ARG D 114 15.89 -16.57 -9.24
CA ARG D 114 15.67 -16.00 -10.59
C ARG D 114 16.86 -15.11 -10.93
N ILE D 115 17.28 -14.24 -10.00
CA ILE D 115 18.41 -13.29 -10.21
C ILE D 115 19.47 -13.52 -9.15
N PRO D 116 20.11 -14.72 -9.13
CA PRO D 116 21.13 -15.04 -8.15
C PRO D 116 22.22 -13.98 -8.04
N LEU D 117 22.68 -13.46 -9.19
CA LEU D 117 23.93 -12.67 -9.33
C LEU D 117 23.78 -11.30 -8.65
N ARG D 118 22.55 -10.88 -8.33
CA ARG D 118 22.27 -9.57 -7.68
C ARG D 118 21.99 -9.78 -6.18
N TYR D 119 21.63 -10.99 -5.75
CA TYR D 119 21.12 -11.29 -4.38
C TYR D 119 22.05 -10.64 -3.34
N ASN D 120 23.34 -10.90 -3.44
CA ASN D 120 24.39 -10.32 -2.57
C ASN D 120 24.19 -8.81 -2.42
N GLY D 121 24.22 -8.06 -3.53
CA GLY D 121 24.02 -6.60 -3.49
C GLY D 121 22.69 -6.20 -2.86
N LEU D 122 21.65 -7.00 -3.07
CA LEU D 122 20.22 -6.57 -3.02
C LEU D 122 19.65 -6.77 -1.61
N VAL D 123 19.78 -8.00 -1.10
CA VAL D 123 19.18 -8.48 0.18
C VAL D 123 20.23 -8.34 1.28
N THR D 124 19.88 -7.78 2.43
CA THR D 124 20.82 -7.63 3.58
C THR D 124 20.08 -7.71 4.92
N GLY D 125 20.85 -7.88 5.99
CA GLY D 125 20.35 -7.91 7.38
C GLY D 125 19.56 -6.65 7.66
N THR D 126 20.22 -5.48 7.66
CA THR D 126 19.63 -4.17 8.10
C THR D 126 18.26 -4.01 7.43
N ARG D 127 18.18 -4.15 6.10
CA ARG D 127 16.96 -3.89 5.30
C ARG D 127 15.82 -4.81 5.75
N ALA D 128 16.09 -6.12 5.87
CA ALA D 128 15.12 -7.14 6.34
C ALA D 128 14.46 -6.68 7.64
N ALA D 129 15.28 -6.26 8.60
CA ALA D 129 14.85 -5.82 9.95
C ALA D 129 13.88 -4.64 9.80
N GLY D 130 14.21 -3.66 8.98
CA GLY D 130 13.37 -2.47 8.77
C GLY D 130 12.03 -2.84 8.14
N ILE D 131 12.08 -3.66 7.10
CA ILE D 131 10.88 -4.19 6.40
C ILE D 131 9.98 -4.82 7.44
N ILE D 132 10.54 -5.71 8.28
CA ILE D 132 9.81 -6.44 9.35
C ILE D 132 9.13 -5.40 10.24
N ALA D 133 9.89 -4.47 10.80
CA ALA D 133 9.35 -3.37 11.67
C ALA D 133 8.20 -2.66 10.95
N ILE D 134 8.40 -2.22 9.71
CA ILE D 134 7.36 -1.47 8.94
C ILE D 134 6.08 -2.33 8.87
N CYS D 135 6.19 -3.57 8.44
CA CYS D 135 5.04 -4.52 8.28
C CYS D 135 4.24 -4.65 9.58
N TRP D 136 4.93 -4.84 10.71
CA TRP D 136 4.30 -4.91 12.05
C TRP D 136 3.45 -3.65 12.28
N VAL D 137 3.96 -2.49 11.90
CA VAL D 137 3.20 -1.21 12.04
C VAL D 137 1.95 -1.32 11.17
N LEU D 138 2.11 -1.58 9.87
CA LEU D 138 0.96 -1.73 8.95
C LEU D 138 0.00 -2.77 9.52
N SER D 139 0.55 -3.95 9.83
CA SER D 139 -0.20 -5.07 10.44
C SER D 139 -1.13 -4.53 11.54
N PHE D 140 -0.67 -3.63 12.41
CA PHE D 140 -1.48 -3.01 13.49
C PHE D 140 -2.53 -2.09 12.87
N ALA D 141 -2.12 -1.20 11.97
CA ALA D 141 -3.03 -0.29 11.25
C ALA D 141 -4.15 -1.11 10.60
N ILE D 142 -3.79 -2.10 9.78
CA ILE D 142 -4.73 -2.94 8.98
C ILE D 142 -5.54 -3.84 9.90
N GLY D 143 -4.89 -4.37 10.93
CA GLY D 143 -5.52 -5.35 11.86
C GLY D 143 -6.67 -4.72 12.62
N LEU D 144 -6.43 -3.55 13.19
CA LEU D 144 -7.42 -2.86 14.05
C LEU D 144 -7.67 -1.43 13.52
N THR D 145 -8.09 -1.36 12.24
CA THR D 145 -8.77 -0.18 11.67
C THR D 145 -10.14 -0.09 12.30
N PRO D 146 -10.88 -1.20 12.53
CA PRO D 146 -12.14 -1.12 13.26
C PRO D 146 -12.02 -0.34 14.59
N MET D 147 -10.84 -0.31 15.23
CA MET D 147 -10.53 0.65 16.34
C MET D 147 -10.60 2.07 15.81
N LEU D 148 -9.81 2.37 14.76
CA LEU D 148 -9.62 3.77 14.31
C LEU D 148 -10.88 4.22 13.54
N GLY D 149 -12.04 3.59 13.81
CA GLY D 149 -13.38 4.17 13.57
C GLY D 149 -14.28 3.38 12.61
N TRP D 150 -13.84 2.24 12.07
CA TRP D 150 -14.69 1.43 11.17
C TRP D 150 -15.45 0.39 12.01
N ASN D 151 -16.01 0.81 13.15
CA ASN D 151 -16.77 -0.03 14.13
C ASN D 151 -18.24 -0.06 13.72
N ASN D 152 -19.05 -0.89 14.38
CA ASN D 152 -20.45 -1.23 14.00
C ASN D 152 -21.35 -1.01 15.23
N CYS D 153 -21.09 0.01 16.05
CA CYS D 153 -21.62 0.15 17.44
C CYS D 153 -22.62 1.32 17.51
N CYS D 166 -27.42 -5.94 27.90
CA CYS D 166 -26.08 -6.24 28.50
C CYS D 166 -25.90 -5.45 29.80
N GLY D 167 -25.52 -4.17 29.68
CA GLY D 167 -25.02 -3.28 30.76
C GLY D 167 -25.00 -1.85 30.24
N GLU D 168 -24.89 -0.83 31.11
CA GLU D 168 -25.34 0.56 30.80
C GLU D 168 -24.31 1.31 29.95
N GLY D 169 -23.01 1.00 30.07
CA GLY D 169 -21.96 1.61 29.23
C GLY D 169 -21.37 0.62 28.24
N GLN D 170 -21.87 -0.62 28.26
CA GLN D 170 -21.23 -1.81 27.65
C GLN D 170 -21.94 -2.14 26.32
N VAL D 171 -21.59 -3.29 25.73
CA VAL D 171 -22.48 -4.07 24.80
C VAL D 171 -21.94 -5.50 24.66
N ALA D 172 -22.79 -6.41 24.20
CA ALA D 172 -22.48 -7.86 24.04
C ALA D 172 -21.51 -8.03 22.87
N CYS D 173 -20.26 -8.41 23.14
CA CYS D 173 -19.22 -8.69 22.11
C CYS D 173 -19.51 -9.99 21.38
N LEU D 174 -19.84 -9.89 20.10
CA LEU D 174 -20.02 -11.04 19.16
C LEU D 174 -19.37 -10.58 17.85
N PHE D 175 -18.36 -11.29 17.36
CA PHE D 175 -17.49 -10.77 16.26
C PHE D 175 -18.33 -10.11 15.17
N GLU D 176 -19.32 -10.84 14.66
CA GLU D 176 -20.13 -10.45 13.48
C GLU D 176 -20.99 -9.22 13.77
N ASP D 177 -20.89 -8.62 14.97
CA ASP D 177 -21.78 -7.50 15.37
C ASP D 177 -20.98 -6.22 15.60
N VAL D 178 -19.69 -6.31 15.93
CA VAL D 178 -18.83 -5.14 16.30
C VAL D 178 -17.85 -4.86 15.16
N VAL D 179 -17.42 -5.91 14.47
CA VAL D 179 -16.62 -5.79 13.22
C VAL D 179 -17.60 -5.83 12.04
N PRO D 180 -17.56 -4.82 11.14
CA PRO D 180 -18.46 -4.76 10.00
C PRO D 180 -18.06 -5.77 8.92
N MET D 181 -19.04 -6.33 8.23
CA MET D 181 -18.76 -7.38 7.24
C MET D 181 -18.10 -6.79 5.98
N ASN D 182 -18.44 -5.56 5.58
CA ASN D 182 -17.84 -4.91 4.37
C ASN D 182 -16.34 -4.73 4.59
N TYR D 183 -15.88 -4.34 5.79
CA TYR D 183 -14.44 -4.30 6.20
C TYR D 183 -13.80 -5.70 6.11
N MET D 184 -14.57 -6.70 6.50
CA MET D 184 -14.08 -8.09 6.60
C MET D 184 -13.83 -8.68 5.20
N VAL D 185 -14.69 -8.34 4.23
CA VAL D 185 -14.66 -8.95 2.87
C VAL D 185 -13.78 -8.10 1.96
N TYR D 186 -13.97 -6.77 1.90
CA TYR D 186 -13.26 -5.91 0.91
C TYR D 186 -11.84 -5.59 1.40
N PHE D 187 -11.72 -4.89 2.52
CA PHE D 187 -10.42 -4.39 3.04
C PHE D 187 -9.60 -5.53 3.67
N ASN D 188 -10.19 -6.54 4.32
CA ASN D 188 -9.37 -7.59 4.98
C ASN D 188 -9.10 -8.71 3.97
N PHE D 189 -10.14 -9.27 3.34
CA PHE D 189 -10.04 -10.49 2.50
C PHE D 189 -9.51 -10.14 1.10
N PHE D 190 -10.30 -9.46 0.29
CA PHE D 190 -9.98 -9.17 -1.13
C PHE D 190 -8.64 -8.42 -1.16
N ALA D 191 -8.56 -7.33 -0.43
CA ALA D 191 -7.43 -6.38 -0.46
C ALA D 191 -6.20 -6.99 0.20
N CYS D 192 -6.29 -7.32 1.48
CA CYS D 192 -5.11 -7.59 2.34
C CYS D 192 -4.79 -9.08 2.43
N VAL D 193 -5.69 -9.99 2.11
CA VAL D 193 -5.33 -11.45 2.21
C VAL D 193 -5.30 -12.10 0.82
N LEU D 194 -6.37 -12.00 0.04
CA LEU D 194 -6.50 -12.74 -1.24
C LEU D 194 -5.43 -12.26 -2.24
N VAL D 195 -5.15 -10.96 -2.25
CA VAL D 195 -4.16 -10.35 -3.17
C VAL D 195 -2.75 -10.85 -2.86
N PRO D 196 -2.18 -10.59 -1.66
CA PRO D 196 -0.82 -11.03 -1.37
C PRO D 196 -0.69 -12.53 -1.65
N LEU D 197 -1.72 -13.28 -1.32
CA LEU D 197 -1.75 -14.75 -1.44
C LEU D 197 -1.63 -15.13 -2.91
N LEU D 198 -2.46 -14.52 -3.76
CA LEU D 198 -2.39 -14.72 -5.23
C LEU D 198 -1.00 -14.39 -5.73
N LEU D 199 -0.50 -13.18 -5.47
CA LEU D 199 0.77 -12.77 -6.11
C LEU D 199 1.92 -13.53 -5.42
N MET D 200 1.67 -14.12 -4.26
CA MET D 200 2.59 -15.17 -3.72
C MET D 200 2.62 -16.32 -4.73
N LEU D 201 1.44 -16.75 -5.16
CA LEU D 201 1.23 -17.84 -6.15
C LEU D 201 2.00 -17.52 -7.43
N GLY D 202 1.68 -16.38 -8.04
CA GLY D 202 2.44 -15.83 -9.17
C GLY D 202 3.94 -16.00 -8.97
N VAL D 203 4.46 -15.65 -7.79
CA VAL D 203 5.92 -15.63 -7.54
C VAL D 203 6.49 -17.04 -7.52
N TYR D 204 5.86 -17.99 -6.82
CA TYR D 204 6.43 -19.36 -6.64
C TYR D 204 6.34 -20.10 -7.97
N LEU D 205 5.21 -19.94 -8.69
CA LEU D 205 4.95 -20.56 -10.01
C LEU D 205 6.07 -20.20 -11.00
N ARG D 206 6.48 -18.94 -10.98
CA ARG D 206 7.53 -18.43 -11.88
C ARG D 206 8.86 -19.06 -11.46
N ILE D 207 9.14 -19.19 -10.16
CA ILE D 207 10.41 -19.79 -9.63
C ILE D 207 10.53 -21.23 -10.13
N PHE D 208 9.49 -22.05 -9.87
CA PHE D 208 9.50 -23.51 -10.11
C PHE D 208 9.49 -23.80 -11.62
N LEU D 209 8.59 -23.18 -12.39
CA LEU D 209 8.48 -23.42 -13.86
C LEU D 209 9.70 -22.85 -14.59
N ALA D 210 10.22 -21.71 -14.16
CA ALA D 210 11.47 -21.14 -14.70
C ALA D 210 12.58 -22.19 -14.54
N ALA D 211 12.70 -22.73 -13.32
CA ALA D 211 13.74 -23.71 -12.96
C ALA D 211 13.55 -25.02 -13.75
N ARG D 212 12.31 -25.51 -13.91
CA ARG D 212 11.98 -26.76 -14.65
C ARG D 212 12.57 -26.66 -16.06
N ARG D 213 12.21 -25.59 -16.77
CA ARG D 213 12.74 -25.27 -18.11
C ARG D 213 14.26 -25.21 -18.04
N GLN D 214 14.80 -24.37 -17.13
CA GLN D 214 16.25 -24.05 -16.93
C GLN D 214 17.10 -25.30 -16.62
N LEU D 215 16.56 -26.24 -15.83
CA LEU D 215 17.27 -27.50 -15.42
C LEU D 215 17.47 -28.38 -16.64
N LYS D 216 16.42 -28.59 -17.44
CA LYS D 216 16.50 -29.09 -18.85
C LYS D 216 17.16 -28.04 -19.74
N ALA D 228 25.39 -23.09 -11.28
CA ALA D 228 25.60 -24.48 -10.79
C ALA D 228 24.32 -25.30 -11.01
N ARG D 229 24.39 -26.32 -11.86
CA ARG D 229 23.27 -27.23 -12.24
C ARG D 229 22.56 -27.76 -10.99
N SER D 230 23.33 -28.30 -10.04
CA SER D 230 22.84 -29.06 -8.85
C SER D 230 22.42 -28.09 -7.75
N THR D 231 23.23 -27.04 -7.51
CA THR D 231 22.94 -25.95 -6.54
C THR D 231 21.48 -25.51 -6.69
N LEU D 232 21.03 -25.24 -7.92
CA LEU D 232 19.65 -24.80 -8.21
C LEU D 232 18.67 -25.76 -7.55
N GLN D 233 18.76 -27.05 -7.88
CA GLN D 233 17.88 -28.11 -7.29
C GLN D 233 17.76 -27.93 -5.77
N LYS D 234 18.89 -27.70 -5.11
CA LYS D 234 19.02 -27.68 -3.63
C LYS D 234 18.27 -26.46 -3.06
N GLU D 235 18.45 -25.28 -3.65
CA GLU D 235 17.84 -24.01 -3.15
C GLU D 235 16.36 -23.95 -3.57
N VAL D 236 15.99 -24.70 -4.63
CA VAL D 236 14.58 -24.92 -5.09
C VAL D 236 13.89 -25.79 -4.05
N HIS D 237 14.42 -27.00 -3.82
CA HIS D 237 13.87 -27.97 -2.84
C HIS D 237 13.40 -27.20 -1.60
N ALA D 238 14.28 -26.34 -1.08
CA ALA D 238 14.05 -25.48 0.10
C ALA D 238 12.84 -24.57 -0.15
N ALA D 239 12.76 -23.90 -1.30
CA ALA D 239 11.62 -23.03 -1.66
C ALA D 239 10.31 -23.82 -1.57
N LYS D 240 10.23 -25.02 -2.18
CA LYS D 240 9.02 -25.92 -2.17
C LYS D 240 8.57 -26.09 -0.72
N SER D 241 9.53 -26.20 0.20
CA SER D 241 9.29 -26.30 1.65
C SER D 241 8.58 -25.03 2.15
N LEU D 242 9.19 -23.85 1.99
CA LEU D 242 8.63 -22.53 2.45
C LEU D 242 7.32 -22.22 1.71
N ALA D 243 7.19 -22.74 0.50
CA ALA D 243 6.00 -22.60 -0.38
C ALA D 243 4.86 -23.39 0.25
N ILE D 244 5.12 -24.61 0.66
CA ILE D 244 4.13 -25.50 1.32
C ILE D 244 3.58 -24.80 2.57
N ILE D 245 4.39 -24.04 3.31
CA ILE D 245 3.92 -23.20 4.46
C ILE D 245 2.82 -22.28 3.94
N ALA D 246 3.14 -21.47 2.93
CA ALA D 246 2.24 -20.51 2.28
C ALA D 246 0.97 -21.25 1.85
N GLY D 247 1.13 -22.36 1.10
CA GLY D 247 0.06 -23.29 0.72
C GLY D 247 -0.93 -23.50 1.85
N LEU D 248 -0.46 -23.94 3.02
CA LEU D 248 -1.29 -24.33 4.20
C LEU D 248 -1.99 -23.11 4.80
N PHE D 249 -1.32 -21.96 4.88
CA PHE D 249 -1.93 -20.69 5.36
C PHE D 249 -3.26 -20.49 4.63
N ALA D 250 -3.20 -20.60 3.30
CA ALA D 250 -4.35 -20.43 2.41
C ALA D 250 -5.41 -21.46 2.76
N LEU D 251 -5.02 -22.75 2.73
CA LEU D 251 -5.94 -23.89 3.03
C LEU D 251 -6.66 -23.61 4.36
N CYS D 252 -5.93 -23.09 5.34
CA CYS D 252 -6.37 -22.90 6.75
C CYS D 252 -7.33 -21.70 6.86
N TRP D 253 -7.06 -20.59 6.16
CA TRP D 253 -7.81 -19.31 6.32
C TRP D 253 -8.93 -19.18 5.27
N LEU D 254 -8.75 -19.74 4.08
CA LEU D 254 -9.67 -19.48 2.94
C LEU D 254 -11.10 -19.89 3.30
N PRO D 255 -11.34 -21.08 3.91
CA PRO D 255 -12.70 -21.50 4.27
C PRO D 255 -13.47 -20.41 5.01
N LEU D 256 -12.85 -19.85 6.05
CA LEU D 256 -13.48 -18.85 6.97
C LEU D 256 -13.86 -17.61 6.18
N HIS D 257 -12.91 -17.08 5.39
CA HIS D 257 -13.09 -15.89 4.52
C HIS D 257 -14.22 -16.12 3.51
N ILE D 258 -14.26 -17.29 2.88
CA ILE D 258 -15.27 -17.70 1.87
C ILE D 258 -16.66 -17.77 2.53
N ILE D 259 -16.74 -18.04 3.83
CA ILE D 259 -18.01 -17.96 4.60
C ILE D 259 -18.41 -16.49 4.75
N ASN D 260 -17.46 -15.65 5.16
CA ASN D 260 -17.67 -14.19 5.37
C ASN D 260 -18.23 -13.61 4.07
N CYS D 261 -17.83 -14.12 2.91
CA CYS D 261 -18.33 -13.73 1.56
C CYS D 261 -19.83 -14.05 1.43
N PHE D 262 -20.22 -15.31 1.62
CA PHE D 262 -21.63 -15.76 1.49
C PHE D 262 -22.51 -15.03 2.52
N THR D 263 -22.06 -14.97 3.77
CA THR D 263 -22.78 -14.29 4.88
C THR D 263 -23.15 -12.86 4.47
N PHE D 264 -22.31 -12.21 3.63
CA PHE D 264 -22.39 -10.77 3.27
C PHE D 264 -23.06 -10.61 1.91
N PHE D 265 -22.39 -11.10 0.85
CA PHE D 265 -22.75 -10.97 -0.59
C PHE D 265 -24.11 -11.62 -0.86
N CYS D 266 -24.37 -12.76 -0.20
CA CYS D 266 -25.66 -13.49 -0.27
C CYS D 266 -26.37 -13.37 1.09
N PRO D 267 -27.20 -12.30 1.29
CA PRO D 267 -27.82 -12.05 2.60
C PRO D 267 -29.16 -12.77 2.78
N ASP D 268 -29.69 -13.42 1.73
CA ASP D 268 -30.96 -14.22 1.79
C ASP D 268 -30.61 -15.71 1.96
N CYS D 269 -29.40 -16.12 1.56
CA CYS D 269 -28.76 -17.42 1.92
C CYS D 269 -28.77 -17.60 3.44
N SER D 270 -29.22 -18.76 3.93
CA SER D 270 -29.24 -19.08 5.39
C SER D 270 -27.80 -19.04 5.90
N HIS D 271 -27.55 -18.19 6.90
CA HIS D 271 -26.23 -17.91 7.54
C HIS D 271 -25.59 -19.23 7.99
N ALA D 272 -24.31 -19.43 7.67
CA ALA D 272 -23.55 -20.65 8.00
C ALA D 272 -23.80 -21.06 9.46
N PRO D 273 -24.07 -22.36 9.76
CA PRO D 273 -24.39 -22.79 11.12
C PRO D 273 -23.13 -22.74 12.01
N LEU D 274 -23.34 -22.88 13.32
CA LEU D 274 -22.30 -22.60 14.34
C LEU D 274 -21.25 -23.72 14.38
N TRP D 275 -21.61 -24.96 14.01
CA TRP D 275 -20.63 -26.07 13.98
C TRP D 275 -19.62 -25.80 12.87
N LEU D 276 -20.10 -25.37 11.69
CA LEU D 276 -19.25 -25.05 10.51
C LEU D 276 -18.48 -23.77 10.80
N MET D 277 -19.12 -22.86 11.52
CA MET D 277 -18.51 -21.59 11.98
C MET D 277 -17.30 -21.95 12.83
N TYR D 278 -17.51 -22.71 13.90
CA TYR D 278 -16.45 -23.07 14.89
C TYR D 278 -15.34 -23.86 14.19
N LEU D 279 -15.70 -24.75 13.27
CA LEU D 279 -14.74 -25.57 12.49
C LEU D 279 -13.67 -24.66 11.90
N ALA D 280 -14.08 -23.70 11.07
CA ALA D 280 -13.18 -22.84 10.27
C ALA D 280 -12.47 -21.82 11.18
N ILE D 281 -13.09 -21.42 12.27
CA ILE D 281 -12.42 -20.59 13.30
C ILE D 281 -11.22 -21.40 13.79
N VAL D 282 -11.41 -22.67 14.15
CA VAL D 282 -10.32 -23.55 14.67
C VAL D 282 -9.34 -23.88 13.56
N LEU D 283 -9.82 -24.41 12.43
CA LEU D 283 -9.00 -24.68 11.21
C LEU D 283 -7.93 -23.60 11.06
N SER D 284 -8.34 -22.33 11.21
CA SER D 284 -7.48 -21.12 11.14
C SER D 284 -6.43 -21.18 12.26
N HIS D 285 -6.87 -21.32 13.50
CA HIS D 285 -6.01 -21.42 14.71
C HIS D 285 -4.97 -22.54 14.50
N THR D 286 -5.36 -23.63 13.83
CA THR D 286 -4.51 -24.79 13.48
C THR D 286 -3.19 -24.36 12.79
N ASN D 287 -3.25 -23.33 11.96
CA ASN D 287 -2.14 -22.90 11.06
C ASN D 287 -0.92 -22.47 11.88
N SER D 288 -1.12 -21.99 13.11
CA SER D 288 -0.04 -21.52 14.03
C SER D 288 0.78 -22.70 14.59
N VAL D 289 0.36 -23.93 14.29
CA VAL D 289 0.92 -25.18 14.87
C VAL D 289 1.77 -25.90 13.81
N VAL D 290 1.35 -25.90 12.54
CA VAL D 290 1.94 -26.77 11.48
C VAL D 290 3.35 -26.27 11.14
N ASN D 291 3.55 -24.94 11.09
CA ASN D 291 4.83 -24.33 10.68
C ASN D 291 6.01 -25.16 11.19
N PRO D 292 6.20 -25.29 12.53
CA PRO D 292 7.33 -26.01 13.11
C PRO D 292 7.52 -27.48 12.68
N PHE D 293 6.40 -28.20 12.47
CA PHE D 293 6.39 -29.62 12.04
C PHE D 293 6.95 -29.77 10.62
N ILE D 294 6.73 -28.76 9.79
CA ILE D 294 7.16 -28.75 8.37
C ILE D 294 8.65 -28.47 8.31
N TYR D 295 9.10 -27.44 9.04
CA TYR D 295 10.51 -27.09 9.22
C TYR D 295 11.27 -28.36 9.63
N ALA D 296 10.71 -29.15 10.54
CA ALA D 296 11.30 -30.39 11.07
C ALA D 296 11.30 -31.48 10.00
N TYR D 297 10.15 -31.71 9.35
CA TYR D 297 9.95 -32.83 8.39
C TYR D 297 10.77 -32.61 7.11
N ARG D 298 11.10 -31.36 6.73
CA ARG D 298 11.54 -31.03 5.34
C ARG D 298 12.88 -30.29 5.29
N ILE D 299 13.32 -29.61 6.36
CA ILE D 299 14.54 -28.75 6.37
C ILE D 299 15.53 -29.25 7.42
N ARG D 300 16.59 -29.95 6.99
CA ARG D 300 17.62 -30.57 7.88
C ARG D 300 18.13 -29.58 8.95
N GLU D 301 18.58 -28.38 8.57
CA GLU D 301 19.25 -27.42 9.50
C GLU D 301 18.36 -27.09 10.70
N PHE D 302 17.04 -27.06 10.52
CA PHE D 302 16.07 -26.80 11.62
C PHE D 302 15.96 -28.06 12.46
N ARG D 303 15.57 -29.16 11.82
CA ARG D 303 15.46 -30.51 12.42
C ARG D 303 16.65 -30.79 13.33
N GLN D 304 17.86 -30.58 12.81
CA GLN D 304 19.11 -30.76 13.58
C GLN D 304 19.12 -29.83 14.80
N THR D 305 18.70 -28.57 14.66
CA THR D 305 18.77 -27.60 15.78
C THR D 305 17.64 -27.87 16.78
N PHE D 306 16.49 -28.35 16.32
CA PHE D 306 15.36 -28.82 17.18
C PHE D 306 15.86 -29.98 18.03
N ARG D 307 16.27 -31.07 17.38
CA ARG D 307 16.94 -32.23 18.01
C ARG D 307 17.93 -31.75 19.09
N LYS D 308 18.93 -30.94 18.73
CA LYS D 308 20.05 -30.56 19.65
C LYS D 308 19.52 -29.78 20.85
N ILE D 309 18.48 -28.97 20.69
CA ILE D 309 17.86 -28.24 21.85
C ILE D 309 17.20 -29.27 22.78
N ILE D 310 16.36 -30.18 22.24
CA ILE D 310 15.69 -31.27 23.01
C ILE D 310 16.77 -32.10 23.72
N ARG D 311 17.85 -32.47 23.03
CA ARG D 311 18.93 -33.34 23.58
C ARG D 311 19.68 -32.62 24.71
N SER D 312 20.21 -31.43 24.45
CA SER D 312 21.16 -30.70 25.33
C SER D 312 20.44 -30.02 26.51
N HIS D 313 19.27 -29.42 26.29
CA HIS D 313 18.66 -28.48 27.27
C HIS D 313 17.46 -29.11 28.01
N VAL D 314 16.72 -30.05 27.41
CA VAL D 314 15.68 -30.85 28.14
C VAL D 314 16.36 -32.07 28.78
N LEU D 315 16.91 -32.98 27.97
CA LEU D 315 17.44 -34.27 28.49
C LEU D 315 18.78 -34.06 29.22
N ARG D 316 19.32 -32.84 29.23
CA ARG D 316 20.62 -32.48 29.86
C ARG D 316 21.64 -33.61 29.63
N GLN D 317 21.77 -34.06 28.36
CA GLN D 317 22.59 -35.23 27.93
C GLN D 317 23.46 -34.90 26.70
N GLN D 318 24.65 -35.53 26.62
CA GLN D 318 25.70 -35.30 25.60
C GLN D 318 25.30 -35.95 24.26
N GLU D 319 26.04 -35.67 23.18
CA GLU D 319 26.12 -36.47 21.92
C GLU D 319 26.68 -35.62 20.76
N ASP E 1 38.44 -19.37 18.90
CA ASP E 1 38.06 -19.83 17.53
C ASP E 1 38.06 -21.38 17.51
N ILE E 2 37.02 -21.98 16.93
CA ILE E 2 36.88 -23.45 16.73
C ILE E 2 38.15 -24.03 16.10
N VAL E 3 38.70 -25.11 16.70
CA VAL E 3 39.84 -25.93 16.20
C VAL E 3 39.24 -27.19 15.51
N MET E 4 39.67 -27.54 14.28
CA MET E 4 39.37 -28.85 13.64
C MET E 4 40.48 -29.85 13.97
N THR E 5 40.15 -31.14 14.04
CA THR E 5 41.09 -32.23 14.40
C THR E 5 40.98 -33.30 13.33
N GLN E 6 41.95 -33.37 12.43
CA GLN E 6 41.91 -34.37 11.36
C GLN E 6 42.84 -35.54 11.72
N SER E 7 42.41 -36.77 11.50
CA SER E 7 43.20 -38.02 11.66
C SER E 7 42.75 -39.03 10.61
N PRO E 8 43.63 -39.91 10.08
CA PRO E 8 45.06 -39.88 10.36
C PRO E 8 45.77 -38.81 9.53
N ALA E 9 46.92 -38.31 10.02
CA ALA E 9 47.80 -37.40 9.27
C ALA E 9 48.23 -38.05 7.96
N SER E 10 48.60 -39.34 7.99
CA SER E 10 49.08 -40.16 6.85
C SER E 10 48.39 -41.52 6.89
N LEU E 11 48.33 -42.17 5.73
CA LEU E 11 47.61 -43.45 5.53
C LEU E 11 47.99 -44.00 4.17
N SER E 12 48.37 -45.27 4.05
CA SER E 12 48.64 -45.91 2.73
C SER E 12 47.63 -47.04 2.52
N ALA E 13 47.38 -47.38 1.26
CA ALA E 13 46.33 -48.32 0.85
C ALA E 13 46.50 -48.65 -0.64
N SER E 14 46.15 -49.89 -1.01
CA SER E 14 46.24 -50.43 -2.38
C SER E 14 45.01 -50.04 -3.18
N VAL E 15 45.11 -50.05 -4.51
CA VAL E 15 43.98 -49.77 -5.43
C VAL E 15 42.86 -50.74 -5.04
N GLY E 16 41.64 -50.22 -4.94
CA GLY E 16 40.38 -50.98 -4.83
C GLY E 16 40.12 -51.44 -3.41
N ASP E 17 40.70 -50.79 -2.39
CA ASP E 17 40.31 -51.08 -0.98
C ASP E 17 39.69 -49.80 -0.39
N THR E 18 38.86 -49.96 0.66
CA THR E 18 38.02 -48.93 1.32
C THR E 18 38.81 -48.25 2.45
N VAL E 19 38.56 -46.95 2.66
CA VAL E 19 39.37 -46.07 3.53
C VAL E 19 38.45 -44.99 4.14
N THR E 20 38.77 -44.52 5.34
CA THR E 20 37.99 -43.50 6.07
C THR E 20 38.92 -42.55 6.80
N ILE E 21 38.49 -41.30 6.88
CA ILE E 21 39.25 -40.14 7.44
C ILE E 21 38.31 -39.42 8.38
N THR E 22 38.82 -38.97 9.53
CA THR E 22 38.02 -38.40 10.64
C THR E 22 38.31 -36.92 10.77
N CYS E 23 37.27 -36.12 11.08
CA CYS E 23 37.36 -34.66 11.36
C CYS E 23 36.51 -34.34 12.60
N ARG E 24 37.17 -33.91 13.66
CA ARG E 24 36.48 -33.55 14.93
C ARG E 24 36.49 -32.03 15.03
N ALA E 25 35.35 -31.44 15.39
CA ALA E 25 35.20 -29.99 15.60
C ALA E 25 35.30 -29.72 17.10
N SER E 26 35.95 -28.64 17.51
CA SER E 26 36.12 -28.33 18.96
C SER E 26 34.79 -27.76 19.50
N GLU E 27 33.82 -27.43 18.64
CA GLU E 27 32.43 -27.01 19.04
C GLU E 27 31.39 -27.58 18.06
N PHE E 28 30.10 -27.49 18.38
CA PHE E 28 29.01 -27.97 17.51
C PHE E 28 28.88 -27.03 16.30
N ILE E 29 29.16 -27.54 15.11
CA ILE E 29 29.08 -26.80 13.81
C ILE E 29 27.95 -27.39 12.94
N TYR E 30 27.08 -28.23 13.48
CA TYR E 30 25.93 -28.84 12.76
C TYR E 30 26.45 -29.49 11.47
N SER E 31 25.93 -29.09 10.30
CA SER E 31 26.31 -29.67 8.98
C SER E 31 27.28 -28.76 8.19
N SER E 32 27.98 -27.85 8.87
CA SER E 32 28.86 -26.83 8.23
C SER E 32 30.30 -27.34 8.08
N LEU E 33 30.54 -28.41 7.33
CA LEU E 33 31.92 -28.93 7.13
C LEU E 33 32.13 -29.39 5.70
N THR E 34 33.20 -28.91 5.08
CA THR E 34 33.53 -29.13 3.64
C THR E 34 34.83 -29.93 3.60
N TRP E 35 34.92 -30.90 2.67
CA TRP E 35 36.13 -31.70 2.35
C TRP E 35 36.75 -31.22 1.02
N TYR E 36 38.08 -31.18 0.92
CA TYR E 36 38.86 -30.80 -0.29
C TYR E 36 39.98 -31.81 -0.57
N GLN E 37 40.26 -32.02 -1.85
CA GLN E 37 41.32 -32.90 -2.37
C GLN E 37 42.40 -32.02 -3.01
N GLN E 38 43.66 -32.28 -2.70
CA GLN E 38 44.84 -31.65 -3.36
C GLN E 38 45.73 -32.79 -3.91
N LYS E 39 45.94 -32.85 -5.23
CA LYS E 39 46.94 -33.74 -5.86
C LYS E 39 48.29 -32.98 -5.88
N GLN E 40 49.41 -33.69 -6.11
CA GLN E 40 50.80 -33.14 -6.22
C GLN E 40 50.78 -31.83 -6.98
N GLY E 41 51.24 -30.74 -6.35
CA GLY E 41 51.42 -29.40 -6.94
C GLY E 41 50.16 -28.84 -7.60
N GLY E 42 48.99 -29.22 -7.07
CA GLY E 42 47.68 -28.70 -7.49
C GLY E 42 47.09 -27.87 -6.38
N SER E 43 46.07 -27.06 -6.68
CA SER E 43 45.26 -26.34 -5.67
C SER E 43 44.31 -27.33 -5.03
N PRO E 44 43.86 -27.04 -3.79
CA PRO E 44 42.64 -27.67 -3.27
C PRO E 44 41.48 -27.68 -4.30
N GLN E 45 40.81 -28.82 -4.48
CA GLN E 45 39.52 -28.97 -5.23
C GLN E 45 38.39 -29.34 -4.27
N LEU E 46 37.28 -28.62 -4.29
CA LEU E 46 36.06 -28.94 -3.49
C LEU E 46 35.62 -30.36 -3.81
N LEU E 47 35.42 -31.18 -2.79
CA LEU E 47 35.11 -32.62 -2.96
C LEU E 47 33.68 -32.91 -2.45
N VAL E 48 33.40 -32.47 -1.23
CA VAL E 48 32.11 -32.60 -0.51
C VAL E 48 31.85 -31.26 0.13
N TYR E 49 30.60 -30.79 0.13
CA TYR E 49 30.18 -29.57 0.84
C TYR E 49 29.04 -29.99 1.76
N ALA E 50 28.68 -29.16 2.73
CA ALA E 50 27.47 -29.35 3.56
C ALA E 50 27.50 -30.73 4.24
N ALA E 51 28.66 -31.18 4.72
CA ALA E 51 28.90 -32.46 5.45
C ALA E 51 28.73 -33.68 4.53
N THR E 52 27.62 -33.76 3.78
CA THR E 52 27.13 -34.97 3.08
C THR E 52 26.92 -34.78 1.57
N ASN E 53 27.28 -33.63 1.00
CA ASN E 53 26.92 -33.29 -0.40
C ASN E 53 28.15 -33.37 -1.32
N LEU E 54 28.10 -34.31 -2.28
CA LEU E 54 29.15 -34.49 -3.30
C LEU E 54 29.12 -33.28 -4.22
N ALA E 55 30.26 -32.62 -4.41
CA ALA E 55 30.44 -31.62 -5.47
C ALA E 55 30.22 -32.31 -6.82
N ASP E 56 29.93 -31.56 -7.87
CA ASP E 56 29.64 -32.13 -9.22
C ASP E 56 30.94 -32.74 -9.76
N ALA E 57 30.82 -33.84 -10.51
CA ALA E 57 31.93 -34.56 -11.21
C ALA E 57 32.81 -35.34 -10.21
N VAL E 58 32.42 -35.39 -8.93
CA VAL E 58 33.07 -36.28 -7.91
C VAL E 58 32.36 -37.61 -8.08
N PRO E 59 33.06 -38.77 -8.22
CA PRO E 59 32.39 -40.06 -8.35
C PRO E 59 31.60 -40.37 -7.08
N SER E 60 30.56 -41.23 -7.17
CA SER E 60 29.66 -41.58 -6.03
C SER E 60 30.42 -42.40 -4.99
N ARG E 61 31.56 -42.98 -5.38
CA ARG E 61 32.42 -43.81 -4.51
C ARG E 61 32.95 -42.92 -3.36
N PHE E 62 33.00 -41.59 -3.52
CA PHE E 62 33.31 -40.64 -2.41
C PHE E 62 32.03 -40.36 -1.63
N SER E 63 32.09 -40.22 -0.31
CA SER E 63 30.92 -39.80 0.50
C SER E 63 31.37 -39.36 1.88
N GLY E 64 30.95 -38.15 2.27
CA GLY E 64 31.09 -37.55 3.60
C GLY E 64 29.81 -37.72 4.38
N SER E 65 29.89 -37.68 5.71
CA SER E 65 28.81 -38.07 6.64
C SER E 65 29.16 -37.55 8.03
N GLY E 66 28.15 -37.48 8.90
CA GLY E 66 28.32 -37.05 10.29
C GLY E 66 27.51 -35.80 10.57
N SER E 67 27.67 -35.27 11.79
CA SER E 67 26.91 -34.12 12.32
C SER E 67 27.64 -33.62 13.57
N GLY E 68 27.27 -32.43 14.06
CA GLY E 68 27.74 -31.88 15.33
C GLY E 68 29.23 -31.68 15.36
N THR E 69 29.97 -32.52 16.09
CA THR E 69 31.45 -32.45 16.22
C THR E 69 32.17 -33.57 15.45
N GLN E 70 31.48 -34.64 15.03
CA GLN E 70 32.17 -35.85 14.51
C GLN E 70 31.74 -36.07 13.07
N PHE E 71 32.67 -35.99 12.11
CA PHE E 71 32.42 -36.25 10.67
C PHE E 71 33.55 -37.09 10.10
N SER E 72 33.21 -37.99 9.19
CA SER E 72 34.18 -38.80 8.42
C SER E 72 33.88 -38.63 6.92
N LEU E 73 34.93 -38.69 6.08
CA LEU E 73 34.85 -38.92 4.61
C LEU E 73 35.30 -40.37 4.34
N LYS E 74 34.45 -41.15 3.67
CA LYS E 74 34.77 -42.54 3.26
C LYS E 74 34.94 -42.58 1.75
N ILE E 75 36.06 -43.11 1.26
CA ILE E 75 36.36 -43.28 -0.20
C ILE E 75 36.22 -44.77 -0.51
N ASN E 76 35.23 -45.15 -1.29
CA ASN E 76 34.76 -46.54 -1.28
C ASN E 76 35.83 -47.44 -1.91
N ARG E 77 36.10 -47.27 -3.21
CA ARG E 77 36.89 -48.28 -3.99
C ARG E 77 38.09 -47.57 -4.63
N LEU E 78 39.18 -47.38 -3.89
CA LEU E 78 40.31 -46.51 -4.29
C LEU E 78 40.71 -46.75 -5.75
N GLN E 79 40.95 -45.67 -6.50
CA GLN E 79 41.54 -45.71 -7.86
C GLN E 79 42.88 -44.97 -7.82
N PRO E 80 43.78 -45.26 -8.78
CA PRO E 80 45.02 -44.52 -8.92
C PRO E 80 44.83 -43.02 -8.68
N GLU E 81 43.78 -42.42 -9.26
CA GLU E 81 43.56 -40.95 -9.28
C GLU E 81 43.27 -40.41 -7.88
N ASP E 82 42.78 -41.23 -6.93
CA ASP E 82 42.26 -40.81 -5.60
C ASP E 82 43.40 -40.43 -4.63
N PHE E 83 44.61 -40.92 -4.88
CA PHE E 83 45.76 -40.69 -3.97
C PHE E 83 46.07 -39.21 -4.06
N GLY E 84 46.57 -38.62 -2.96
CA GLY E 84 46.82 -37.18 -2.76
C GLY E 84 46.53 -36.77 -1.31
N THR E 85 46.52 -35.48 -0.98
CA THR E 85 46.21 -34.98 0.39
C THR E 85 44.75 -34.55 0.45
N TYR E 86 44.04 -34.83 1.56
CA TYR E 86 42.62 -34.46 1.80
C TYR E 86 42.52 -33.60 3.06
N TYR E 87 41.77 -32.50 3.01
CA TYR E 87 41.53 -31.59 4.17
C TYR E 87 40.03 -31.44 4.42
N CYS E 88 39.63 -31.33 5.70
CA CYS E 88 38.28 -30.86 6.10
C CYS E 88 38.35 -29.39 6.52
N GLN E 89 37.24 -28.67 6.44
CA GLN E 89 37.13 -27.24 6.82
C GLN E 89 35.70 -26.92 7.28
N HIS E 90 35.57 -26.18 8.38
CA HIS E 90 34.27 -25.70 8.89
C HIS E 90 33.94 -24.37 8.26
N PHE E 91 32.65 -24.03 8.28
CA PHE E 91 32.03 -22.77 7.77
C PHE E 91 30.98 -22.27 8.75
N TYR E 92 31.21 -22.45 10.06
CA TYR E 92 30.31 -21.99 11.14
C TYR E 92 30.81 -20.67 11.71
N GLY E 93 29.94 -19.65 11.73
CA GLY E 93 30.23 -18.35 12.35
C GLY E 93 30.98 -17.45 11.40
N SER E 94 31.83 -16.57 11.92
CA SER E 94 32.48 -15.51 11.11
C SER E 94 33.93 -15.87 10.77
N THR E 95 34.54 -16.87 11.42
CA THR E 95 36.00 -17.13 11.31
C THR E 95 36.26 -18.63 11.25
N TRP E 96 36.79 -19.12 10.13
CA TRP E 96 36.89 -20.58 9.82
C TRP E 96 38.35 -21.08 9.82
N ALA E 97 38.47 -22.41 9.90
CA ALA E 97 39.74 -23.17 10.01
C ALA E 97 39.62 -24.48 9.25
N PHE E 98 40.76 -25.13 9.02
CA PHE E 98 40.91 -26.43 8.32
C PHE E 98 41.39 -27.49 9.32
N GLY E 99 41.46 -28.73 8.86
CA GLY E 99 42.19 -29.83 9.50
C GLY E 99 43.66 -29.82 9.10
N GLY E 100 44.48 -30.61 9.80
CA GLY E 100 45.90 -30.79 9.46
C GLY E 100 46.04 -31.38 8.08
N GLY E 101 45.08 -32.20 7.67
CA GLY E 101 45.12 -32.87 6.35
C GLY E 101 45.58 -34.32 6.45
N THR E 102 45.33 -35.11 5.41
CA THR E 102 45.53 -36.59 5.37
C THR E 102 46.12 -37.00 4.02
N LYS E 103 47.41 -37.32 4.02
CA LYS E 103 48.22 -37.68 2.84
C LYS E 103 47.97 -39.16 2.53
N LEU E 104 47.05 -39.47 1.63
CA LEU E 104 46.72 -40.84 1.18
C LEU E 104 47.81 -41.33 0.19
N GLU E 105 48.43 -42.49 0.45
CA GLU E 105 49.62 -42.99 -0.30
C GLU E 105 49.35 -44.40 -0.83
N ILE E 106 49.92 -44.75 -1.99
CA ILE E 106 49.60 -46.04 -2.66
C ILE E 106 50.61 -47.06 -2.16
N LYS E 107 50.10 -48.28 -1.92
CA LYS E 107 50.84 -49.44 -1.36
C LYS E 107 51.32 -50.30 -2.51
N ARG E 108 52.58 -50.72 -2.47
CA ARG E 108 53.19 -51.60 -3.48
C ARG E 108 54.23 -52.45 -2.78
N ALA E 109 54.70 -53.53 -3.42
CA ALA E 109 55.59 -54.54 -2.81
C ALA E 109 56.86 -53.85 -2.28
N ASP E 110 57.31 -54.28 -1.09
CA ASP E 110 58.53 -53.79 -0.42
C ASP E 110 59.68 -53.82 -1.42
N ALA E 111 60.45 -52.74 -1.46
CA ALA E 111 61.68 -52.64 -2.25
C ALA E 111 62.77 -52.10 -1.34
N ALA E 112 63.95 -52.72 -1.42
CA ALA E 112 65.14 -52.36 -0.64
C ALA E 112 65.84 -51.21 -1.35
N PRO E 113 66.42 -50.26 -0.60
CA PRO E 113 67.11 -49.12 -1.19
C PRO E 113 68.43 -49.50 -1.86
N THR E 114 68.72 -48.82 -2.97
CA THR E 114 70.01 -48.88 -3.71
C THR E 114 70.92 -47.81 -3.13
N VAL E 115 71.70 -48.14 -2.11
CA VAL E 115 72.51 -47.17 -1.33
C VAL E 115 73.83 -46.94 -2.08
N SER E 116 74.28 -45.68 -2.22
CA SER E 116 75.49 -45.29 -3.00
C SER E 116 76.18 -44.14 -2.26
N ILE E 117 77.46 -44.29 -1.89
CA ILE E 117 78.22 -43.23 -1.15
C ILE E 117 79.19 -42.56 -2.12
N PHE E 118 79.43 -41.26 -1.93
CA PHE E 118 80.41 -40.48 -2.74
C PHE E 118 81.30 -39.62 -1.84
N PRO E 119 82.64 -39.78 -1.95
CA PRO E 119 83.58 -38.93 -1.24
C PRO E 119 83.62 -37.52 -1.81
N PRO E 120 84.28 -36.57 -1.14
CA PRO E 120 84.25 -35.17 -1.57
C PRO E 120 85.14 -34.85 -2.80
N SER E 121 84.52 -34.26 -3.83
CA SER E 121 85.13 -33.68 -5.05
C SER E 121 86.43 -32.94 -4.73
N SER E 122 87.48 -33.15 -5.53
CA SER E 122 88.79 -32.46 -5.35
C SER E 122 88.59 -30.95 -5.51
N GLU E 123 87.70 -30.55 -6.44
CA GLU E 123 87.17 -29.17 -6.58
C GLU E 123 86.92 -28.58 -5.19
N GLN E 124 86.08 -29.26 -4.40
CA GLN E 124 85.56 -28.78 -3.11
C GLN E 124 86.69 -28.80 -2.07
N LEU E 125 87.46 -29.88 -2.04
CA LEU E 125 88.65 -30.00 -1.15
C LEU E 125 89.50 -28.74 -1.34
N THR E 126 89.86 -28.49 -2.61
CA THR E 126 90.58 -27.29 -3.09
C THR E 126 90.08 -25.99 -2.43
N SER E 127 88.76 -25.82 -2.29
CA SER E 127 88.09 -24.60 -1.76
C SER E 127 87.90 -24.66 -0.24
N GLY E 128 88.49 -25.66 0.45
CA GLY E 128 88.49 -25.79 1.92
C GLY E 128 87.18 -26.33 2.48
N GLY E 129 86.35 -26.97 1.65
CA GLY E 129 85.15 -27.71 2.09
C GLY E 129 85.24 -29.19 1.74
N ALA E 130 84.51 -30.04 2.47
CA ALA E 130 84.44 -31.50 2.25
C ALA E 130 83.00 -31.94 2.48
N SER E 131 82.32 -32.41 1.44
CA SER E 131 80.94 -32.95 1.52
C SER E 131 80.92 -34.39 1.02
N VAL E 132 80.46 -35.31 1.89
CA VAL E 132 80.26 -36.76 1.59
C VAL E 132 78.77 -36.96 1.37
N VAL E 133 78.39 -37.69 0.33
CA VAL E 133 76.98 -37.76 -0.16
C VAL E 133 76.56 -39.22 -0.31
N CYS E 134 75.32 -39.50 0.11
CA CYS E 134 74.71 -40.84 0.15
C CYS E 134 73.32 -40.83 -0.49
N PHE E 135 73.13 -41.66 -1.51
CA PHE E 135 71.87 -41.79 -2.29
C PHE E 135 71.21 -43.13 -2.01
N LEU E 136 70.01 -43.08 -1.44
CA LEU E 136 69.14 -44.25 -1.14
C LEU E 136 67.94 -44.19 -2.07
N ASN E 137 67.91 -45.01 -3.11
CA ASN E 137 67.00 -44.79 -4.25
C ASN E 137 66.05 -45.96 -4.43
N ASN E 138 64.78 -45.66 -4.65
CA ASN E 138 63.77 -46.62 -5.21
C ASN E 138 63.51 -47.70 -4.16
N PHE E 139 62.90 -47.27 -3.06
CA PHE E 139 62.61 -48.10 -1.88
C PHE E 139 61.16 -47.91 -1.44
N TYR E 140 60.59 -48.99 -0.90
CA TYR E 140 59.25 -49.05 -0.25
C TYR E 140 59.32 -49.93 0.99
N PRO E 141 58.69 -49.53 2.13
CA PRO E 141 57.97 -48.27 2.25
C PRO E 141 58.86 -47.08 2.62
N LYS E 142 58.24 -45.91 2.80
CA LYS E 142 58.93 -44.60 3.01
C LYS E 142 59.69 -44.60 4.34
N ASP E 143 59.37 -45.54 5.22
CA ASP E 143 59.97 -45.61 6.57
C ASP E 143 61.41 -46.10 6.44
N ILE E 144 62.34 -45.23 6.79
CA ILE E 144 63.80 -45.47 6.67
C ILE E 144 64.49 -44.58 7.70
N ASN E 145 65.65 -45.03 8.14
CA ASN E 145 66.48 -44.33 9.16
C ASN E 145 67.92 -44.47 8.69
N VAL E 146 68.67 -43.37 8.76
CA VAL E 146 69.98 -43.21 8.07
C VAL E 146 71.00 -42.62 9.05
N LYS E 147 72.02 -43.38 9.40
CA LYS E 147 73.04 -42.90 10.34
C LYS E 147 74.29 -42.60 9.55
N TRP E 148 74.97 -41.50 9.88
CA TRP E 148 76.33 -41.20 9.37
C TRP E 148 77.33 -41.68 10.42
N LYS E 149 78.47 -42.20 9.97
CA LYS E 149 79.52 -42.76 10.83
C LYS E 149 80.91 -42.31 10.34
N ILE E 150 81.67 -41.70 11.24
CA ILE E 150 83.10 -41.33 11.01
C ILE E 150 83.95 -42.16 11.97
N ASP E 151 84.68 -43.14 11.43
CA ASP E 151 85.55 -44.08 12.20
C ASP E 151 84.67 -44.89 13.17
N GLY E 152 83.39 -45.09 12.82
CA GLY E 152 82.38 -45.83 13.60
C GLY E 152 81.57 -44.92 14.50
N SER E 153 82.10 -43.74 14.83
CA SER E 153 81.47 -42.75 15.73
C SER E 153 80.44 -41.94 14.93
N GLU E 154 79.20 -41.89 15.45
CA GLU E 154 78.02 -41.29 14.76
C GLU E 154 78.20 -39.77 14.71
N ARG E 155 77.78 -39.14 13.61
CA ARG E 155 77.84 -37.67 13.45
C ARG E 155 76.43 -37.16 13.15
N GLN E 156 75.98 -36.15 13.88
CA GLN E 156 74.67 -35.47 13.63
C GLN E 156 74.90 -34.00 13.27
N ASN E 157 76.16 -33.55 13.26
CA ASN E 157 76.60 -32.13 13.07
C ASN E 157 76.84 -31.89 11.56
N GLY E 158 75.98 -31.10 10.91
CA GLY E 158 76.14 -30.65 9.53
C GLY E 158 75.68 -31.69 8.52
N VAL E 159 74.56 -32.38 8.79
CA VAL E 159 73.93 -33.31 7.80
C VAL E 159 72.61 -32.71 7.27
N LEU E 160 72.41 -32.77 5.95
CA LEU E 160 71.21 -32.28 5.23
C LEU E 160 70.59 -33.43 4.45
N ASN E 161 69.28 -33.60 4.56
CA ASN E 161 68.53 -34.70 3.91
C ASN E 161 67.54 -34.10 2.91
N SER E 162 67.21 -34.84 1.86
CA SER E 162 66.10 -34.49 0.95
C SER E 162 65.37 -35.75 0.48
N TRP E 163 64.10 -35.54 0.14
CA TRP E 163 63.09 -36.59 -0.11
C TRP E 163 62.45 -36.32 -1.47
N THR E 164 62.25 -37.36 -2.28
CA THR E 164 61.22 -37.35 -3.35
C THR E 164 59.93 -37.92 -2.73
N ASP E 165 58.79 -37.72 -3.40
CA ASP E 165 57.48 -38.36 -3.09
C ASP E 165 57.30 -39.52 -4.08
N GLN E 166 56.15 -40.20 -4.01
CA GLN E 166 55.91 -41.45 -4.76
C GLN E 166 56.11 -41.15 -6.24
N ASP E 167 57.13 -41.77 -6.81
CA ASP E 167 57.34 -41.85 -8.28
C ASP E 167 56.03 -42.31 -8.91
N SER E 168 55.48 -41.57 -9.85
CA SER E 168 54.18 -41.89 -10.51
C SER E 168 54.32 -43.18 -11.34
N LYS E 169 55.54 -43.54 -11.76
CA LYS E 169 55.77 -44.76 -12.58
C LYS E 169 55.82 -45.98 -11.66
N ASP E 170 56.74 -46.02 -10.67
CA ASP E 170 56.98 -47.23 -9.83
C ASP E 170 56.53 -47.06 -8.36
N SER E 171 55.93 -45.93 -7.99
CA SER E 171 55.33 -45.70 -6.65
C SER E 171 56.36 -45.86 -5.52
N THR E 172 57.66 -45.71 -5.86
CA THR E 172 58.79 -45.81 -4.90
C THR E 172 59.14 -44.42 -4.38
N TYR E 173 59.96 -44.39 -3.32
CA TYR E 173 60.56 -43.17 -2.74
C TYR E 173 62.06 -43.14 -3.02
N SER E 174 62.71 -42.03 -2.71
CA SER E 174 64.18 -41.89 -2.85
C SER E 174 64.63 -40.78 -1.91
N MET E 175 65.91 -40.75 -1.58
CA MET E 175 66.41 -39.89 -0.49
C MET E 175 67.91 -39.60 -0.68
N SER E 176 68.33 -38.39 -0.29
CA SER E 176 69.71 -37.88 -0.45
C SER E 176 70.19 -37.35 0.91
N SER E 177 71.40 -37.73 1.33
CA SER E 177 72.02 -37.30 2.62
C SER E 177 73.45 -36.78 2.41
N THR E 178 73.71 -35.54 2.86
CA THR E 178 74.95 -34.76 2.59
C THR E 178 75.61 -34.37 3.93
N LEU E 179 76.61 -35.15 4.34
CA LEU E 179 77.46 -34.79 5.50
C LEU E 179 78.49 -33.76 5.03
N THR E 180 78.54 -32.58 5.65
CA THR E 180 79.46 -31.47 5.29
C THR E 180 80.32 -31.04 6.49
N LEU E 181 81.64 -31.21 6.38
CA LEU E 181 82.63 -30.85 7.42
C LEU E 181 83.69 -29.94 6.82
N THR E 182 84.33 -29.11 7.63
CA THR E 182 85.56 -28.36 7.26
C THR E 182 86.58 -29.36 6.71
N LYS E 183 87.29 -29.01 5.62
CA LYS E 183 88.30 -29.87 4.97
C LYS E 183 89.38 -30.28 5.96
N ASP E 184 89.94 -29.32 6.70
CA ASP E 184 90.82 -29.52 7.88
C ASP E 184 90.33 -30.74 8.69
N GLU E 185 89.04 -30.75 9.04
CA GLU E 185 88.40 -31.75 9.95
C GLU E 185 88.10 -33.09 9.26
N TYR E 186 87.89 -33.06 7.96
CA TYR E 186 87.71 -34.25 7.10
C TYR E 186 89.02 -35.03 7.05
N GLU E 187 90.12 -34.29 7.16
CA GLU E 187 91.48 -34.84 6.97
C GLU E 187 91.87 -35.56 8.26
N ARG E 188 91.26 -35.22 9.39
CA ARG E 188 91.60 -35.80 10.73
C ARG E 188 91.16 -37.27 10.78
N HIS E 189 89.92 -37.58 10.41
CA HIS E 189 89.37 -38.97 10.40
C HIS E 189 89.66 -39.60 9.03
N ASN E 190 89.52 -40.92 8.89
CA ASN E 190 89.95 -41.70 7.68
C ASN E 190 88.76 -42.51 7.10
N SER E 191 87.72 -42.84 7.89
CA SER E 191 86.65 -43.79 7.48
C SER E 191 85.28 -43.13 7.56
N TYR E 192 84.54 -43.18 6.44
CA TYR E 192 83.21 -42.55 6.25
C TYR E 192 82.24 -43.63 5.80
N THR E 193 81.12 -43.76 6.51
CA THR E 193 80.10 -44.79 6.23
C THR E 193 78.70 -44.19 6.39
N CYS E 194 77.82 -44.64 5.51
CA CYS E 194 76.38 -44.30 5.39
C CYS E 194 75.57 -45.58 5.66
N GLU E 195 74.84 -45.62 6.77
CA GLU E 195 74.23 -46.85 7.32
C GLU E 195 72.72 -46.64 7.40
N ALA E 196 71.97 -47.26 6.48
CA ALA E 196 70.48 -47.20 6.41
C ALA E 196 69.86 -48.45 7.02
N THR E 197 68.93 -48.27 7.96
CA THR E 197 68.10 -49.37 8.50
C THR E 197 66.70 -49.26 7.90
N HIS E 198 66.28 -50.33 7.21
CA HIS E 198 65.01 -50.42 6.45
C HIS E 198 64.33 -51.74 6.78
N LYS E 199 63.04 -51.80 6.45
CA LYS E 199 62.12 -52.96 6.58
C LYS E 199 62.66 -54.17 5.80
N THR E 200 63.11 -53.95 4.57
CA THR E 200 63.46 -55.01 3.60
C THR E 200 64.65 -55.83 4.10
N SER E 201 65.47 -55.26 4.98
CA SER E 201 66.70 -55.93 5.50
C SER E 201 66.75 -55.88 7.04
N THR E 202 66.98 -57.06 7.64
CA THR E 202 67.17 -57.27 9.10
C THR E 202 68.48 -56.61 9.55
N SER E 203 69.57 -56.80 8.81
CA SER E 203 70.85 -56.05 9.04
C SER E 203 70.78 -54.70 8.30
N PRO E 204 71.39 -53.63 8.85
CA PRO E 204 71.31 -52.32 8.24
C PRO E 204 72.14 -52.37 6.96
N ILE E 205 71.61 -51.80 5.87
CA ILE E 205 72.28 -51.72 4.53
C ILE E 205 73.36 -50.65 4.66
N VAL E 206 74.62 -51.02 4.42
CA VAL E 206 75.84 -50.17 4.62
C VAL E 206 76.44 -49.80 3.26
N LYS E 207 77.00 -48.59 3.15
CA LYS E 207 77.99 -48.21 2.12
C LYS E 207 79.09 -47.37 2.79
N SER E 208 80.34 -47.54 2.35
CA SER E 208 81.50 -46.94 3.05
C SER E 208 82.68 -46.74 2.10
N PHE E 209 83.72 -46.04 2.56
CA PHE E 209 85.02 -45.85 1.88
C PHE E 209 86.07 -45.41 2.92
N ASN E 210 87.37 -45.64 2.60
CA ASN E 210 88.55 -45.18 3.37
C ASN E 210 89.36 -44.22 2.47
N ARG E 211 90.13 -43.30 3.06
CA ARG E 211 90.88 -42.28 2.29
C ARG E 211 92.19 -42.86 1.69
N ASN E 212 92.36 -44.19 1.69
CA ASN E 212 93.36 -44.96 0.89
C ASN E 212 94.77 -44.45 1.20
N GLU F 1 34.91 -23.13 -16.09
CA GLU F 1 35.12 -22.06 -17.13
C GLU F 1 35.25 -20.69 -16.43
N VAL F 2 34.62 -20.55 -15.25
CA VAL F 2 35.01 -19.50 -14.25
C VAL F 2 36.47 -19.77 -13.89
N GLN F 3 37.31 -18.72 -13.87
CA GLN F 3 38.79 -18.83 -13.76
C GLN F 3 39.25 -17.74 -12.78
N LEU F 4 39.95 -18.15 -11.72
CA LEU F 4 40.75 -17.26 -10.85
C LEU F 4 42.21 -17.36 -11.30
N GLN F 5 42.78 -16.23 -11.71
CA GLN F 5 44.19 -16.15 -12.17
C GLN F 5 44.92 -15.17 -11.24
N GLN F 6 45.82 -15.72 -10.44
CA GLN F 6 46.62 -14.95 -9.45
C GLN F 6 47.88 -14.42 -10.12
N SER F 7 48.63 -13.58 -9.38
CA SER F 7 49.95 -13.06 -9.78
C SER F 7 51.02 -14.14 -9.61
N GLY F 8 52.24 -13.89 -10.09
CA GLY F 8 53.34 -14.87 -10.12
C GLY F 8 54.18 -14.82 -8.85
N ALA F 9 55.13 -15.77 -8.74
CA ALA F 9 56.03 -15.96 -7.58
C ALA F 9 56.72 -14.63 -7.25
N GLU F 10 56.86 -14.32 -5.96
CA GLU F 10 57.52 -13.09 -5.44
C GLU F 10 58.71 -13.49 -4.57
N LEU F 11 59.69 -12.58 -4.44
CA LEU F 11 60.89 -12.72 -3.59
C LEU F 11 61.22 -11.35 -3.02
N VAL F 12 60.98 -11.13 -1.74
CA VAL F 12 61.04 -9.77 -1.14
C VAL F 12 61.81 -9.80 0.17
N LYS F 13 62.39 -8.65 0.53
CA LYS F 13 63.23 -8.46 1.74
C LYS F 13 62.35 -8.57 2.98
N PRO F 14 62.86 -9.07 4.13
CA PRO F 14 62.16 -8.94 5.39
C PRO F 14 61.90 -7.45 5.69
N GLY F 15 60.72 -7.16 6.22
CA GLY F 15 60.27 -5.80 6.57
C GLY F 15 59.54 -5.15 5.41
N SER F 16 59.69 -5.71 4.22
CA SER F 16 59.04 -5.20 2.98
C SER F 16 57.58 -5.65 2.97
N SER F 17 56.87 -5.15 1.98
CA SER F 17 55.45 -5.41 1.63
C SER F 17 55.37 -6.22 0.35
N VAL F 18 54.16 -6.62 -0.02
CA VAL F 18 53.83 -7.54 -1.15
C VAL F 18 52.31 -7.54 -1.32
N LYS F 19 51.85 -7.39 -2.56
CA LYS F 19 50.42 -7.24 -2.93
C LYS F 19 50.10 -8.22 -4.06
N ILE F 20 49.49 -9.36 -3.73
CA ILE F 20 49.21 -10.45 -4.72
C ILE F 20 47.86 -10.16 -5.38
N SER F 21 47.76 -10.42 -6.68
CA SER F 21 46.55 -10.19 -7.52
C SER F 21 45.68 -11.45 -7.54
N CYS F 22 44.36 -11.31 -7.72
CA CYS F 22 43.46 -12.42 -8.15
C CYS F 22 42.39 -11.88 -9.10
N LYS F 23 42.56 -12.13 -10.40
CA LYS F 23 41.63 -11.72 -11.48
C LYS F 23 40.64 -12.85 -11.77
N THR F 24 39.37 -12.62 -11.41
CA THR F 24 38.23 -13.52 -11.74
C THR F 24 37.79 -13.22 -13.16
N SER F 25 37.08 -14.15 -13.80
CA SER F 25 36.73 -13.99 -15.24
C SER F 25 35.68 -15.01 -15.67
N GLY F 26 34.64 -14.50 -16.36
CA GLY F 26 33.55 -15.30 -16.94
C GLY F 26 32.53 -15.69 -15.89
N ASP F 27 32.29 -14.78 -14.93
CA ASP F 27 31.12 -14.78 -14.00
C ASP F 27 31.10 -13.49 -13.18
N SER F 28 30.00 -13.25 -12.46
CA SER F 28 29.91 -12.13 -11.49
C SER F 28 30.89 -12.36 -10.33
N PHE F 29 31.85 -11.44 -10.27
CA PHE F 29 32.88 -11.29 -9.22
C PHE F 29 32.19 -10.80 -7.93
N THR F 30 31.27 -9.84 -8.05
CA THR F 30 30.57 -9.13 -6.92
C THR F 30 29.39 -9.95 -6.36
N ALA F 31 29.12 -11.16 -6.86
CA ALA F 31 27.95 -11.98 -6.49
C ALA F 31 28.25 -12.80 -5.23
N TYR F 32 29.54 -12.97 -4.91
CA TYR F 32 30.08 -13.94 -3.92
C TYR F 32 31.39 -13.44 -3.31
N ASN F 33 31.58 -13.72 -2.02
CA ASN F 33 32.79 -13.35 -1.25
C ASN F 33 34.03 -14.02 -1.85
N MET F 34 35.16 -13.30 -1.87
CA MET F 34 36.47 -13.83 -2.32
C MET F 34 37.38 -14.00 -1.11
N ASN F 35 37.79 -15.24 -0.83
CA ASN F 35 38.55 -15.57 0.40
C ASN F 35 40.02 -15.72 0.00
N TRP F 36 40.92 -15.63 0.99
CA TRP F 36 42.35 -16.02 0.86
C TRP F 36 42.72 -17.11 1.87
N VAL F 37 43.64 -18.00 1.47
CA VAL F 37 44.07 -19.23 2.19
C VAL F 37 45.61 -19.37 2.06
N LYS F 38 46.32 -19.59 3.16
CA LYS F 38 47.81 -19.76 3.20
C LYS F 38 48.15 -21.25 3.36
N GLN F 39 48.88 -21.83 2.41
CA GLN F 39 49.40 -23.21 2.50
C GLN F 39 50.85 -23.10 2.89
N SER F 40 51.21 -23.59 4.06
CA SER F 40 52.54 -23.41 4.68
C SER F 40 53.58 -24.38 4.09
N HIS F 41 54.81 -24.35 4.64
CA HIS F 41 55.97 -25.24 4.35
C HIS F 41 55.46 -26.66 4.01
N GLY F 42 54.65 -27.23 4.93
CA GLY F 42 54.03 -28.56 4.79
C GLY F 42 52.75 -28.50 3.96
N LYS F 43 51.69 -29.16 4.42
CA LYS F 43 50.36 -29.19 3.74
C LYS F 43 49.41 -28.32 4.57
N SER F 44 49.94 -27.63 5.61
CA SER F 44 49.14 -26.83 6.58
C SER F 44 48.36 -25.73 5.86
N LEU F 45 47.07 -25.59 6.18
CA LEU F 45 46.13 -24.68 5.50
C LEU F 45 45.49 -23.73 6.52
N GLU F 46 45.78 -22.44 6.43
CA GLU F 46 45.12 -21.41 7.28
C GLU F 46 44.02 -20.71 6.46
N TRP F 47 42.96 -20.23 7.10
CA TRP F 47 42.08 -19.22 6.51
C TRP F 47 42.56 -17.82 6.90
N ILE F 48 42.86 -16.96 5.92
CA ILE F 48 43.46 -15.61 6.13
C ILE F 48 42.34 -14.59 6.42
N GLY F 49 41.25 -14.66 5.66
CA GLY F 49 40.15 -13.69 5.72
C GLY F 49 39.33 -13.73 4.44
N ASN F 50 38.27 -12.93 4.37
CA ASN F 50 37.51 -12.78 3.12
C ASN F 50 37.00 -11.34 2.99
N ILE F 51 36.53 -11.00 1.80
CA ILE F 51 35.98 -9.66 1.43
C ILE F 51 34.71 -9.88 0.60
N ASN F 52 33.67 -9.10 0.89
CA ASN F 52 32.44 -9.01 0.08
C ASN F 52 32.69 -7.99 -1.01
N PRO F 53 32.96 -8.42 -2.27
CA PRO F 53 33.45 -7.52 -3.31
C PRO F 53 32.54 -6.34 -3.62
N TYR F 54 31.23 -6.53 -3.43
CA TYR F 54 30.17 -5.50 -3.65
C TYR F 54 30.36 -4.35 -2.66
N TYR F 55 30.26 -4.68 -1.38
CA TYR F 55 30.32 -3.74 -0.23
C TYR F 55 31.78 -3.41 0.12
N GLY F 56 32.74 -4.27 -0.23
CA GLY F 56 34.17 -4.11 0.14
C GLY F 56 34.39 -4.27 1.65
N SER F 57 33.46 -4.93 2.36
CA SER F 57 33.55 -5.23 3.80
C SER F 57 34.41 -6.46 4.01
N THR F 58 35.22 -6.50 5.08
CA THR F 58 36.22 -7.57 5.33
C THR F 58 35.98 -8.23 6.68
N ARG F 59 36.14 -9.56 6.76
CA ARG F 59 36.36 -10.31 8.01
C ARG F 59 37.71 -11.03 7.94
N TYR F 60 38.61 -10.76 8.88
CA TYR F 60 39.94 -11.41 8.98
C TYR F 60 39.97 -12.39 10.14
N ASN F 61 40.63 -13.55 9.96
CA ASN F 61 41.16 -14.42 11.04
C ASN F 61 42.02 -13.54 11.97
N GLN F 62 41.90 -13.74 13.28
CA GLN F 62 42.69 -13.02 14.32
C GLN F 62 44.18 -13.10 13.98
N LYS F 63 44.64 -14.32 13.64
CA LYS F 63 46.06 -14.63 13.34
C LYS F 63 46.62 -13.61 12.35
N PHE F 64 45.88 -13.31 11.27
CA PHE F 64 46.33 -12.47 10.13
C PHE F 64 45.82 -11.03 10.24
N LYS F 65 44.99 -10.72 11.24
CA LYS F 65 44.72 -9.31 11.57
C LYS F 65 46.07 -8.63 11.81
N GLY F 66 46.29 -7.47 11.19
CA GLY F 66 47.51 -6.67 11.37
C GLY F 66 48.68 -7.28 10.61
N LYS F 67 48.38 -8.10 9.59
CA LYS F 67 49.37 -8.50 8.57
C LYS F 67 48.71 -8.41 7.20
N ALA F 68 47.68 -9.23 6.95
CA ALA F 68 46.95 -9.34 5.66
C ALA F 68 45.97 -8.16 5.49
N THR F 69 45.82 -7.64 4.27
CA THR F 69 44.88 -6.54 3.92
C THR F 69 44.15 -6.82 2.60
N LEU F 70 42.88 -7.19 2.72
CA LEU F 70 42.00 -7.57 1.59
C LEU F 70 41.40 -6.32 0.97
N THR F 71 41.80 -5.98 -0.26
CA THR F 71 41.22 -4.89 -1.09
C THR F 71 40.55 -5.57 -2.30
N VAL F 72 39.83 -4.77 -3.10
CA VAL F 72 39.04 -5.25 -4.28
C VAL F 72 38.94 -4.09 -5.30
N ASP F 73 39.22 -4.37 -6.58
CA ASP F 73 38.90 -3.44 -7.71
C ASP F 73 37.80 -4.07 -8.56
N LYS F 74 36.62 -3.45 -8.52
CA LYS F 74 35.33 -4.03 -8.97
C LYS F 74 35.32 -4.08 -10.50
N SER F 75 35.68 -2.95 -11.12
CA SER F 75 35.69 -2.71 -12.60
C SER F 75 36.41 -3.85 -13.32
N SER F 76 37.61 -4.23 -12.83
CA SER F 76 38.52 -5.23 -13.47
C SER F 76 38.20 -6.66 -13.03
N SER F 77 37.41 -6.82 -11.97
CA SER F 77 37.08 -8.13 -11.34
C SER F 77 38.35 -8.73 -10.70
N THR F 78 39.07 -7.92 -9.92
CA THR F 78 40.36 -8.31 -9.32
C THR F 78 40.31 -8.11 -7.81
N ALA F 79 40.53 -9.18 -7.04
CA ALA F 79 40.74 -9.14 -5.57
C ALA F 79 42.25 -9.11 -5.27
N TYR F 80 42.65 -8.26 -4.31
CA TYR F 80 44.03 -8.15 -3.79
C TYR F 80 44.12 -8.66 -2.35
N ILE F 81 45.36 -8.96 -1.95
CA ILE F 81 45.81 -9.15 -0.54
C ILE F 81 47.20 -8.53 -0.39
N GLN F 82 47.38 -7.61 0.55
CA GLN F 82 48.71 -6.99 0.85
C GLN F 82 49.19 -7.51 2.22
N LEU F 83 50.45 -7.96 2.30
CA LEU F 83 51.05 -8.46 3.56
C LEU F 83 52.19 -7.51 3.94
N ASN F 84 52.22 -7.04 5.20
CA ASN F 84 53.20 -6.03 5.67
C ASN F 84 54.24 -6.67 6.59
N SER F 85 55.36 -5.99 6.78
CA SER F 85 56.46 -6.37 7.72
C SER F 85 56.79 -7.85 7.50
N LEU F 86 56.96 -8.26 6.25
CA LEU F 86 57.18 -9.69 5.92
C LEU F 86 58.34 -10.25 6.74
N THR F 87 58.14 -11.44 7.31
CA THR F 87 59.10 -12.25 8.10
C THR F 87 59.35 -13.57 7.35
N SER F 88 60.24 -14.41 7.84
CA SER F 88 60.63 -15.64 7.11
C SER F 88 59.50 -16.66 7.17
N GLU F 89 58.69 -16.64 8.23
CA GLU F 89 57.58 -17.62 8.40
C GLU F 89 56.45 -17.27 7.41
N ASP F 90 56.51 -16.09 6.77
CA ASP F 90 55.52 -15.60 5.78
C ASP F 90 55.70 -16.29 4.43
N SER F 91 56.92 -16.78 4.14
CA SER F 91 57.21 -17.60 2.95
C SER F 91 56.26 -18.81 2.91
N ALA F 92 55.35 -18.84 1.94
CA ALA F 92 54.29 -19.86 1.81
C ALA F 92 53.58 -19.67 0.46
N VAL F 93 52.72 -20.60 0.08
CA VAL F 93 51.81 -20.47 -1.09
C VAL F 93 50.51 -19.82 -0.59
N TYR F 94 50.03 -18.78 -1.27
CA TYR F 94 48.75 -18.09 -0.97
C TYR F 94 47.76 -18.31 -2.13
N TYR F 95 46.52 -18.72 -1.82
CA TYR F 95 45.45 -19.05 -2.79
C TYR F 95 44.27 -18.09 -2.58
N CYS F 96 43.73 -17.52 -3.66
CA CYS F 96 42.37 -16.92 -3.64
C CYS F 96 41.40 -18.06 -3.97
N ALA F 97 40.24 -18.07 -3.32
CA ALA F 97 39.20 -19.09 -3.54
C ALA F 97 37.82 -18.45 -3.37
N ARG F 98 36.90 -18.73 -4.29
CA ARG F 98 35.58 -18.06 -4.37
C ARG F 98 34.58 -18.88 -3.56
N GLU F 99 33.80 -18.18 -2.72
CA GLU F 99 32.88 -18.76 -1.71
C GLU F 99 31.48 -18.78 -2.30
N GLY F 100 31.09 -19.93 -2.86
CA GLY F 100 29.70 -20.28 -3.20
C GLY F 100 28.79 -20.14 -1.98
N ASN F 101 27.50 -19.96 -2.24
CA ASN F 101 26.50 -19.61 -1.20
C ASN F 101 25.10 -19.89 -1.74
N TYR F 102 24.28 -20.64 -0.99
CA TYR F 102 22.82 -20.79 -1.22
C TYR F 102 22.10 -21.02 0.11
N TYR F 103 20.76 -21.03 0.11
CA TYR F 103 19.90 -21.28 1.29
C TYR F 103 19.17 -22.60 1.06
N ASP F 104 19.30 -23.54 1.99
CA ASP F 104 18.42 -24.75 2.10
C ASP F 104 17.73 -24.75 3.45
N GLY F 105 17.64 -23.59 4.10
CA GLY F 105 17.15 -23.44 5.48
C GLY F 105 18.28 -22.92 6.35
N GLY F 106 19.47 -23.46 6.10
CA GLY F 106 20.74 -22.95 6.66
C GLY F 106 21.56 -22.28 5.59
N SER F 107 22.49 -21.40 5.97
CA SER F 107 23.40 -20.68 5.03
C SER F 107 24.59 -21.57 4.66
N VAL F 108 24.50 -22.23 3.50
CA VAL F 108 25.51 -23.17 2.91
C VAL F 108 26.67 -22.38 2.28
N ARG F 109 27.89 -22.89 2.43
CA ARG F 109 29.15 -22.14 2.18
C ARG F 109 30.26 -23.14 1.83
N TYR F 110 30.91 -22.93 0.67
CA TYR F 110 31.94 -23.83 0.10
C TYR F 110 32.87 -23.05 -0.81
N PHE F 111 34.17 -23.35 -0.78
CA PHE F 111 35.17 -22.81 -1.74
C PHE F 111 35.15 -23.69 -3.00
N ASP F 112 34.48 -23.21 -4.06
CA ASP F 112 34.18 -24.04 -5.26
C ASP F 112 35.28 -23.88 -6.32
N TYR F 113 35.87 -22.69 -6.44
CA TYR F 113 36.91 -22.37 -7.45
C TYR F 113 38.10 -21.73 -6.75
N TRP F 114 39.31 -22.15 -7.14
CA TRP F 114 40.59 -21.74 -6.50
C TRP F 114 41.54 -21.19 -7.56
N GLY F 115 42.37 -20.23 -7.19
CA GLY F 115 43.47 -19.76 -8.06
C GLY F 115 44.53 -20.82 -8.14
N GLN F 116 45.50 -20.67 -9.05
CA GLN F 116 46.65 -21.59 -9.21
C GLN F 116 47.60 -21.44 -8.02
N GLY F 117 47.41 -20.41 -7.18
CA GLY F 117 48.23 -20.12 -5.99
C GLY F 117 49.44 -19.28 -6.34
N THR F 118 50.15 -18.72 -5.36
CA THR F 118 51.29 -17.79 -5.58
C THR F 118 52.36 -17.97 -4.49
N THR F 119 53.59 -18.26 -4.90
CA THR F 119 54.73 -18.55 -3.98
C THR F 119 55.41 -17.27 -3.52
N LEU F 120 55.32 -16.95 -2.25
CA LEU F 120 56.08 -15.83 -1.62
C LEU F 120 57.31 -16.41 -0.92
N THR F 121 58.51 -15.90 -1.23
CA THR F 121 59.79 -16.31 -0.60
C THR F 121 60.43 -15.08 0.04
N VAL F 122 60.58 -15.02 1.37
CA VAL F 122 61.16 -13.85 2.08
C VAL F 122 62.57 -14.23 2.52
N SER F 123 63.59 -13.50 2.06
CA SER F 123 65.01 -13.72 2.41
C SER F 123 65.76 -12.41 2.25
N SER F 124 66.71 -12.12 3.14
CA SER F 124 67.62 -10.96 3.01
C SER F 124 68.95 -11.44 2.42
N ALA F 125 68.97 -12.62 1.79
CA ALA F 125 70.16 -13.21 1.15
C ALA F 125 70.38 -12.53 -0.20
N LYS F 126 71.63 -12.46 -0.66
CA LYS F 126 72.02 -11.79 -1.92
C LYS F 126 72.15 -12.85 -3.01
N THR F 127 71.84 -12.50 -4.24
CA THR F 127 72.07 -13.30 -5.47
C THR F 127 73.43 -13.99 -5.35
N THR F 128 73.44 -15.32 -5.34
CA THR F 128 74.67 -16.14 -5.19
C THR F 128 74.61 -17.32 -6.16
N ALA F 129 75.76 -17.70 -6.72
CA ALA F 129 75.87 -18.74 -7.77
C ALA F 129 76.28 -20.06 -7.13
N PRO F 130 75.93 -21.21 -7.73
CA PRO F 130 76.24 -22.51 -7.16
C PRO F 130 77.68 -22.96 -7.42
N SER F 131 78.31 -23.63 -6.46
CA SER F 131 79.48 -24.51 -6.71
C SER F 131 78.96 -25.89 -7.11
N VAL F 132 79.25 -26.35 -8.32
CA VAL F 132 78.68 -27.61 -8.87
C VAL F 132 79.79 -28.65 -8.90
N TYR F 133 79.72 -29.64 -8.01
CA TYR F 133 80.77 -30.67 -7.80
C TYR F 133 80.32 -32.00 -8.43
N PRO F 134 81.18 -32.66 -9.24
CA PRO F 134 80.87 -33.98 -9.77
C PRO F 134 81.09 -35.07 -8.71
N LEU F 135 80.23 -36.09 -8.69
CA LEU F 135 80.35 -37.23 -7.74
C LEU F 135 80.50 -38.55 -8.52
N ALA F 136 81.70 -39.10 -8.48
CA ALA F 136 82.08 -40.40 -9.08
C ALA F 136 82.16 -41.45 -7.98
N PRO F 137 81.91 -42.73 -8.29
CA PRO F 137 81.88 -43.78 -7.26
C PRO F 137 83.27 -43.92 -6.63
N VAL F 138 83.35 -44.62 -5.50
CA VAL F 138 84.66 -44.99 -4.88
C VAL F 138 85.30 -46.05 -5.80
N CYS F 139 86.62 -46.01 -5.97
CA CYS F 139 87.40 -46.90 -6.89
C CYS F 139 87.03 -48.37 -6.63
N GLY F 140 86.64 -49.11 -7.69
CA GLY F 140 86.18 -50.50 -7.63
C GLY F 140 84.89 -50.73 -8.40
N SER F 143 81.82 -53.38 -10.10
CA SER F 143 80.82 -54.43 -9.73
C SER F 143 79.41 -53.87 -9.85
N GLY F 144 78.48 -54.75 -10.27
CA GLY F 144 77.05 -54.46 -10.49
C GLY F 144 76.67 -54.54 -11.96
N SER F 145 75.41 -54.87 -12.25
CA SER F 145 74.79 -54.66 -13.59
C SER F 145 74.83 -53.15 -13.92
N SER F 146 74.47 -52.31 -12.95
CA SER F 146 74.32 -50.83 -13.08
C SER F 146 75.31 -50.11 -12.15
N VAL F 147 75.69 -48.89 -12.50
CA VAL F 147 76.49 -47.97 -11.65
C VAL F 147 75.69 -46.69 -11.47
N THR F 148 75.84 -46.02 -10.32
CA THR F 148 75.15 -44.75 -9.98
C THR F 148 76.16 -43.62 -9.80
N LEU F 149 75.95 -42.49 -10.49
CA LEU F 149 76.80 -41.26 -10.43
C LEU F 149 75.97 -40.09 -9.91
N GLY F 150 76.64 -39.08 -9.37
CA GLY F 150 75.95 -37.96 -8.70
C GLY F 150 76.37 -36.59 -9.20
N CYS F 151 75.61 -35.59 -8.74
CA CYS F 151 75.95 -34.16 -8.84
C CYS F 151 75.48 -33.44 -7.58
N LEU F 152 76.34 -32.55 -7.07
CA LEU F 152 76.10 -31.75 -5.85
C LEU F 152 76.14 -30.27 -6.26
N VAL F 153 75.04 -29.55 -6.03
CA VAL F 153 74.89 -28.12 -6.37
C VAL F 153 74.84 -27.37 -5.07
N LYS F 154 75.97 -26.86 -4.61
CA LYS F 154 76.08 -26.33 -3.24
C LYS F 154 76.15 -24.80 -3.27
N GLY F 155 75.20 -24.13 -2.59
CA GLY F 155 75.31 -22.75 -2.08
C GLY F 155 74.88 -21.67 -3.06
N TYR F 156 73.64 -21.70 -3.54
CA TYR F 156 73.10 -20.74 -4.53
C TYR F 156 71.88 -20.01 -3.96
N PHE F 157 71.55 -18.85 -4.50
CA PHE F 157 70.32 -18.06 -4.19
C PHE F 157 70.01 -17.10 -5.33
N PRO F 158 68.71 -16.90 -5.68
CA PRO F 158 67.60 -17.72 -5.17
C PRO F 158 67.46 -18.98 -6.00
N GLU F 159 66.47 -19.79 -5.67
CA GLU F 159 66.05 -20.89 -6.58
C GLU F 159 65.16 -20.25 -7.64
N PRO F 160 65.11 -20.79 -8.88
CA PRO F 160 65.57 -22.13 -9.18
C PRO F 160 66.94 -22.30 -9.85
N VAL F 161 67.35 -23.56 -9.98
CA VAL F 161 68.37 -24.06 -10.94
C VAL F 161 67.67 -25.04 -11.90
N THR F 162 68.38 -25.48 -12.93
CA THR F 162 67.95 -26.58 -13.81
C THR F 162 69.13 -27.53 -13.93
N LEU F 163 69.04 -28.72 -13.37
CA LEU F 163 70.14 -29.69 -13.44
C LEU F 163 69.70 -30.79 -14.41
N THR F 164 70.38 -30.93 -15.53
CA THR F 164 70.11 -31.99 -16.52
C THR F 164 71.39 -32.79 -16.77
N TRP F 165 71.22 -33.97 -17.35
CA TRP F 165 72.34 -34.86 -17.70
C TRP F 165 72.47 -34.93 -19.22
N ASN F 166 73.70 -34.82 -19.70
CA ASN F 166 74.08 -34.88 -21.13
C ASN F 166 73.11 -33.97 -21.90
N SER F 167 72.93 -32.75 -21.40
CA SER F 167 72.16 -31.62 -22.01
C SER F 167 70.66 -31.97 -22.15
N GLY F 168 70.15 -32.94 -21.38
CA GLY F 168 68.73 -33.32 -21.38
C GLY F 168 68.51 -34.70 -21.96
N SER F 169 69.44 -35.15 -22.80
CA SER F 169 69.35 -36.39 -23.61
C SER F 169 69.26 -37.62 -22.70
N LEU F 170 70.08 -37.64 -21.66
CA LEU F 170 70.02 -38.66 -20.59
C LEU F 170 68.99 -38.22 -19.55
N SER F 171 67.84 -38.94 -19.46
CA SER F 171 66.66 -38.61 -18.61
C SER F 171 66.24 -39.80 -17.76
N SER F 172 66.30 -41.02 -18.26
CA SER F 172 65.95 -42.24 -17.47
C SER F 172 67.05 -42.53 -16.44
N GLY F 173 66.65 -42.96 -15.23
CA GLY F 173 67.59 -43.39 -14.18
C GLY F 173 67.98 -42.26 -13.25
N VAL F 174 67.32 -41.11 -13.39
CA VAL F 174 67.68 -39.84 -12.69
C VAL F 174 66.72 -39.63 -11.52
N HIS F 175 67.27 -39.28 -10.37
CA HIS F 175 66.53 -38.75 -9.21
C HIS F 175 67.17 -37.40 -8.88
N THR F 176 66.38 -36.32 -8.95
CA THR F 176 66.80 -34.95 -8.61
C THR F 176 65.97 -34.47 -7.43
N PHE F 177 66.67 -34.09 -6.36
CA PHE F 177 66.08 -33.87 -5.02
C PHE F 177 65.78 -32.39 -4.83
N PRO F 178 64.67 -32.06 -4.15
CA PRO F 178 64.36 -30.69 -3.78
C PRO F 178 65.53 -29.95 -3.11
N ALA F 179 65.64 -28.67 -3.43
CA ALA F 179 66.55 -27.69 -2.77
C ALA F 179 66.19 -27.65 -1.28
N VAL F 180 67.18 -27.73 -0.42
CA VAL F 180 67.00 -27.50 1.04
C VAL F 180 67.95 -26.37 1.38
N LEU F 181 67.55 -25.46 2.26
CA LEU F 181 68.41 -24.37 2.76
C LEU F 181 69.62 -24.97 3.49
N GLN F 182 70.82 -24.59 3.07
CA GLN F 182 72.05 -24.68 3.89
C GLN F 182 72.34 -23.25 4.37
N SER F 183 72.13 -22.98 5.65
CA SER F 183 72.07 -21.58 6.17
C SER F 183 71.01 -20.81 5.37
N ASP F 184 71.38 -19.69 4.74
CA ASP F 184 70.44 -18.80 3.97
C ASP F 184 70.61 -19.04 2.47
N LEU F 185 71.62 -19.81 2.05
CA LEU F 185 71.78 -20.33 0.66
C LEU F 185 71.09 -21.69 0.55
N TYR F 186 71.09 -22.29 -0.64
CA TYR F 186 70.36 -23.53 -0.99
C TYR F 186 71.33 -24.60 -1.46
N THR F 187 71.02 -25.88 -1.25
CA THR F 187 71.77 -27.04 -1.80
C THR F 187 70.79 -28.02 -2.42
N LEU F 188 71.27 -28.76 -3.40
CA LEU F 188 70.45 -29.68 -4.20
C LEU F 188 71.39 -30.80 -4.63
N SER F 189 70.86 -31.95 -4.96
CA SER F 189 71.64 -33.13 -5.38
C SER F 189 70.84 -33.87 -6.46
N SER F 190 71.55 -34.56 -7.34
CA SER F 190 70.94 -35.46 -8.34
C SER F 190 71.81 -36.70 -8.51
N SER F 191 71.16 -37.84 -8.67
CA SER F 191 71.79 -39.14 -8.97
C SER F 191 71.34 -39.57 -10.36
N VAL F 192 72.15 -40.36 -11.03
CA VAL F 192 71.73 -41.06 -12.28
C VAL F 192 72.40 -42.44 -12.32
N THR F 193 71.60 -43.49 -12.58
CA THR F 193 72.03 -44.90 -12.71
C THR F 193 72.02 -45.32 -14.19
N VAL F 194 73.06 -46.03 -14.62
CA VAL F 194 73.18 -46.62 -15.99
C VAL F 194 73.92 -47.95 -15.92
N THR F 195 73.55 -48.87 -16.81
CA THR F 195 74.20 -50.20 -16.98
C THR F 195 75.72 -49.96 -16.97
N SER F 196 76.48 -50.86 -16.35
CA SER F 196 77.88 -50.62 -15.95
C SER F 196 78.78 -50.56 -17.19
N SER F 197 78.37 -51.05 -18.37
CA SER F 197 79.18 -50.97 -19.62
C SER F 197 78.97 -49.61 -20.30
N THR F 198 77.97 -48.84 -19.90
CA THR F 198 77.73 -47.44 -20.36
C THR F 198 78.84 -46.50 -19.85
N TRP F 199 79.55 -46.84 -18.77
CA TRP F 199 80.46 -45.90 -18.07
C TRP F 199 81.61 -46.66 -17.40
N PRO F 200 82.88 -46.18 -17.48
CA PRO F 200 83.24 -44.84 -17.99
C PRO F 200 83.37 -44.72 -19.52
N SER F 201 83.00 -45.79 -20.23
CA SER F 201 83.03 -45.95 -21.72
C SER F 201 82.52 -44.68 -22.42
N GLN F 202 81.28 -44.29 -22.13
CA GLN F 202 80.54 -43.17 -22.79
C GLN F 202 80.49 -42.03 -21.77
N SER F 203 81.01 -40.85 -22.12
CA SER F 203 81.12 -39.67 -21.22
C SER F 203 79.71 -39.33 -20.71
N ILE F 204 79.64 -38.68 -19.55
CA ILE F 204 78.38 -38.27 -18.86
C ILE F 204 78.66 -36.95 -18.12
N THR F 205 77.80 -35.95 -18.33
CA THR F 205 78.01 -34.58 -17.82
C THR F 205 76.80 -34.12 -17.02
N CYS F 206 77.07 -33.36 -15.97
CA CYS F 206 76.07 -32.68 -15.11
C CYS F 206 75.93 -31.20 -15.53
N ASN F 207 74.76 -30.80 -16.03
CA ASN F 207 74.51 -29.44 -16.56
C ASN F 207 73.59 -28.68 -15.60
N VAL F 208 74.12 -27.63 -14.94
CA VAL F 208 73.37 -26.78 -13.96
C VAL F 208 73.27 -25.35 -14.47
N ALA F 209 72.05 -24.85 -14.61
CA ALA F 209 71.75 -23.48 -15.06
C ALA F 209 71.16 -22.71 -13.88
N HIS F 210 71.80 -21.61 -13.46
CA HIS F 210 71.29 -20.67 -12.43
C HIS F 210 70.99 -19.32 -13.10
N PRO F 211 69.76 -19.13 -13.61
CA PRO F 211 69.39 -17.91 -14.31
C PRO F 211 69.59 -16.61 -13.51
N ALA F 212 69.58 -16.67 -12.18
CA ALA F 212 69.72 -15.46 -11.33
C ALA F 212 71.14 -14.90 -11.39
N SER F 213 72.13 -15.75 -11.66
CA SER F 213 73.57 -15.35 -11.72
C SER F 213 74.15 -15.64 -13.11
N SER F 214 73.26 -15.84 -14.11
CA SER F 214 73.66 -16.02 -15.52
C SER F 214 74.76 -17.07 -15.64
N THR F 215 74.78 -18.10 -14.79
CA THR F 215 75.80 -19.18 -14.88
C THR F 215 75.19 -20.39 -15.58
N LYS F 216 76.03 -21.13 -16.29
CA LYS F 216 75.72 -22.43 -16.93
C LYS F 216 77.04 -23.19 -16.92
N VAL F 217 77.03 -24.35 -16.29
CA VAL F 217 78.27 -25.08 -15.89
C VAL F 217 78.06 -26.56 -16.17
N ASP F 218 79.01 -27.16 -16.89
CA ASP F 218 78.97 -28.58 -17.32
C ASP F 218 80.22 -29.28 -16.75
N LYS F 219 80.04 -30.17 -15.78
CA LYS F 219 81.13 -30.94 -15.12
C LYS F 219 81.00 -32.42 -15.48
N LYS F 220 82.02 -32.95 -16.14
CA LYS F 220 82.11 -34.35 -16.62
C LYS F 220 82.47 -35.23 -15.43
N ILE F 221 81.67 -36.26 -15.13
CA ILE F 221 81.99 -37.27 -14.09
C ILE F 221 83.14 -38.13 -14.63
N GLU F 222 84.34 -38.02 -14.03
CA GLU F 222 85.52 -38.87 -14.37
C GLU F 222 85.75 -39.88 -13.24
N PRO F 223 86.22 -41.13 -13.55
CA PRO F 223 86.56 -42.08 -12.49
C PRO F 223 87.66 -41.47 -11.62
N ARG F 224 87.44 -41.41 -10.31
CA ARG F 224 88.42 -40.99 -9.25
C ARG F 224 89.86 -41.26 -9.74
#